data_2GE7
# 
_entry.id   2GE7 
# 
_audit.revision_id       1 
_audit.creation_date     2006-03-18 
_audit.creation_method   
;Created by mtz2various (CCP4) from
/xtal2/pdbsubmit/cterm.data.mtz
;
_audit.update_record     ? 
# 
_audit_conform.dict_name       mmcif_pdbx.dic 
_audit_conform.dict_version    5.387 
_audit_conform.dict_location   http://mmcif.pdb.org/dictionaries/ascii/mmcif_pdbx.dic 
# 
loop_
_database_2.database_id 
_database_2.database_code 
_database_2.pdbx_database_accession 
_database_2.pdbx_DOI 
PDB   2GE7         pdb_00002ge7 10.2210/pdb2ge7/pdb 
RCSB  RCSB037008   ?            ?                   
WWPDB D_1000037008 ?            ?                   
# 
loop_
_pdbx_audit_revision_history.ordinal 
_pdbx_audit_revision_history.data_content_type 
_pdbx_audit_revision_history.major_revision 
_pdbx_audit_revision_history.minor_revision 
_pdbx_audit_revision_history.revision_date 
1 'Structure model' 1 0 2006-06-27 
2 'Structure model' 1 1 2008-05-01 
3 'Structure model' 1 2 2011-07-13 
4 'Structure model' 1 3 2017-10-18 
5 'Structure model' 1 4 2024-02-14 
# 
_pdbx_audit_revision_details.ordinal             1 
_pdbx_audit_revision_details.revision_ordinal    1 
_pdbx_audit_revision_details.data_content_type   'Structure model' 
_pdbx_audit_revision_details.provider            repository 
_pdbx_audit_revision_details.type                'Initial release' 
_pdbx_audit_revision_details.description         ? 
_pdbx_audit_revision_details.details             ? 
# 
loop_
_pdbx_audit_revision_group.ordinal 
_pdbx_audit_revision_group.revision_ordinal 
_pdbx_audit_revision_group.data_content_type 
_pdbx_audit_revision_group.group 
1 2 'Structure model' 'Version format compliance' 
2 3 'Structure model' 'Version format compliance' 
3 4 'Structure model' 'Refinement description'    
4 5 'Structure model' 'Data collection'           
5 5 'Structure model' 'Database references'       
# 
loop_
_pdbx_audit_revision_category.ordinal 
_pdbx_audit_revision_category.revision_ordinal 
_pdbx_audit_revision_category.data_content_type 
_pdbx_audit_revision_category.category 
1 4 'Structure model' software       
2 5 'Structure model' chem_comp_atom 
3 5 'Structure model' chem_comp_bond 
4 5 'Structure model' database_2     
# 
loop_
_pdbx_audit_revision_item.ordinal 
_pdbx_audit_revision_item.revision_ordinal 
_pdbx_audit_revision_item.data_content_type 
_pdbx_audit_revision_item.item 
1 4 'Structure model' '_software.name'                      
2 5 'Structure model' '_database_2.pdbx_DOI'                
3 5 'Structure model' '_database_2.pdbx_database_accession' 
# 
_pdbx_database_status.entry_id                        2GE7 
_pdbx_database_status.deposit_site                    RCSB 
_pdbx_database_status.process_site                    RCSB 
_pdbx_database_status.recvd_initial_deposition_date   2006-03-18 
_pdbx_database_status.status_code                     REL 
_pdbx_database_status.status_code_sf                  REL 
_pdbx_database_status.status_code_mr                  ? 
_pdbx_database_status.SG_entry                        ? 
_pdbx_database_status.pdb_format_compatible           Y 
_pdbx_database_status.status_code_cs                  ? 
_pdbx_database_status.methods_development_category    ? 
_pdbx_database_status.status_code_nmr_data            ? 
# 
loop_
_audit_author.name 
_audit_author.pdbx_ordinal 
'Jayaram, H.'     1 
'Fan, H.'         2 
'Bowman, B.R.'    3 
'Ooi, A.'         4 
'Jayaram, J.'     5 
'Collisson, E.W.' 6 
'Lescar, J.'      7 
'Prasad, B.V.'    8 
# 
_citation.id                        primary 
_citation.title                     
'X-ray structures of the N- and C-terminal domains of a coronavirus nucleocapsid protein: implications for nucleocapsid formation.' 
_citation.journal_abbrev            J.Virol. 
_citation.journal_volume            80 
_citation.page_first                6612 
_citation.page_last                 6620 
_citation.year                      2006 
_citation.journal_id_ASTM           JOVIAM 
_citation.country                   US 
_citation.journal_id_ISSN           0022-538X 
_citation.journal_id_CSD            0825 
_citation.book_publisher            ? 
_citation.pdbx_database_id_PubMed   16775348 
_citation.pdbx_database_id_DOI      10.1128/JVI.00157-06 
# 
loop_
_citation_author.citation_id 
_citation_author.name 
_citation_author.ordinal 
_citation_author.identifier_ORCID 
primary 'Jayaram, H.'     1 ? 
primary 'Fan, H.'         2 ? 
primary 'Bowman, B.R.'    3 ? 
primary 'Ooi, A.'         4 ? 
primary 'Jayaram, J.'     5 ? 
primary 'Collisson, E.W.' 6 ? 
primary 'Lescar, J.'      7 ? 
primary 'Prasad, B.V.'    8 ? 
# 
loop_
_entity.id 
_entity.type 
_entity.src_method 
_entity.pdbx_description 
_entity.formula_weight 
_entity.pdbx_number_of_molecules 
_entity.pdbx_ec 
_entity.pdbx_mutation 
_entity.pdbx_fragment 
_entity.details 
1 polymer man 'Nucleocapsid protein' 12107.784 2  ? ? 'C-terminal domain' ? 
2 water   nat water                  18.015    92 ? ? ?                   ? 
# 
_entity_name_com.entity_id   1 
_entity_name_com.name        'N structural protein, NC' 
# 
_entity_poly.entity_id                      1 
_entity_poly.type                           'polypeptide(L)' 
_entity_poly.nstd_linkage                   no 
_entity_poly.nstd_monomer                   no 
_entity_poly.pdbx_seq_one_letter_code       
;RYCKRTIPPGYKVDQVFGPRTKGKEGNFGDDKMNEEGIKDGRVTAMLNLVPSSHACLFGSRVTPKLQPDGLHLKFEFTTV
VPRDDPQFDNYVKICDQCVDGVGTRPKD
;
_entity_poly.pdbx_seq_one_letter_code_can   
;RYCKRTIPPGYKVDQVFGPRTKGKEGNFGDDKMNEEGIKDGRVTAMLNLVPSSHACLFGSRVTPKLQPDGLHLKFEFTTV
VPRDDPQFDNYVKICDQCVDGVGTRPKD
;
_entity_poly.pdbx_strand_id                 A,B 
_entity_poly.pdbx_target_identifier         ? 
# 
_pdbx_entity_nonpoly.entity_id   2 
_pdbx_entity_nonpoly.name        water 
_pdbx_entity_nonpoly.comp_id     HOH 
# 
loop_
_entity_poly_seq.entity_id 
_entity_poly_seq.num 
_entity_poly_seq.mon_id 
_entity_poly_seq.hetero 
1 1   ARG n 
1 2   TYR n 
1 3   CYS n 
1 4   LYS n 
1 5   ARG n 
1 6   THR n 
1 7   ILE n 
1 8   PRO n 
1 9   PRO n 
1 10  GLY n 
1 11  TYR n 
1 12  LYS n 
1 13  VAL n 
1 14  ASP n 
1 15  GLN n 
1 16  VAL n 
1 17  PHE n 
1 18  GLY n 
1 19  PRO n 
1 20  ARG n 
1 21  THR n 
1 22  LYS n 
1 23  GLY n 
1 24  LYS n 
1 25  GLU n 
1 26  GLY n 
1 27  ASN n 
1 28  PHE n 
1 29  GLY n 
1 30  ASP n 
1 31  ASP n 
1 32  LYS n 
1 33  MET n 
1 34  ASN n 
1 35  GLU n 
1 36  GLU n 
1 37  GLY n 
1 38  ILE n 
1 39  LYS n 
1 40  ASP n 
1 41  GLY n 
1 42  ARG n 
1 43  VAL n 
1 44  THR n 
1 45  ALA n 
1 46  MET n 
1 47  LEU n 
1 48  ASN n 
1 49  LEU n 
1 50  VAL n 
1 51  PRO n 
1 52  SER n 
1 53  SER n 
1 54  HIS n 
1 55  ALA n 
1 56  CYS n 
1 57  LEU n 
1 58  PHE n 
1 59  GLY n 
1 60  SER n 
1 61  ARG n 
1 62  VAL n 
1 63  THR n 
1 64  PRO n 
1 65  LYS n 
1 66  LEU n 
1 67  GLN n 
1 68  PRO n 
1 69  ASP n 
1 70  GLY n 
1 71  LEU n 
1 72  HIS n 
1 73  LEU n 
1 74  LYS n 
1 75  PHE n 
1 76  GLU n 
1 77  PHE n 
1 78  THR n 
1 79  THR n 
1 80  VAL n 
1 81  VAL n 
1 82  PRO n 
1 83  ARG n 
1 84  ASP n 
1 85  ASP n 
1 86  PRO n 
1 87  GLN n 
1 88  PHE n 
1 89  ASP n 
1 90  ASN n 
1 91  TYR n 
1 92  VAL n 
1 93  LYS n 
1 94  ILE n 
1 95  CYS n 
1 96  ASP n 
1 97  GLN n 
1 98  CYS n 
1 99  VAL n 
1 100 ASP n 
1 101 GLY n 
1 102 VAL n 
1 103 GLY n 
1 104 THR n 
1 105 ARG n 
1 106 PRO n 
1 107 LYS n 
1 108 ASP n 
# 
_entity_src_gen.entity_id                          1 
_entity_src_gen.pdbx_src_id                        1 
_entity_src_gen.pdbx_alt_source_flag               sample 
_entity_src_gen.pdbx_seq_type                      ? 
_entity_src_gen.pdbx_beg_seq_num                   ? 
_entity_src_gen.pdbx_end_seq_num                   ? 
_entity_src_gen.gene_src_common_name               ? 
_entity_src_gen.gene_src_genus                     Coronavirus 
_entity_src_gen.pdbx_gene_src_gene                 N 
_entity_src_gen.gene_src_species                   ? 
_entity_src_gen.gene_src_strain                    Gray 
_entity_src_gen.gene_src_tissue                    ? 
_entity_src_gen.gene_src_tissue_fraction           ? 
_entity_src_gen.gene_src_details                   ? 
_entity_src_gen.pdbx_gene_src_fragment             ? 
_entity_src_gen.pdbx_gene_src_scientific_name      'Infectious bronchitis virus' 
_entity_src_gen.pdbx_gene_src_ncbi_taxonomy_id     11120 
_entity_src_gen.pdbx_gene_src_variant              ? 
_entity_src_gen.pdbx_gene_src_cell_line            ? 
_entity_src_gen.pdbx_gene_src_atcc                 ? 
_entity_src_gen.pdbx_gene_src_organ                ? 
_entity_src_gen.pdbx_gene_src_organelle            ? 
_entity_src_gen.pdbx_gene_src_cell                 ? 
_entity_src_gen.pdbx_gene_src_cellular_location    ? 
_entity_src_gen.host_org_common_name               ? 
_entity_src_gen.pdbx_host_org_scientific_name      'Escherichia coli BL21(DE3)' 
_entity_src_gen.pdbx_host_org_ncbi_taxonomy_id     469008 
_entity_src_gen.host_org_genus                     Escherichia 
_entity_src_gen.pdbx_host_org_gene                 ? 
_entity_src_gen.pdbx_host_org_organ                ? 
_entity_src_gen.host_org_species                   'Escherichia coli' 
_entity_src_gen.pdbx_host_org_tissue               ? 
_entity_src_gen.pdbx_host_org_tissue_fraction      ? 
_entity_src_gen.pdbx_host_org_strain               'Bl21(DE3)' 
_entity_src_gen.pdbx_host_org_variant              ? 
_entity_src_gen.pdbx_host_org_cell_line            ? 
_entity_src_gen.pdbx_host_org_atcc                 ? 
_entity_src_gen.pdbx_host_org_culture_collection   ? 
_entity_src_gen.pdbx_host_org_cell                 ? 
_entity_src_gen.pdbx_host_org_organelle            ? 
_entity_src_gen.pdbx_host_org_cellular_location    ? 
_entity_src_gen.pdbx_host_org_vector_type          PLASMID 
_entity_src_gen.pdbx_host_org_vector               ? 
_entity_src_gen.host_org_details                   ? 
_entity_src_gen.expression_system_id               ? 
_entity_src_gen.plasmid_name                       'pET 41 Ek-LIC' 
_entity_src_gen.plasmid_details                    ? 
_entity_src_gen.pdbx_description                   ? 
# 
loop_
_chem_comp.id 
_chem_comp.type 
_chem_comp.mon_nstd_flag 
_chem_comp.name 
_chem_comp.pdbx_synonyms 
_chem_comp.formula 
_chem_comp.formula_weight 
ALA 'L-peptide linking' y ALANINE         ? 'C3 H7 N O2'     89.093  
ARG 'L-peptide linking' y ARGININE        ? 'C6 H15 N4 O2 1' 175.209 
ASN 'L-peptide linking' y ASPARAGINE      ? 'C4 H8 N2 O3'    132.118 
ASP 'L-peptide linking' y 'ASPARTIC ACID' ? 'C4 H7 N O4'     133.103 
CYS 'L-peptide linking' y CYSTEINE        ? 'C3 H7 N O2 S'   121.158 
GLN 'L-peptide linking' y GLUTAMINE       ? 'C5 H10 N2 O3'   146.144 
GLU 'L-peptide linking' y 'GLUTAMIC ACID' ? 'C5 H9 N O4'     147.129 
GLY 'peptide linking'   y GLYCINE         ? 'C2 H5 N O2'     75.067  
HIS 'L-peptide linking' y HISTIDINE       ? 'C6 H10 N3 O2 1' 156.162 
HOH non-polymer         . WATER           ? 'H2 O'           18.015  
ILE 'L-peptide linking' y ISOLEUCINE      ? 'C6 H13 N O2'    131.173 
LEU 'L-peptide linking' y LEUCINE         ? 'C6 H13 N O2'    131.173 
LYS 'L-peptide linking' y LYSINE          ? 'C6 H15 N2 O2 1' 147.195 
MET 'L-peptide linking' y METHIONINE      ? 'C5 H11 N O2 S'  149.211 
PHE 'L-peptide linking' y PHENYLALANINE   ? 'C9 H11 N O2'    165.189 
PRO 'L-peptide linking' y PROLINE         ? 'C5 H9 N O2'     115.130 
SER 'L-peptide linking' y SERINE          ? 'C3 H7 N O3'     105.093 
THR 'L-peptide linking' y THREONINE       ? 'C4 H9 N O3'     119.119 
TYR 'L-peptide linking' y TYROSINE        ? 'C9 H11 N O3'    181.189 
VAL 'L-peptide linking' y VALINE          ? 'C5 H11 N O2'    117.146 
# 
loop_
_pdbx_poly_seq_scheme.asym_id 
_pdbx_poly_seq_scheme.entity_id 
_pdbx_poly_seq_scheme.seq_id 
_pdbx_poly_seq_scheme.mon_id 
_pdbx_poly_seq_scheme.ndb_seq_num 
_pdbx_poly_seq_scheme.pdb_seq_num 
_pdbx_poly_seq_scheme.auth_seq_num 
_pdbx_poly_seq_scheme.pdb_mon_id 
_pdbx_poly_seq_scheme.auth_mon_id 
_pdbx_poly_seq_scheme.pdb_strand_id 
_pdbx_poly_seq_scheme.pdb_ins_code 
_pdbx_poly_seq_scheme.hetero 
A 1 1   ARG 1   8   8   ARG ARG A . n 
A 1 2   TYR 2   9   9   TYR TYR A . n 
A 1 3   CYS 3   10  10  CYS CYS A . n 
A 1 4   LYS 4   11  11  LYS LYS A . n 
A 1 5   ARG 5   12  12  ARG ARG A . n 
A 1 6   THR 6   13  13  THR THR A . n 
A 1 7   ILE 7   14  14  ILE ILE A . n 
A 1 8   PRO 8   15  15  PRO PRO A . n 
A 1 9   PRO 9   16  16  PRO PRO A . n 
A 1 10  GLY 10  17  17  GLY GLY A . n 
A 1 11  TYR 11  18  18  TYR TYR A . n 
A 1 12  LYS 12  19  19  LYS LYS A . n 
A 1 13  VAL 13  20  20  VAL VAL A . n 
A 1 14  ASP 14  21  21  ASP ASP A . n 
A 1 15  GLN 15  22  22  GLN GLN A . n 
A 1 16  VAL 16  23  23  VAL VAL A . n 
A 1 17  PHE 17  24  24  PHE PHE A . n 
A 1 18  GLY 18  25  25  GLY GLY A . n 
A 1 19  PRO 19  26  26  PRO PRO A . n 
A 1 20  ARG 20  27  27  ARG ARG A . n 
A 1 21  THR 21  28  28  THR THR A . n 
A 1 22  LYS 22  29  29  LYS LYS A . n 
A 1 23  GLY 23  30  30  GLY GLY A . n 
A 1 24  LYS 24  31  31  LYS LYS A . n 
A 1 25  GLU 25  32  32  GLU GLU A . n 
A 1 26  GLY 26  33  33  GLY GLY A . n 
A 1 27  ASN 27  34  34  ASN ASN A . n 
A 1 28  PHE 28  35  35  PHE PHE A . n 
A 1 29  GLY 29  36  36  GLY GLY A . n 
A 1 30  ASP 30  37  37  ASP ASP A . n 
A 1 31  ASP 31  38  38  ASP ASP A . n 
A 1 32  LYS 32  39  39  LYS LYS A . n 
A 1 33  MET 33  40  40  MET MET A . n 
A 1 34  ASN 34  41  41  ASN ASN A . n 
A 1 35  GLU 35  42  42  GLU GLU A . n 
A 1 36  GLU 36  43  43  GLU GLU A . n 
A 1 37  GLY 37  44  44  GLY GLY A . n 
A 1 38  ILE 38  45  45  ILE ILE A . n 
A 1 39  LYS 39  46  46  LYS LYS A . n 
A 1 40  ASP 40  47  47  ASP ASP A . n 
A 1 41  GLY 41  48  48  GLY GLY A . n 
A 1 42  ARG 42  49  49  ARG ARG A . n 
A 1 43  VAL 43  50  50  VAL VAL A . n 
A 1 44  THR 44  51  51  THR THR A . n 
A 1 45  ALA 45  52  52  ALA ALA A . n 
A 1 46  MET 46  53  53  MET MET A . n 
A 1 47  LEU 47  54  54  LEU LEU A . n 
A 1 48  ASN 48  55  55  ASN ASN A . n 
A 1 49  LEU 49  56  56  LEU LEU A . n 
A 1 50  VAL 50  57  57  VAL VAL A . n 
A 1 51  PRO 51  58  58  PRO PRO A . n 
A 1 52  SER 52  59  59  SER SER A . n 
A 1 53  SER 53  60  60  SER SER A . n 
A 1 54  HIS 54  61  61  HIS HIS A . n 
A 1 55  ALA 55  62  62  ALA ALA A . n 
A 1 56  CYS 56  63  63  CYS CYS A . n 
A 1 57  LEU 57  64  64  LEU LEU A . n 
A 1 58  PHE 58  65  65  PHE PHE A . n 
A 1 59  GLY 59  66  66  GLY GLY A . n 
A 1 60  SER 60  67  67  SER SER A . n 
A 1 61  ARG 61  68  68  ARG ARG A . n 
A 1 62  VAL 62  69  69  VAL VAL A . n 
A 1 63  THR 63  70  70  THR THR A . n 
A 1 64  PRO 64  71  71  PRO PRO A . n 
A 1 65  LYS 65  72  72  LYS LYS A . n 
A 1 66  LEU 66  73  73  LEU LEU A . n 
A 1 67  GLN 67  74  74  GLN GLN A . n 
A 1 68  PRO 68  75  75  PRO PRO A . n 
A 1 69  ASP 69  76  76  ASP ASP A . n 
A 1 70  GLY 70  77  77  GLY GLY A . n 
A 1 71  LEU 71  78  78  LEU LEU A . n 
A 1 72  HIS 72  79  79  HIS HIS A . n 
A 1 73  LEU 73  80  80  LEU LEU A . n 
A 1 74  LYS 74  81  81  LYS LYS A . n 
A 1 75  PHE 75  82  82  PHE PHE A . n 
A 1 76  GLU 76  83  83  GLU GLU A . n 
A 1 77  PHE 77  84  84  PHE PHE A . n 
A 1 78  THR 78  85  85  THR THR A . n 
A 1 79  THR 79  86  86  THR THR A . n 
A 1 80  VAL 80  87  87  VAL VAL A . n 
A 1 81  VAL 81  88  88  VAL VAL A . n 
A 1 82  PRO 82  89  89  PRO PRO A . n 
A 1 83  ARG 83  90  90  ARG ARG A . n 
A 1 84  ASP 84  91  91  ASP ASP A . n 
A 1 85  ASP 85  92  92  ASP ASP A . n 
A 1 86  PRO 86  93  93  PRO PRO A . n 
A 1 87  GLN 87  94  94  GLN GLN A . n 
A 1 88  PHE 88  95  95  PHE PHE A . n 
A 1 89  ASP 89  96  96  ASP ASP A . n 
A 1 90  ASN 90  97  97  ASN ASN A . n 
A 1 91  TYR 91  98  98  TYR TYR A . n 
A 1 92  VAL 92  99  99  VAL VAL A . n 
A 1 93  LYS 93  100 100 LYS LYS A . n 
A 1 94  ILE 94  101 101 ILE ILE A . n 
A 1 95  CYS 95  102 102 CYS CYS A . n 
A 1 96  ASP 96  103 103 ASP ASP A . n 
A 1 97  GLN 97  104 104 GLN GLN A . n 
A 1 98  CYS 98  105 105 CYS CYS A . n 
A 1 99  VAL 99  106 106 VAL VAL A . n 
A 1 100 ASP 100 107 107 ASP ASP A . n 
A 1 101 GLY 101 108 108 GLY GLY A . n 
A 1 102 VAL 102 109 109 VAL VAL A . n 
A 1 103 GLY 103 110 110 GLY GLY A . n 
A 1 104 THR 104 111 111 THR THR A . n 
A 1 105 ARG 105 112 112 ARG ARG A . n 
A 1 106 PRO 106 113 113 PRO PRO A . n 
A 1 107 LYS 107 114 114 LYS LYS A . n 
A 1 108 ASP 108 115 ?   ?   ?   A . n 
B 1 1   ARG 1   8   8   ARG ARG B . n 
B 1 2   TYR 2   9   9   TYR TYR B . n 
B 1 3   CYS 3   10  10  CYS CYS B . n 
B 1 4   LYS 4   11  11  LYS LYS B . n 
B 1 5   ARG 5   12  12  ARG ARG B . n 
B 1 6   THR 6   13  13  THR THR B . n 
B 1 7   ILE 7   14  14  ILE ILE B . n 
B 1 8   PRO 8   15  15  PRO PRO B . n 
B 1 9   PRO 9   16  16  PRO PRO B . n 
B 1 10  GLY 10  17  17  GLY GLY B . n 
B 1 11  TYR 11  18  18  TYR TYR B . n 
B 1 12  LYS 12  19  19  LYS LYS B . n 
B 1 13  VAL 13  20  20  VAL VAL B . n 
B 1 14  ASP 14  21  21  ASP ASP B . n 
B 1 15  GLN 15  22  22  GLN GLN B . n 
B 1 16  VAL 16  23  23  VAL VAL B . n 
B 1 17  PHE 17  24  24  PHE PHE B . n 
B 1 18  GLY 18  25  25  GLY GLY B . n 
B 1 19  PRO 19  26  26  PRO PRO B . n 
B 1 20  ARG 20  27  27  ARG ARG B . n 
B 1 21  THR 21  28  28  THR THR B . n 
B 1 22  LYS 22  29  29  LYS LYS B . n 
B 1 23  GLY 23  30  30  GLY GLY B . n 
B 1 24  LYS 24  31  31  LYS LYS B . n 
B 1 25  GLU 25  32  32  GLU GLU B . n 
B 1 26  GLY 26  33  33  GLY GLY B . n 
B 1 27  ASN 27  34  34  ASN ASN B . n 
B 1 28  PHE 28  35  35  PHE PHE B . n 
B 1 29  GLY 29  36  36  GLY GLY B . n 
B 1 30  ASP 30  37  37  ASP ASP B . n 
B 1 31  ASP 31  38  38  ASP ASP B . n 
B 1 32  LYS 32  39  39  LYS LYS B . n 
B 1 33  MET 33  40  40  MET MET B . n 
B 1 34  ASN 34  41  41  ASN ASN B . n 
B 1 35  GLU 35  42  42  GLU GLU B . n 
B 1 36  GLU 36  43  43  GLU GLU B . n 
B 1 37  GLY 37  44  44  GLY GLY B . n 
B 1 38  ILE 38  45  45  ILE ILE B . n 
B 1 39  LYS 39  46  46  LYS LYS B . n 
B 1 40  ASP 40  47  47  ASP ASP B . n 
B 1 41  GLY 41  48  48  GLY GLY B . n 
B 1 42  ARG 42  49  49  ARG ARG B . n 
B 1 43  VAL 43  50  50  VAL VAL B . n 
B 1 44  THR 44  51  51  THR THR B . n 
B 1 45  ALA 45  52  52  ALA ALA B . n 
B 1 46  MET 46  53  53  MET MET B . n 
B 1 47  LEU 47  54  54  LEU LEU B . n 
B 1 48  ASN 48  55  55  ASN ASN B . n 
B 1 49  LEU 49  56  56  LEU LEU B . n 
B 1 50  VAL 50  57  57  VAL VAL B . n 
B 1 51  PRO 51  58  58  PRO PRO B . n 
B 1 52  SER 52  59  59  SER SER B . n 
B 1 53  SER 53  60  60  SER SER B . n 
B 1 54  HIS 54  61  61  HIS HIS B . n 
B 1 55  ALA 55  62  62  ALA ALA B . n 
B 1 56  CYS 56  63  63  CYS CYS B . n 
B 1 57  LEU 57  64  64  LEU LEU B . n 
B 1 58  PHE 58  65  65  PHE PHE B . n 
B 1 59  GLY 59  66  66  GLY GLY B . n 
B 1 60  SER 60  67  67  SER SER B . n 
B 1 61  ARG 61  68  68  ARG ARG B . n 
B 1 62  VAL 62  69  69  VAL VAL B . n 
B 1 63  THR 63  70  70  THR THR B . n 
B 1 64  PRO 64  71  71  PRO PRO B . n 
B 1 65  LYS 65  72  72  LYS LYS B . n 
B 1 66  LEU 66  73  73  LEU LEU B . n 
B 1 67  GLN 67  74  74  GLN GLN B . n 
B 1 68  PRO 68  75  75  PRO PRO B . n 
B 1 69  ASP 69  76  76  ASP ASP B . n 
B 1 70  GLY 70  77  77  GLY GLY B . n 
B 1 71  LEU 71  78  78  LEU LEU B . n 
B 1 72  HIS 72  79  79  HIS HIS B . n 
B 1 73  LEU 73  80  80  LEU LEU B . n 
B 1 74  LYS 74  81  81  LYS LYS B . n 
B 1 75  PHE 75  82  82  PHE PHE B . n 
B 1 76  GLU 76  83  83  GLU GLU B . n 
B 1 77  PHE 77  84  84  PHE PHE B . n 
B 1 78  THR 78  85  85  THR THR B . n 
B 1 79  THR 79  86  86  THR THR B . n 
B 1 80  VAL 80  87  87  VAL VAL B . n 
B 1 81  VAL 81  88  88  VAL VAL B . n 
B 1 82  PRO 82  89  89  PRO PRO B . n 
B 1 83  ARG 83  90  90  ARG ARG B . n 
B 1 84  ASP 84  91  91  ASP ASP B . n 
B 1 85  ASP 85  92  92  ASP ASP B . n 
B 1 86  PRO 86  93  93  PRO PRO B . n 
B 1 87  GLN 87  94  94  GLN GLN B . n 
B 1 88  PHE 88  95  95  PHE PHE B . n 
B 1 89  ASP 89  96  96  ASP ASP B . n 
B 1 90  ASN 90  97  97  ASN ASN B . n 
B 1 91  TYR 91  98  98  TYR TYR B . n 
B 1 92  VAL 92  99  99  VAL VAL B . n 
B 1 93  LYS 93  100 100 LYS LYS B . n 
B 1 94  ILE 94  101 101 ILE ILE B . n 
B 1 95  CYS 95  102 102 CYS CYS B . n 
B 1 96  ASP 96  103 103 ASP ASP B . n 
B 1 97  GLN 97  104 104 GLN GLN B . n 
B 1 98  CYS 98  105 105 CYS CYS B . n 
B 1 99  VAL 99  106 106 VAL VAL B . n 
B 1 100 ASP 100 107 107 ASP ASP B . n 
B 1 101 GLY 101 108 108 GLY GLY B . n 
B 1 102 VAL 102 109 109 VAL VAL B . n 
B 1 103 GLY 103 110 110 GLY GLY B . n 
B 1 104 THR 104 111 111 THR THR B . n 
B 1 105 ARG 105 112 112 ARG ARG B . n 
B 1 106 PRO 106 113 113 PRO PRO B . n 
B 1 107 LYS 107 114 114 LYS LYS B . n 
B 1 108 ASP 108 115 115 ASP ASP B . n 
# 
loop_
_pdbx_nonpoly_scheme.asym_id 
_pdbx_nonpoly_scheme.entity_id 
_pdbx_nonpoly_scheme.mon_id 
_pdbx_nonpoly_scheme.ndb_seq_num 
_pdbx_nonpoly_scheme.pdb_seq_num 
_pdbx_nonpoly_scheme.auth_seq_num 
_pdbx_nonpoly_scheme.pdb_mon_id 
_pdbx_nonpoly_scheme.auth_mon_id 
_pdbx_nonpoly_scheme.pdb_strand_id 
_pdbx_nonpoly_scheme.pdb_ins_code 
C 2 HOH 1  116 2   HOH HOH A . 
C 2 HOH 2  117 3   HOH HOH A . 
C 2 HOH 3  118 4   HOH HOH A . 
C 2 HOH 4  119 5   HOH HOH A . 
C 2 HOH 5  120 7   HOH HOH A . 
C 2 HOH 6  121 8   HOH HOH A . 
C 2 HOH 7  122 9   HOH HOH A . 
C 2 HOH 8  123 10  HOH HOH A . 
C 2 HOH 9  124 13  HOH HOH A . 
C 2 HOH 10 125 15  HOH HOH A . 
C 2 HOH 11 126 16  HOH HOH A . 
C 2 HOH 12 127 18  HOH HOH A . 
C 2 HOH 13 128 21  HOH HOH A . 
C 2 HOH 14 129 26  HOH HOH A . 
C 2 HOH 15 130 28  HOH HOH A . 
C 2 HOH 16 131 30  HOH HOH A . 
C 2 HOH 17 132 31  HOH HOH A . 
C 2 HOH 18 133 32  HOH HOH A . 
C 2 HOH 19 134 33  HOH HOH A . 
C 2 HOH 20 135 34  HOH HOH A . 
C 2 HOH 21 136 40  HOH HOH A . 
C 2 HOH 22 137 45  HOH HOH A . 
C 2 HOH 23 138 46  HOH HOH A . 
C 2 HOH 24 139 49  HOH HOH A . 
C 2 HOH 25 140 51  HOH HOH A . 
C 2 HOH 26 141 52  HOH HOH A . 
C 2 HOH 27 142 55  HOH HOH A . 
C 2 HOH 28 143 57  HOH HOH A . 
C 2 HOH 29 144 58  HOH HOH A . 
C 2 HOH 30 145 60  HOH HOH A . 
C 2 HOH 31 146 61  HOH HOH A . 
C 2 HOH 32 147 65  HOH HOH A . 
C 2 HOH 33 148 66  HOH HOH A . 
C 2 HOH 34 149 69  HOH HOH A . 
C 2 HOH 35 150 73  HOH HOH A . 
C 2 HOH 36 151 74  HOH HOH A . 
C 2 HOH 37 152 76  HOH HOH A . 
C 2 HOH 38 153 78  HOH HOH A . 
C 2 HOH 39 154 82  HOH HOH A . 
C 2 HOH 40 155 83  HOH HOH A . 
C 2 HOH 41 156 88  HOH HOH A . 
C 2 HOH 42 157 90  HOH HOH A . 
C 2 HOH 43 158 92  HOH HOH A . 
C 2 HOH 44 159 98  HOH HOH A . 
C 2 HOH 45 160 99  HOH HOH A . 
D 2 HOH 1  116 1   HOH HOH B . 
D 2 HOH 2  117 11  HOH HOH B . 
D 2 HOH 3  118 12  HOH HOH B . 
D 2 HOH 4  119 14  HOH HOH B . 
D 2 HOH 5  120 17  HOH HOH B . 
D 2 HOH 6  121 19  HOH HOH B . 
D 2 HOH 7  122 20  HOH HOH B . 
D 2 HOH 8  123 22  HOH HOH B . 
D 2 HOH 9  124 23  HOH HOH B . 
D 2 HOH 10 125 24  HOH HOH B . 
D 2 HOH 11 126 25  HOH HOH B . 
D 2 HOH 12 127 27  HOH HOH B . 
D 2 HOH 13 128 29  HOH HOH B . 
D 2 HOH 14 129 35  HOH HOH B . 
D 2 HOH 15 130 36  HOH HOH B . 
D 2 HOH 16 131 38  HOH HOH B . 
D 2 HOH 17 132 41  HOH HOH B . 
D 2 HOH 18 133 42  HOH HOH B . 
D 2 HOH 19 134 43  HOH HOH B . 
D 2 HOH 20 135 44  HOH HOH B . 
D 2 HOH 21 136 50  HOH HOH B . 
D 2 HOH 22 137 53  HOH HOH B . 
D 2 HOH 23 138 54  HOH HOH B . 
D 2 HOH 24 139 56  HOH HOH B . 
D 2 HOH 25 140 59  HOH HOH B . 
D 2 HOH 26 141 62  HOH HOH B . 
D 2 HOH 27 142 63  HOH HOH B . 
D 2 HOH 28 143 64  HOH HOH B . 
D 2 HOH 29 144 67  HOH HOH B . 
D 2 HOH 30 145 68  HOH HOH B . 
D 2 HOH 31 146 70  HOH HOH B . 
D 2 HOH 32 147 71  HOH HOH B . 
D 2 HOH 33 148 72  HOH HOH B . 
D 2 HOH 34 149 75  HOH HOH B . 
D 2 HOH 35 150 77  HOH HOH B . 
D 2 HOH 36 151 79  HOH HOH B . 
D 2 HOH 37 152 81  HOH HOH B . 
D 2 HOH 38 153 85  HOH HOH B . 
D 2 HOH 39 154 86  HOH HOH B . 
D 2 HOH 40 155 87  HOH HOH B . 
D 2 HOH 41 156 91  HOH HOH B . 
D 2 HOH 42 157 93  HOH HOH B . 
D 2 HOH 43 158 94  HOH HOH B . 
D 2 HOH 44 159 95  HOH HOH B . 
D 2 HOH 45 160 96  HOH HOH B . 
D 2 HOH 46 161 97  HOH HOH B . 
D 2 HOH 47 162 101 HOH HOH B . 
# 
loop_
_software.name 
_software.version 
_software.date 
_software.type 
_software.contact_author 
_software.contact_author_email 
_software.classification 
_software.location 
_software.language 
_software.citation_id 
_software.pdbx_ordinal 
SCALA       .         ?              program 'Phil Evans'      pre@mrc-lmb.cam.ac.uk    'data scaling'    
http://www.ccp4.ac.uk/dist/html/INDEX.html Fortran ? 1 
REFMAC      5.2.0005  ?              program 'Murshudov, G.N.' ccp4@dl.ac.uk            refinement        
http://www.ccp4.ac.uk/main.html            Fortran ? 2 
PDB_EXTRACT 1.701     'Nov. 1, 2005' package PDB               sw-help@rcsb.rutgers.edu 'data extraction' 
http://pdb.rutgers.edu/software/           C++     ? 3 
ADSC        .         ?              ?       ?                 ?                        'data collection' ? ?       ? 4 
CCP4        '(SCALA)' ?              ?       ?                 ?                        'data scaling'    ? ?       ? 5 
SnB         .         ?              ?       ?                 ?                        phasing           ? ?       ? 6 
SHARP       .         ?              ?       ?                 ?                        phasing           ? ?       ? 7 
# 
_cell.length_a           36.658 
_cell.length_b           65.707 
_cell.length_c           91.008 
_cell.angle_alpha        90.00 
_cell.angle_beta         90.00 
_cell.angle_gamma        90.00 
_cell.entry_id           2GE7 
_cell.pdbx_unique_axis   ? 
_cell.Z_PDB              8 
_cell.length_a_esd       ? 
_cell.length_b_esd       ? 
_cell.length_c_esd       ? 
_cell.angle_alpha_esd    ? 
_cell.angle_beta_esd     ? 
_cell.angle_gamma_esd    ? 
# 
_symmetry.space_group_name_H-M             'P 21 21 21' 
_symmetry.entry_id                         2GE7 
_symmetry.pdbx_full_space_group_name_H-M   ? 
_symmetry.Int_Tables_number                19 
_symmetry.cell_setting                     ? 
_symmetry.space_group_name_Hall            ? 
# 
_exptl.entry_id          2GE7 
_exptl.crystals_number   1 
_exptl.method            'X-RAY DIFFRACTION' 
# 
_exptl_crystal.id                    1 
_exptl_crystal.density_meas          ? 
_exptl_crystal.density_percent_sol   45.61 
_exptl_crystal.density_Matthews      2.26 
_exptl_crystal.description           ? 
_exptl_crystal.F_000                 ? 
_exptl_crystal.preparation           ? 
# 
_exptl_crystal_grow.crystal_id      1 
_exptl_crystal_grow.method          'VAPOR DIFFUSION, HANGING DROP' 
_exptl_crystal_grow.pH              4.8 
_exptl_crystal_grow.temp            298.0 
_exptl_crystal_grow.temp_details    ? 
_exptl_crystal_grow.pdbx_details    
'PEG 4000, 28.75% to 29.5 %, pH 4.8 Citrate, 0.1 M MgCl2, VAPOR DIFFUSION, HANGING DROP, temperature 298.0K' 
_exptl_crystal_grow.pdbx_pH_range   . 
# 
_diffrn.id                     1 
_diffrn.ambient_temp           178 
_diffrn.ambient_temp_details   ? 
_diffrn.crystal_id             1 
# 
_diffrn_detector.diffrn_id              1 
_diffrn_detector.detector               CCD 
_diffrn_detector.type                   SBC-2 
_diffrn_detector.pdbx_collection_date   2004-06-24 
_diffrn_detector.details                
;Rosenbaum-Rock monochromator #1 high-resolution double-crystal sagittal focusing, Rosenbaum-Rock monochromator #2 double crystal, Rosenbaum-Rock vertical focusing mirror
;
# 
_diffrn_radiation.diffrn_id                        1 
_diffrn_radiation.wavelength_id                    1 
_diffrn_radiation.pdbx_diffrn_protocol             MAD 
_diffrn_radiation.monochromator                    'Rosenbaum-Rock monochromator' 
_diffrn_radiation.pdbx_monochromatic_or_laue_m_l   M 
_diffrn_radiation.pdbx_scattering_type             x-ray 
# 
loop_
_diffrn_radiation_wavelength.id 
_diffrn_radiation_wavelength.wavelength 
_diffrn_radiation_wavelength.wt 
1 0.97937 1.0 
2 0.9795  1.0 
# 
_diffrn_source.diffrn_id                   1 
_diffrn_source.source                      SYNCHROTRON 
_diffrn_source.type                        'APS BEAMLINE 19-ID' 
_diffrn_source.pdbx_wavelength             ? 
_diffrn_source.pdbx_wavelength_list        '0.97937 , 0.9795' 
_diffrn_source.pdbx_synchrotron_site       APS 
_diffrn_source.pdbx_synchrotron_beamline   19-ID 
# 
_reflns.entry_id                     2GE7 
_reflns.d_resolution_high            1.984 
_reflns.d_resolution_low             53.452 
_reflns.limit_h_max                  18 
_reflns.limit_h_min                  0 
_reflns.limit_k_max                  33 
_reflns.limit_k_min                  0 
_reflns.limit_l_max                  45 
_reflns.limit_l_min                  0 
_reflns.number_all                   ? 
_reflns.number_obs                   15780 
_reflns.observed_criterion_sigma_F   2.0 
_reflns.observed_criterion_sigma_I   2.0 
_reflns.percent_possible_obs         96 
_reflns.pdbx_Rmerge_I_obs            0.072 
_reflns.pdbx_Rsym_value              0.072 
_reflns.pdbx_netI_over_sigmaI        28.80 
_reflns.B_iso_Wilson_estimate        ? 
_reflns.pdbx_redundancy              6.4 
_reflns.R_free_details               ? 
_reflns.observed_criterion_F_max     ? 
_reflns.observed_criterion_F_min     ? 
_reflns.pdbx_chi_squared             ? 
_reflns.pdbx_scaling_rejects         ? 
_reflns.pdbx_diffrn_id               1 
_reflns.pdbx_ordinal                 1 
# 
_reflns_shell.d_res_high             1.90 
_reflns_shell.d_res_low              2.0 
_reflns_shell.percent_possible_obs   ? 
_reflns_shell.percent_possible_all   95 
_reflns_shell.Rmerge_I_obs           0.282 
_reflns_shell.meanI_over_sigI_obs    0.73 
_reflns_shell.pdbx_Rsym_value        0.282 
_reflns_shell.pdbx_redundancy        ? 
_reflns_shell.number_unique_all      ? 
_reflns_shell.number_measured_all    ? 
_reflns_shell.number_measured_obs    ? 
_reflns_shell.number_unique_obs      ? 
_reflns_shell.pdbx_chi_squared       ? 
_reflns_shell.pdbx_diffrn_id         ? 
_reflns_shell.pdbx_ordinal           1 
# 
_refine.ls_d_res_high                            2.000 
_refine.ls_d_res_low                             53.450 
_refine.pdbx_ls_sigma_F                          0.00 
_refine.ls_percent_reflns_obs                    98.500 
_refine.ls_number_reflns_obs                     15127 
_refine.pdbx_ls_cross_valid_method               THROUGHOUT 
_refine.pdbx_R_Free_selection_details            RANDOM 
_refine.ls_R_factor_all                          0.193 
_refine.ls_R_factor_R_work                       0.19 
_refine.ls_R_factor_R_free                       0.254 
_refine.ls_percent_reflns_R_free                 5.100 
_refine.ls_number_reflns_R_free                  768 
_refine.B_iso_mean                               20.492 
_refine.aniso_B[1][1]                            0.990 
_refine.aniso_B[2][2]                            0.830 
_refine.aniso_B[3][3]                            -1.810 
_refine.aniso_B[1][2]                            0.000 
_refine.aniso_B[1][3]                            0.000 
_refine.aniso_B[2][3]                            0.000 
_refine.correlation_coeff_Fo_to_Fc               0.946 
_refine.correlation_coeff_Fo_to_Fc_free          0.912 
_refine.pdbx_overall_ESU_R                       0.193 
_refine.pdbx_overall_ESU_R_Free                  0.183 
_refine.overall_SU_ML                            0.112 
_refine.overall_SU_B                             3.922 
_refine.solvent_model_details                    'BABINET MODEL WITH MASK' 
_refine.pdbx_solvent_vdw_probe_radii             1.200 
_refine.pdbx_solvent_ion_probe_radii             0.800 
_refine.pdbx_solvent_shrinkage_radii             0.800 
_refine.pdbx_stereochemistry_target_values       'MAXIMUM LIKELIHOOD' 
_refine.entry_id                                 2GE7 
_refine.pdbx_ls_sigma_I                          2.0 
_refine.ls_number_reflns_all                     28085 
_refine.ls_R_factor_obs                          0.193 
_refine.ls_redundancy_reflns_obs                 ? 
_refine.pdbx_data_cutoff_high_absF               ? 
_refine.pdbx_data_cutoff_low_absF                ? 
_refine.ls_number_parameters                     ? 
_refine.ls_number_restraints                     ? 
_refine.ls_R_factor_R_free_error                 ? 
_refine.ls_R_factor_R_free_error_details         ? 
_refine.pdbx_method_to_determine_struct          MAD 
_refine.pdbx_starting_model                      ? 
_refine.pdbx_stereochem_target_val_spec_case     ? 
_refine.solvent_model_param_bsol                 ? 
_refine.solvent_model_param_ksol                 ? 
_refine.occupancy_max                            ? 
_refine.occupancy_min                            ? 
_refine.pdbx_isotropic_thermal_model             ? 
_refine.details                                  ? 
_refine.B_iso_min                                ? 
_refine.B_iso_max                                ? 
_refine.overall_SU_R_Cruickshank_DPI             ? 
_refine.overall_SU_R_free                        ? 
_refine.pdbx_data_cutoff_high_rms_absF           ? 
_refine.ls_wR_factor_R_free                      ? 
_refine.ls_wR_factor_R_work                      ? 
_refine.overall_FOM_free_R_set                   ? 
_refine.overall_FOM_work_R_set                   ? 
_refine.pdbx_refine_id                           'X-RAY DIFFRACTION' 
_refine.pdbx_diffrn_id                           1 
_refine.pdbx_TLS_residual_ADP_flag               ? 
_refine.pdbx_overall_phase_error                 ? 
_refine.pdbx_overall_SU_R_free_Cruickshank_DPI   ? 
_refine.pdbx_overall_SU_R_Blow_DPI               ? 
_refine.pdbx_overall_SU_R_free_Blow_DPI          ? 
# 
_refine_hist.pdbx_refine_id                   'X-RAY DIFFRACTION' 
_refine_hist.cycle_id                         LAST 
_refine_hist.pdbx_number_atoms_protein        1686 
_refine_hist.pdbx_number_atoms_nucleic_acid   0 
_refine_hist.pdbx_number_atoms_ligand         0 
_refine_hist.number_atoms_solvent             92 
_refine_hist.number_atoms_total               1778 
_refine_hist.d_res_high                       2.000 
_refine_hist.d_res_low                        53.450 
# 
loop_
_refine_ls_restr.type 
_refine_ls_restr.number 
_refine_ls_restr.dev_ideal 
_refine_ls_restr.dev_ideal_target 
_refine_ls_restr.weight 
_refine_ls_restr.pdbx_refine_id 
_refine_ls_restr.pdbx_restraint_function 
r_bond_refined_d         1724 0.025  0.022  ? 'X-RAY DIFFRACTION' ? 
r_angle_refined_deg      2325 1.970  1.978  ? 'X-RAY DIFFRACTION' ? 
r_dihedral_angle_1_deg   213  7.468  5.000  ? 'X-RAY DIFFRACTION' ? 
r_dihedral_angle_2_deg   81   37.498 23.827 ? 'X-RAY DIFFRACTION' ? 
r_dihedral_angle_3_deg   301  15.975 15.000 ? 'X-RAY DIFFRACTION' ? 
r_dihedral_angle_4_deg   14   15.280 15.000 ? 'X-RAY DIFFRACTION' ? 
r_chiral_restr           245  0.187  0.200  ? 'X-RAY DIFFRACTION' ? 
r_gen_planes_refined     1330 0.010  0.020  ? 'X-RAY DIFFRACTION' ? 
r_nbd_refined            710  0.224  0.200  ? 'X-RAY DIFFRACTION' ? 
r_nbtor_refined          1164 0.320  0.200  ? 'X-RAY DIFFRACTION' ? 
r_xyhbond_nbd_refined    99   0.164  0.200  ? 'X-RAY DIFFRACTION' ? 
r_symmetry_vdw_refined   25   0.223  0.200  ? 'X-RAY DIFFRACTION' ? 
r_symmetry_hbond_refined 8    0.368  0.200  ? 'X-RAY DIFFRACTION' ? 
r_mcbond_it              1100 1.346  1.500  ? 'X-RAY DIFFRACTION' ? 
r_mcangle_it             1738 2.157  2.000  ? 'X-RAY DIFFRACTION' ? 
r_scbond_it              697  4.018  3.000  ? 'X-RAY DIFFRACTION' ? 
r_scangle_it             587  5.950  4.500  ? 'X-RAY DIFFRACTION' ? 
# 
_refine_ls_shell.d_res_high                       2.005 
_refine_ls_shell.d_res_low                        2.057 
_refine_ls_shell.pdbx_total_number_of_bins_used   20 
_refine_ls_shell.percent_reflns_obs               89.330 
_refine_ls_shell.number_reflns_R_work             922 
_refine_ls_shell.R_factor_all                     ? 
_refine_ls_shell.R_factor_R_work                  0.209 
_refine_ls_shell.R_factor_R_free                  0.354 
_refine_ls_shell.percent_reflns_R_free            ? 
_refine_ls_shell.number_reflns_R_free             58 
_refine_ls_shell.R_factor_R_free_error            ? 
_refine_ls_shell.number_reflns_all                ? 
_refine_ls_shell.number_reflns_obs                980 
_refine_ls_shell.redundancy_reflns_obs            ? 
_refine_ls_shell.pdbx_refine_id                   'X-RAY DIFFRACTION' 
# 
_struct.entry_id                  2GE7 
_struct.title                     
'Structure of the C-terminal dimerization domain of infectious bronchitis virus nucleocapsid protein' 
_struct.pdbx_model_details        ? 
_struct.pdbx_CASP_flag            ? 
_struct.pdbx_model_type_details   ? 
# 
_struct_keywords.entry_id        2GE7 
_struct_keywords.pdbx_keywords   'VIRUS/VIRAL PROTEIN/RNA BINDING PROTEIN' 
_struct_keywords.text            
'Nucleocapsid protein, N protein, Coronavirus, IBV N protein, Dimerization domain, VIRUS-VIRAL PROTEIN-RNA BINDING PROTEIN COMPLEX' 
# 
loop_
_struct_asym.id 
_struct_asym.pdbx_blank_PDB_chainid_flag 
_struct_asym.pdbx_modified 
_struct_asym.entity_id 
_struct_asym.details 
A N N 1 ? 
B N N 1 ? 
C N N 2 ? 
D N N 2 ? 
# 
_struct_ref.id                         1 
_struct_ref.db_name                    UNP 
_struct_ref.db_code                    NCAP_IBVG 
_struct_ref.pdbx_db_accession          P32923 
_struct_ref.entity_id                  1 
_struct_ref.pdbx_align_begin           226 
_struct_ref.pdbx_db_isoform            ? 
_struct_ref.pdbx_seq_one_letter_code   ? 
# 
loop_
_struct_ref_seq.align_id 
_struct_ref_seq.ref_id 
_struct_ref_seq.pdbx_PDB_id_code 
_struct_ref_seq.pdbx_strand_id 
_struct_ref_seq.seq_align_beg 
_struct_ref_seq.pdbx_seq_align_beg_ins_code 
_struct_ref_seq.seq_align_end 
_struct_ref_seq.pdbx_seq_align_end_ins_code 
_struct_ref_seq.pdbx_db_accession 
_struct_ref_seq.db_align_beg 
_struct_ref_seq.pdbx_db_align_beg_ins_code 
_struct_ref_seq.db_align_end 
_struct_ref_seq.pdbx_db_align_end_ins_code 
_struct_ref_seq.pdbx_auth_seq_align_beg 
_struct_ref_seq.pdbx_auth_seq_align_end 
1 1 2GE7 A 1 ? 108 ? P32923 226 ? 333 ? 8 115 
2 1 2GE7 B 1 ? 108 ? P32923 226 ? 333 ? 8 115 
# 
_pdbx_struct_assembly.id                   1 
_pdbx_struct_assembly.details              author_and_software_defined_assembly 
_pdbx_struct_assembly.method_details       PISA 
_pdbx_struct_assembly.oligomeric_details   dimeric 
_pdbx_struct_assembly.oligomeric_count     2 
# 
loop_
_pdbx_struct_assembly_prop.biol_id 
_pdbx_struct_assembly_prop.type 
_pdbx_struct_assembly_prop.value 
_pdbx_struct_assembly_prop.details 
1 'ABSA (A^2)' 5820  ? 
1 MORE         -35   ? 
1 'SSA (A^2)'  10560 ? 
# 
_pdbx_struct_assembly_gen.assembly_id       1 
_pdbx_struct_assembly_gen.oper_expression   1 
_pdbx_struct_assembly_gen.asym_id_list      A,B,C,D 
# 
_pdbx_struct_oper_list.id                   1 
_pdbx_struct_oper_list.type                 'identity operation' 
_pdbx_struct_oper_list.name                 1_555 
_pdbx_struct_oper_list.symmetry_operation   x,y,z 
_pdbx_struct_oper_list.matrix[1][1]         1.0000000000 
_pdbx_struct_oper_list.matrix[1][2]         0.0000000000 
_pdbx_struct_oper_list.matrix[1][3]         0.0000000000 
_pdbx_struct_oper_list.vector[1]            0.0000000000 
_pdbx_struct_oper_list.matrix[2][1]         0.0000000000 
_pdbx_struct_oper_list.matrix[2][2]         1.0000000000 
_pdbx_struct_oper_list.matrix[2][3]         0.0000000000 
_pdbx_struct_oper_list.vector[2]            0.0000000000 
_pdbx_struct_oper_list.matrix[3][1]         0.0000000000 
_pdbx_struct_oper_list.matrix[3][2]         0.0000000000 
_pdbx_struct_oper_list.matrix[3][3]         1.0000000000 
_pdbx_struct_oper_list.vector[3]            0.0000000000 
# 
_struct_biol.id                    1 
_struct_biol.details               'Dimer in solution and in the assymetric unit' 
_struct_biol.pdbx_parent_biol_id   ? 
# 
loop_
_struct_conf.conf_type_id 
_struct_conf.id 
_struct_conf.pdbx_PDB_helix_id 
_struct_conf.beg_label_comp_id 
_struct_conf.beg_label_asym_id 
_struct_conf.beg_label_seq_id 
_struct_conf.pdbx_beg_PDB_ins_code 
_struct_conf.end_label_comp_id 
_struct_conf.end_label_asym_id 
_struct_conf.end_label_seq_id 
_struct_conf.pdbx_end_PDB_ins_code 
_struct_conf.beg_auth_comp_id 
_struct_conf.beg_auth_asym_id 
_struct_conf.beg_auth_seq_id 
_struct_conf.end_auth_comp_id 
_struct_conf.end_auth_asym_id 
_struct_conf.end_auth_seq_id 
_struct_conf.pdbx_PDB_helix_class 
_struct_conf.details 
_struct_conf.pdbx_PDB_helix_length 
HELX_P HELX_P1  1  ARG A 1  ? ARG A 5  ? ARG A 8  ARG A 12  5 ? 5  
HELX_P HELX_P2  2  VAL A 13 ? GLY A 18 ? VAL A 20 GLY A 25  1 ? 6  
HELX_P HELX_P3  3  ASP A 30 ? GLY A 37 ? ASP A 37 GLY A 44  1 ? 8  
HELX_P HELX_P4  4  ASP A 40 ? ASN A 48 ? ASP A 47 ASN A 55  1 ? 9  
HELX_P HELX_P5  5  SER A 52 ? SER A 60 ? SER A 59 SER A 67  1 ? 9  
HELX_P HELX_P6  6  GLN A 87 ? VAL A 99 ? GLN A 94 VAL A 106 1 ? 13 
HELX_P HELX_P7  7  ARG B 1  ? ARG B 5  ? ARG B 8  ARG B 12  5 ? 5  
HELX_P HELX_P8  8  VAL B 13 ? GLY B 18 ? VAL B 20 GLY B 25  1 ? 6  
HELX_P HELX_P9  9  ASP B 30 ? GLY B 37 ? ASP B 37 GLY B 44  1 ? 8  
HELX_P HELX_P10 10 ASP B 40 ? ASN B 48 ? ASP B 47 ASN B 55  1 ? 9  
HELX_P HELX_P11 11 SER B 52 ? SER B 60 ? SER B 59 SER B 67  1 ? 9  
HELX_P HELX_P12 12 GLN B 87 ? VAL B 99 ? GLN B 94 VAL B 106 1 ? 13 
# 
_struct_conf_type.id          HELX_P 
_struct_conf_type.criteria    ? 
_struct_conf_type.reference   ? 
# 
_struct_sheet.id               A 
_struct_sheet.type             ? 
_struct_sheet.number_strands   4 
_struct_sheet.details          ? 
# 
loop_
_struct_sheet_order.sheet_id 
_struct_sheet_order.range_id_1 
_struct_sheet_order.range_id_2 
_struct_sheet_order.offset 
_struct_sheet_order.sense 
A 1 2 ? anti-parallel 
A 2 3 ? anti-parallel 
A 3 4 ? anti-parallel 
# 
loop_
_struct_sheet_range.sheet_id 
_struct_sheet_range.id 
_struct_sheet_range.beg_label_comp_id 
_struct_sheet_range.beg_label_asym_id 
_struct_sheet_range.beg_label_seq_id 
_struct_sheet_range.pdbx_beg_PDB_ins_code 
_struct_sheet_range.end_label_comp_id 
_struct_sheet_range.end_label_asym_id 
_struct_sheet_range.end_label_seq_id 
_struct_sheet_range.pdbx_end_PDB_ins_code 
_struct_sheet_range.beg_auth_comp_id 
_struct_sheet_range.beg_auth_asym_id 
_struct_sheet_range.beg_auth_seq_id 
_struct_sheet_range.end_auth_comp_id 
_struct_sheet_range.end_auth_asym_id 
_struct_sheet_range.end_auth_seq_id 
A 1 ARG A 61 ? GLN A 67 ? ARG A 68 GLN A 74 
A 2 GLY A 70 ? PRO A 82 ? GLY A 77 PRO A 89 
A 3 GLY B 70 ? PRO B 82 ? GLY B 77 PRO B 89 
A 4 ARG B 61 ? GLN B 67 ? ARG B 68 GLN B 74 
# 
loop_
_pdbx_struct_sheet_hbond.sheet_id 
_pdbx_struct_sheet_hbond.range_id_1 
_pdbx_struct_sheet_hbond.range_id_2 
_pdbx_struct_sheet_hbond.range_1_label_atom_id 
_pdbx_struct_sheet_hbond.range_1_label_comp_id 
_pdbx_struct_sheet_hbond.range_1_label_asym_id 
_pdbx_struct_sheet_hbond.range_1_label_seq_id 
_pdbx_struct_sheet_hbond.range_1_PDB_ins_code 
_pdbx_struct_sheet_hbond.range_1_auth_atom_id 
_pdbx_struct_sheet_hbond.range_1_auth_comp_id 
_pdbx_struct_sheet_hbond.range_1_auth_asym_id 
_pdbx_struct_sheet_hbond.range_1_auth_seq_id 
_pdbx_struct_sheet_hbond.range_2_label_atom_id 
_pdbx_struct_sheet_hbond.range_2_label_comp_id 
_pdbx_struct_sheet_hbond.range_2_label_asym_id 
_pdbx_struct_sheet_hbond.range_2_label_seq_id 
_pdbx_struct_sheet_hbond.range_2_PDB_ins_code 
_pdbx_struct_sheet_hbond.range_2_auth_atom_id 
_pdbx_struct_sheet_hbond.range_2_auth_comp_id 
_pdbx_struct_sheet_hbond.range_2_auth_asym_id 
_pdbx_struct_sheet_hbond.range_2_auth_seq_id 
A 1 2 N LYS A 65 ? N LYS A 72 O HIS A 72 ? O HIS A 79 
A 2 3 N THR A 79 ? N THR A 86 O LEU B 73 ? O LEU B 80 
A 3 4 O HIS B 72 ? O HIS B 79 N LYS B 65 ? N LYS B 72 
# 
_pdbx_validate_close_contact.id               1 
_pdbx_validate_close_contact.PDB_model_num    1 
_pdbx_validate_close_contact.auth_atom_id_1   NZ 
_pdbx_validate_close_contact.auth_asym_id_1   A 
_pdbx_validate_close_contact.auth_comp_id_1   LYS 
_pdbx_validate_close_contact.auth_seq_id_1    29 
_pdbx_validate_close_contact.PDB_ins_code_1   ? 
_pdbx_validate_close_contact.label_alt_id_1   ? 
_pdbx_validate_close_contact.auth_atom_id_2   O 
_pdbx_validate_close_contact.auth_asym_id_2   A 
_pdbx_validate_close_contact.auth_comp_id_2   HOH 
_pdbx_validate_close_contact.auth_seq_id_2    153 
_pdbx_validate_close_contact.PDB_ins_code_2   ? 
_pdbx_validate_close_contact.label_alt_id_2   ? 
_pdbx_validate_close_contact.dist             1.82 
# 
_pdbx_validate_symm_contact.id                1 
_pdbx_validate_symm_contact.PDB_model_num     1 
_pdbx_validate_symm_contact.auth_atom_id_1    O 
_pdbx_validate_symm_contact.auth_asym_id_1    B 
_pdbx_validate_symm_contact.auth_comp_id_1    ASP 
_pdbx_validate_symm_contact.auth_seq_id_1     115 
_pdbx_validate_symm_contact.PDB_ins_code_1    ? 
_pdbx_validate_symm_contact.label_alt_id_1    ? 
_pdbx_validate_symm_contact.site_symmetry_1   1_555 
_pdbx_validate_symm_contact.auth_atom_id_2    O 
_pdbx_validate_symm_contact.auth_asym_id_2    A 
_pdbx_validate_symm_contact.auth_comp_id_2    HOH 
_pdbx_validate_symm_contact.auth_seq_id_2     153 
_pdbx_validate_symm_contact.PDB_ins_code_2    ? 
_pdbx_validate_symm_contact.label_alt_id_2    ? 
_pdbx_validate_symm_contact.site_symmetry_2   2_674 
_pdbx_validate_symm_contact.dist              1.73 
# 
_pdbx_validate_rmsd_bond.id                        1 
_pdbx_validate_rmsd_bond.PDB_model_num             1 
_pdbx_validate_rmsd_bond.auth_atom_id_1            CB 
_pdbx_validate_rmsd_bond.auth_asym_id_1            A 
_pdbx_validate_rmsd_bond.auth_comp_id_1            VAL 
_pdbx_validate_rmsd_bond.auth_seq_id_1             106 
_pdbx_validate_rmsd_bond.PDB_ins_code_1            ? 
_pdbx_validate_rmsd_bond.label_alt_id_1            ? 
_pdbx_validate_rmsd_bond.auth_atom_id_2            CG1 
_pdbx_validate_rmsd_bond.auth_asym_id_2            A 
_pdbx_validate_rmsd_bond.auth_comp_id_2            VAL 
_pdbx_validate_rmsd_bond.auth_seq_id_2             106 
_pdbx_validate_rmsd_bond.PDB_ins_code_2            ? 
_pdbx_validate_rmsd_bond.label_alt_id_2            ? 
_pdbx_validate_rmsd_bond.bond_value                1.672 
_pdbx_validate_rmsd_bond.bond_target_value         1.524 
_pdbx_validate_rmsd_bond.bond_deviation            0.148 
_pdbx_validate_rmsd_bond.bond_standard_deviation   0.021 
_pdbx_validate_rmsd_bond.linker_flag               N 
# 
_pdbx_validate_peptide_omega.id               1 
_pdbx_validate_peptide_omega.PDB_model_num    1 
_pdbx_validate_peptide_omega.auth_comp_id_1   PRO 
_pdbx_validate_peptide_omega.auth_asym_id_1   A 
_pdbx_validate_peptide_omega.auth_seq_id_1    113 
_pdbx_validate_peptide_omega.PDB_ins_code_1   ? 
_pdbx_validate_peptide_omega.label_alt_id_1   ? 
_pdbx_validate_peptide_omega.auth_comp_id_2   LYS 
_pdbx_validate_peptide_omega.auth_asym_id_2   A 
_pdbx_validate_peptide_omega.auth_seq_id_2    114 
_pdbx_validate_peptide_omega.PDB_ins_code_2   ? 
_pdbx_validate_peptide_omega.label_alt_id_2   ? 
_pdbx_validate_peptide_omega.omega            129.56 
# 
loop_
_symmetry_equiv.id 
_symmetry_equiv.pos_as_xyz 
1 'X,  Y,  Z'           
2 '-X+1/2,  -Y,  Z+1/2' 
3 'X+1/2,  -Y+1/2,  -Z' 
4 '-X,  Y+1/2,  -Z+1/2' 
# 
_pdbx_unobs_or_zero_occ_residues.id               1 
_pdbx_unobs_or_zero_occ_residues.PDB_model_num    1 
_pdbx_unobs_or_zero_occ_residues.polymer_flag     Y 
_pdbx_unobs_or_zero_occ_residues.occupancy_flag   1 
_pdbx_unobs_or_zero_occ_residues.auth_asym_id     A 
_pdbx_unobs_or_zero_occ_residues.auth_comp_id     ASP 
_pdbx_unobs_or_zero_occ_residues.auth_seq_id      115 
_pdbx_unobs_or_zero_occ_residues.PDB_ins_code     ? 
_pdbx_unobs_or_zero_occ_residues.label_asym_id    A 
_pdbx_unobs_or_zero_occ_residues.label_comp_id    ASP 
_pdbx_unobs_or_zero_occ_residues.label_seq_id     108 
# 
loop_
_chem_comp_atom.comp_id 
_chem_comp_atom.atom_id 
_chem_comp_atom.type_symbol 
_chem_comp_atom.pdbx_aromatic_flag 
_chem_comp_atom.pdbx_stereo_config 
_chem_comp_atom.pdbx_ordinal 
ALA N    N N N 1   
ALA CA   C N S 2   
ALA C    C N N 3   
ALA O    O N N 4   
ALA CB   C N N 5   
ALA OXT  O N N 6   
ALA H    H N N 7   
ALA H2   H N N 8   
ALA HA   H N N 9   
ALA HB1  H N N 10  
ALA HB2  H N N 11  
ALA HB3  H N N 12  
ALA HXT  H N N 13  
ARG N    N N N 14  
ARG CA   C N S 15  
ARG C    C N N 16  
ARG O    O N N 17  
ARG CB   C N N 18  
ARG CG   C N N 19  
ARG CD   C N N 20  
ARG NE   N N N 21  
ARG CZ   C N N 22  
ARG NH1  N N N 23  
ARG NH2  N N N 24  
ARG OXT  O N N 25  
ARG H    H N N 26  
ARG H2   H N N 27  
ARG HA   H N N 28  
ARG HB2  H N N 29  
ARG HB3  H N N 30  
ARG HG2  H N N 31  
ARG HG3  H N N 32  
ARG HD2  H N N 33  
ARG HD3  H N N 34  
ARG HE   H N N 35  
ARG HH11 H N N 36  
ARG HH12 H N N 37  
ARG HH21 H N N 38  
ARG HH22 H N N 39  
ARG HXT  H N N 40  
ASN N    N N N 41  
ASN CA   C N S 42  
ASN C    C N N 43  
ASN O    O N N 44  
ASN CB   C N N 45  
ASN CG   C N N 46  
ASN OD1  O N N 47  
ASN ND2  N N N 48  
ASN OXT  O N N 49  
ASN H    H N N 50  
ASN H2   H N N 51  
ASN HA   H N N 52  
ASN HB2  H N N 53  
ASN HB3  H N N 54  
ASN HD21 H N N 55  
ASN HD22 H N N 56  
ASN HXT  H N N 57  
ASP N    N N N 58  
ASP CA   C N S 59  
ASP C    C N N 60  
ASP O    O N N 61  
ASP CB   C N N 62  
ASP CG   C N N 63  
ASP OD1  O N N 64  
ASP OD2  O N N 65  
ASP OXT  O N N 66  
ASP H    H N N 67  
ASP H2   H N N 68  
ASP HA   H N N 69  
ASP HB2  H N N 70  
ASP HB3  H N N 71  
ASP HD2  H N N 72  
ASP HXT  H N N 73  
CYS N    N N N 74  
CYS CA   C N R 75  
CYS C    C N N 76  
CYS O    O N N 77  
CYS CB   C N N 78  
CYS SG   S N N 79  
CYS OXT  O N N 80  
CYS H    H N N 81  
CYS H2   H N N 82  
CYS HA   H N N 83  
CYS HB2  H N N 84  
CYS HB3  H N N 85  
CYS HG   H N N 86  
CYS HXT  H N N 87  
GLN N    N N N 88  
GLN CA   C N S 89  
GLN C    C N N 90  
GLN O    O N N 91  
GLN CB   C N N 92  
GLN CG   C N N 93  
GLN CD   C N N 94  
GLN OE1  O N N 95  
GLN NE2  N N N 96  
GLN OXT  O N N 97  
GLN H    H N N 98  
GLN H2   H N N 99  
GLN HA   H N N 100 
GLN HB2  H N N 101 
GLN HB3  H N N 102 
GLN HG2  H N N 103 
GLN HG3  H N N 104 
GLN HE21 H N N 105 
GLN HE22 H N N 106 
GLN HXT  H N N 107 
GLU N    N N N 108 
GLU CA   C N S 109 
GLU C    C N N 110 
GLU O    O N N 111 
GLU CB   C N N 112 
GLU CG   C N N 113 
GLU CD   C N N 114 
GLU OE1  O N N 115 
GLU OE2  O N N 116 
GLU OXT  O N N 117 
GLU H    H N N 118 
GLU H2   H N N 119 
GLU HA   H N N 120 
GLU HB2  H N N 121 
GLU HB3  H N N 122 
GLU HG2  H N N 123 
GLU HG3  H N N 124 
GLU HE2  H N N 125 
GLU HXT  H N N 126 
GLY N    N N N 127 
GLY CA   C N N 128 
GLY C    C N N 129 
GLY O    O N N 130 
GLY OXT  O N N 131 
GLY H    H N N 132 
GLY H2   H N N 133 
GLY HA2  H N N 134 
GLY HA3  H N N 135 
GLY HXT  H N N 136 
HIS N    N N N 137 
HIS CA   C N S 138 
HIS C    C N N 139 
HIS O    O N N 140 
HIS CB   C N N 141 
HIS CG   C Y N 142 
HIS ND1  N Y N 143 
HIS CD2  C Y N 144 
HIS CE1  C Y N 145 
HIS NE2  N Y N 146 
HIS OXT  O N N 147 
HIS H    H N N 148 
HIS H2   H N N 149 
HIS HA   H N N 150 
HIS HB2  H N N 151 
HIS HB3  H N N 152 
HIS HD1  H N N 153 
HIS HD2  H N N 154 
HIS HE1  H N N 155 
HIS HE2  H N N 156 
HIS HXT  H N N 157 
HOH O    O N N 158 
HOH H1   H N N 159 
HOH H2   H N N 160 
ILE N    N N N 161 
ILE CA   C N S 162 
ILE C    C N N 163 
ILE O    O N N 164 
ILE CB   C N S 165 
ILE CG1  C N N 166 
ILE CG2  C N N 167 
ILE CD1  C N N 168 
ILE OXT  O N N 169 
ILE H    H N N 170 
ILE H2   H N N 171 
ILE HA   H N N 172 
ILE HB   H N N 173 
ILE HG12 H N N 174 
ILE HG13 H N N 175 
ILE HG21 H N N 176 
ILE HG22 H N N 177 
ILE HG23 H N N 178 
ILE HD11 H N N 179 
ILE HD12 H N N 180 
ILE HD13 H N N 181 
ILE HXT  H N N 182 
LEU N    N N N 183 
LEU CA   C N S 184 
LEU C    C N N 185 
LEU O    O N N 186 
LEU CB   C N N 187 
LEU CG   C N N 188 
LEU CD1  C N N 189 
LEU CD2  C N N 190 
LEU OXT  O N N 191 
LEU H    H N N 192 
LEU H2   H N N 193 
LEU HA   H N N 194 
LEU HB2  H N N 195 
LEU HB3  H N N 196 
LEU HG   H N N 197 
LEU HD11 H N N 198 
LEU HD12 H N N 199 
LEU HD13 H N N 200 
LEU HD21 H N N 201 
LEU HD22 H N N 202 
LEU HD23 H N N 203 
LEU HXT  H N N 204 
LYS N    N N N 205 
LYS CA   C N S 206 
LYS C    C N N 207 
LYS O    O N N 208 
LYS CB   C N N 209 
LYS CG   C N N 210 
LYS CD   C N N 211 
LYS CE   C N N 212 
LYS NZ   N N N 213 
LYS OXT  O N N 214 
LYS H    H N N 215 
LYS H2   H N N 216 
LYS HA   H N N 217 
LYS HB2  H N N 218 
LYS HB3  H N N 219 
LYS HG2  H N N 220 
LYS HG3  H N N 221 
LYS HD2  H N N 222 
LYS HD3  H N N 223 
LYS HE2  H N N 224 
LYS HE3  H N N 225 
LYS HZ1  H N N 226 
LYS HZ2  H N N 227 
LYS HZ3  H N N 228 
LYS HXT  H N N 229 
MET N    N N N 230 
MET CA   C N S 231 
MET C    C N N 232 
MET O    O N N 233 
MET CB   C N N 234 
MET CG   C N N 235 
MET SD   S N N 236 
MET CE   C N N 237 
MET OXT  O N N 238 
MET H    H N N 239 
MET H2   H N N 240 
MET HA   H N N 241 
MET HB2  H N N 242 
MET HB3  H N N 243 
MET HG2  H N N 244 
MET HG3  H N N 245 
MET HE1  H N N 246 
MET HE2  H N N 247 
MET HE3  H N N 248 
MET HXT  H N N 249 
PHE N    N N N 250 
PHE CA   C N S 251 
PHE C    C N N 252 
PHE O    O N N 253 
PHE CB   C N N 254 
PHE CG   C Y N 255 
PHE CD1  C Y N 256 
PHE CD2  C Y N 257 
PHE CE1  C Y N 258 
PHE CE2  C Y N 259 
PHE CZ   C Y N 260 
PHE OXT  O N N 261 
PHE H    H N N 262 
PHE H2   H N N 263 
PHE HA   H N N 264 
PHE HB2  H N N 265 
PHE HB3  H N N 266 
PHE HD1  H N N 267 
PHE HD2  H N N 268 
PHE HE1  H N N 269 
PHE HE2  H N N 270 
PHE HZ   H N N 271 
PHE HXT  H N N 272 
PRO N    N N N 273 
PRO CA   C N S 274 
PRO C    C N N 275 
PRO O    O N N 276 
PRO CB   C N N 277 
PRO CG   C N N 278 
PRO CD   C N N 279 
PRO OXT  O N N 280 
PRO H    H N N 281 
PRO HA   H N N 282 
PRO HB2  H N N 283 
PRO HB3  H N N 284 
PRO HG2  H N N 285 
PRO HG3  H N N 286 
PRO HD2  H N N 287 
PRO HD3  H N N 288 
PRO HXT  H N N 289 
SER N    N N N 290 
SER CA   C N S 291 
SER C    C N N 292 
SER O    O N N 293 
SER CB   C N N 294 
SER OG   O N N 295 
SER OXT  O N N 296 
SER H    H N N 297 
SER H2   H N N 298 
SER HA   H N N 299 
SER HB2  H N N 300 
SER HB3  H N N 301 
SER HG   H N N 302 
SER HXT  H N N 303 
THR N    N N N 304 
THR CA   C N S 305 
THR C    C N N 306 
THR O    O N N 307 
THR CB   C N R 308 
THR OG1  O N N 309 
THR CG2  C N N 310 
THR OXT  O N N 311 
THR H    H N N 312 
THR H2   H N N 313 
THR HA   H N N 314 
THR HB   H N N 315 
THR HG1  H N N 316 
THR HG21 H N N 317 
THR HG22 H N N 318 
THR HG23 H N N 319 
THR HXT  H N N 320 
TYR N    N N N 321 
TYR CA   C N S 322 
TYR C    C N N 323 
TYR O    O N N 324 
TYR CB   C N N 325 
TYR CG   C Y N 326 
TYR CD1  C Y N 327 
TYR CD2  C Y N 328 
TYR CE1  C Y N 329 
TYR CE2  C Y N 330 
TYR CZ   C Y N 331 
TYR OH   O N N 332 
TYR OXT  O N N 333 
TYR H    H N N 334 
TYR H2   H N N 335 
TYR HA   H N N 336 
TYR HB2  H N N 337 
TYR HB3  H N N 338 
TYR HD1  H N N 339 
TYR HD2  H N N 340 
TYR HE1  H N N 341 
TYR HE2  H N N 342 
TYR HH   H N N 343 
TYR HXT  H N N 344 
VAL N    N N N 345 
VAL CA   C N S 346 
VAL C    C N N 347 
VAL O    O N N 348 
VAL CB   C N N 349 
VAL CG1  C N N 350 
VAL CG2  C N N 351 
VAL OXT  O N N 352 
VAL H    H N N 353 
VAL H2   H N N 354 
VAL HA   H N N 355 
VAL HB   H N N 356 
VAL HG11 H N N 357 
VAL HG12 H N N 358 
VAL HG13 H N N 359 
VAL HG21 H N N 360 
VAL HG22 H N N 361 
VAL HG23 H N N 362 
VAL HXT  H N N 363 
# 
loop_
_chem_comp_bond.comp_id 
_chem_comp_bond.atom_id_1 
_chem_comp_bond.atom_id_2 
_chem_comp_bond.value_order 
_chem_comp_bond.pdbx_aromatic_flag 
_chem_comp_bond.pdbx_stereo_config 
_chem_comp_bond.pdbx_ordinal 
ALA N   CA   sing N N 1   
ALA N   H    sing N N 2   
ALA N   H2   sing N N 3   
ALA CA  C    sing N N 4   
ALA CA  CB   sing N N 5   
ALA CA  HA   sing N N 6   
ALA C   O    doub N N 7   
ALA C   OXT  sing N N 8   
ALA CB  HB1  sing N N 9   
ALA CB  HB2  sing N N 10  
ALA CB  HB3  sing N N 11  
ALA OXT HXT  sing N N 12  
ARG N   CA   sing N N 13  
ARG N   H    sing N N 14  
ARG N   H2   sing N N 15  
ARG CA  C    sing N N 16  
ARG CA  CB   sing N N 17  
ARG CA  HA   sing N N 18  
ARG C   O    doub N N 19  
ARG C   OXT  sing N N 20  
ARG CB  CG   sing N N 21  
ARG CB  HB2  sing N N 22  
ARG CB  HB3  sing N N 23  
ARG CG  CD   sing N N 24  
ARG CG  HG2  sing N N 25  
ARG CG  HG3  sing N N 26  
ARG CD  NE   sing N N 27  
ARG CD  HD2  sing N N 28  
ARG CD  HD3  sing N N 29  
ARG NE  CZ   sing N N 30  
ARG NE  HE   sing N N 31  
ARG CZ  NH1  sing N N 32  
ARG CZ  NH2  doub N N 33  
ARG NH1 HH11 sing N N 34  
ARG NH1 HH12 sing N N 35  
ARG NH2 HH21 sing N N 36  
ARG NH2 HH22 sing N N 37  
ARG OXT HXT  sing N N 38  
ASN N   CA   sing N N 39  
ASN N   H    sing N N 40  
ASN N   H2   sing N N 41  
ASN CA  C    sing N N 42  
ASN CA  CB   sing N N 43  
ASN CA  HA   sing N N 44  
ASN C   O    doub N N 45  
ASN C   OXT  sing N N 46  
ASN CB  CG   sing N N 47  
ASN CB  HB2  sing N N 48  
ASN CB  HB3  sing N N 49  
ASN CG  OD1  doub N N 50  
ASN CG  ND2  sing N N 51  
ASN ND2 HD21 sing N N 52  
ASN ND2 HD22 sing N N 53  
ASN OXT HXT  sing N N 54  
ASP N   CA   sing N N 55  
ASP N   H    sing N N 56  
ASP N   H2   sing N N 57  
ASP CA  C    sing N N 58  
ASP CA  CB   sing N N 59  
ASP CA  HA   sing N N 60  
ASP C   O    doub N N 61  
ASP C   OXT  sing N N 62  
ASP CB  CG   sing N N 63  
ASP CB  HB2  sing N N 64  
ASP CB  HB3  sing N N 65  
ASP CG  OD1  doub N N 66  
ASP CG  OD2  sing N N 67  
ASP OD2 HD2  sing N N 68  
ASP OXT HXT  sing N N 69  
CYS N   CA   sing N N 70  
CYS N   H    sing N N 71  
CYS N   H2   sing N N 72  
CYS CA  C    sing N N 73  
CYS CA  CB   sing N N 74  
CYS CA  HA   sing N N 75  
CYS C   O    doub N N 76  
CYS C   OXT  sing N N 77  
CYS CB  SG   sing N N 78  
CYS CB  HB2  sing N N 79  
CYS CB  HB3  sing N N 80  
CYS SG  HG   sing N N 81  
CYS OXT HXT  sing N N 82  
GLN N   CA   sing N N 83  
GLN N   H    sing N N 84  
GLN N   H2   sing N N 85  
GLN CA  C    sing N N 86  
GLN CA  CB   sing N N 87  
GLN CA  HA   sing N N 88  
GLN C   O    doub N N 89  
GLN C   OXT  sing N N 90  
GLN CB  CG   sing N N 91  
GLN CB  HB2  sing N N 92  
GLN CB  HB3  sing N N 93  
GLN CG  CD   sing N N 94  
GLN CG  HG2  sing N N 95  
GLN CG  HG3  sing N N 96  
GLN CD  OE1  doub N N 97  
GLN CD  NE2  sing N N 98  
GLN NE2 HE21 sing N N 99  
GLN NE2 HE22 sing N N 100 
GLN OXT HXT  sing N N 101 
GLU N   CA   sing N N 102 
GLU N   H    sing N N 103 
GLU N   H2   sing N N 104 
GLU CA  C    sing N N 105 
GLU CA  CB   sing N N 106 
GLU CA  HA   sing N N 107 
GLU C   O    doub N N 108 
GLU C   OXT  sing N N 109 
GLU CB  CG   sing N N 110 
GLU CB  HB2  sing N N 111 
GLU CB  HB3  sing N N 112 
GLU CG  CD   sing N N 113 
GLU CG  HG2  sing N N 114 
GLU CG  HG3  sing N N 115 
GLU CD  OE1  doub N N 116 
GLU CD  OE2  sing N N 117 
GLU OE2 HE2  sing N N 118 
GLU OXT HXT  sing N N 119 
GLY N   CA   sing N N 120 
GLY N   H    sing N N 121 
GLY N   H2   sing N N 122 
GLY CA  C    sing N N 123 
GLY CA  HA2  sing N N 124 
GLY CA  HA3  sing N N 125 
GLY C   O    doub N N 126 
GLY C   OXT  sing N N 127 
GLY OXT HXT  sing N N 128 
HIS N   CA   sing N N 129 
HIS N   H    sing N N 130 
HIS N   H2   sing N N 131 
HIS CA  C    sing N N 132 
HIS CA  CB   sing N N 133 
HIS CA  HA   sing N N 134 
HIS C   O    doub N N 135 
HIS C   OXT  sing N N 136 
HIS CB  CG   sing N N 137 
HIS CB  HB2  sing N N 138 
HIS CB  HB3  sing N N 139 
HIS CG  ND1  sing Y N 140 
HIS CG  CD2  doub Y N 141 
HIS ND1 CE1  doub Y N 142 
HIS ND1 HD1  sing N N 143 
HIS CD2 NE2  sing Y N 144 
HIS CD2 HD2  sing N N 145 
HIS CE1 NE2  sing Y N 146 
HIS CE1 HE1  sing N N 147 
HIS NE2 HE2  sing N N 148 
HIS OXT HXT  sing N N 149 
HOH O   H1   sing N N 150 
HOH O   H2   sing N N 151 
ILE N   CA   sing N N 152 
ILE N   H    sing N N 153 
ILE N   H2   sing N N 154 
ILE CA  C    sing N N 155 
ILE CA  CB   sing N N 156 
ILE CA  HA   sing N N 157 
ILE C   O    doub N N 158 
ILE C   OXT  sing N N 159 
ILE CB  CG1  sing N N 160 
ILE CB  CG2  sing N N 161 
ILE CB  HB   sing N N 162 
ILE CG1 CD1  sing N N 163 
ILE CG1 HG12 sing N N 164 
ILE CG1 HG13 sing N N 165 
ILE CG2 HG21 sing N N 166 
ILE CG2 HG22 sing N N 167 
ILE CG2 HG23 sing N N 168 
ILE CD1 HD11 sing N N 169 
ILE CD1 HD12 sing N N 170 
ILE CD1 HD13 sing N N 171 
ILE OXT HXT  sing N N 172 
LEU N   CA   sing N N 173 
LEU N   H    sing N N 174 
LEU N   H2   sing N N 175 
LEU CA  C    sing N N 176 
LEU CA  CB   sing N N 177 
LEU CA  HA   sing N N 178 
LEU C   O    doub N N 179 
LEU C   OXT  sing N N 180 
LEU CB  CG   sing N N 181 
LEU CB  HB2  sing N N 182 
LEU CB  HB3  sing N N 183 
LEU CG  CD1  sing N N 184 
LEU CG  CD2  sing N N 185 
LEU CG  HG   sing N N 186 
LEU CD1 HD11 sing N N 187 
LEU CD1 HD12 sing N N 188 
LEU CD1 HD13 sing N N 189 
LEU CD2 HD21 sing N N 190 
LEU CD2 HD22 sing N N 191 
LEU CD2 HD23 sing N N 192 
LEU OXT HXT  sing N N 193 
LYS N   CA   sing N N 194 
LYS N   H    sing N N 195 
LYS N   H2   sing N N 196 
LYS CA  C    sing N N 197 
LYS CA  CB   sing N N 198 
LYS CA  HA   sing N N 199 
LYS C   O    doub N N 200 
LYS C   OXT  sing N N 201 
LYS CB  CG   sing N N 202 
LYS CB  HB2  sing N N 203 
LYS CB  HB3  sing N N 204 
LYS CG  CD   sing N N 205 
LYS CG  HG2  sing N N 206 
LYS CG  HG3  sing N N 207 
LYS CD  CE   sing N N 208 
LYS CD  HD2  sing N N 209 
LYS CD  HD3  sing N N 210 
LYS CE  NZ   sing N N 211 
LYS CE  HE2  sing N N 212 
LYS CE  HE3  sing N N 213 
LYS NZ  HZ1  sing N N 214 
LYS NZ  HZ2  sing N N 215 
LYS NZ  HZ3  sing N N 216 
LYS OXT HXT  sing N N 217 
MET N   CA   sing N N 218 
MET N   H    sing N N 219 
MET N   H2   sing N N 220 
MET CA  C    sing N N 221 
MET CA  CB   sing N N 222 
MET CA  HA   sing N N 223 
MET C   O    doub N N 224 
MET C   OXT  sing N N 225 
MET CB  CG   sing N N 226 
MET CB  HB2  sing N N 227 
MET CB  HB3  sing N N 228 
MET CG  SD   sing N N 229 
MET CG  HG2  sing N N 230 
MET CG  HG3  sing N N 231 
MET SD  CE   sing N N 232 
MET CE  HE1  sing N N 233 
MET CE  HE2  sing N N 234 
MET CE  HE3  sing N N 235 
MET OXT HXT  sing N N 236 
PHE N   CA   sing N N 237 
PHE N   H    sing N N 238 
PHE N   H2   sing N N 239 
PHE CA  C    sing N N 240 
PHE CA  CB   sing N N 241 
PHE CA  HA   sing N N 242 
PHE C   O    doub N N 243 
PHE C   OXT  sing N N 244 
PHE CB  CG   sing N N 245 
PHE CB  HB2  sing N N 246 
PHE CB  HB3  sing N N 247 
PHE CG  CD1  doub Y N 248 
PHE CG  CD2  sing Y N 249 
PHE CD1 CE1  sing Y N 250 
PHE CD1 HD1  sing N N 251 
PHE CD2 CE2  doub Y N 252 
PHE CD2 HD2  sing N N 253 
PHE CE1 CZ   doub Y N 254 
PHE CE1 HE1  sing N N 255 
PHE CE2 CZ   sing Y N 256 
PHE CE2 HE2  sing N N 257 
PHE CZ  HZ   sing N N 258 
PHE OXT HXT  sing N N 259 
PRO N   CA   sing N N 260 
PRO N   CD   sing N N 261 
PRO N   H    sing N N 262 
PRO CA  C    sing N N 263 
PRO CA  CB   sing N N 264 
PRO CA  HA   sing N N 265 
PRO C   O    doub N N 266 
PRO C   OXT  sing N N 267 
PRO CB  CG   sing N N 268 
PRO CB  HB2  sing N N 269 
PRO CB  HB3  sing N N 270 
PRO CG  CD   sing N N 271 
PRO CG  HG2  sing N N 272 
PRO CG  HG3  sing N N 273 
PRO CD  HD2  sing N N 274 
PRO CD  HD3  sing N N 275 
PRO OXT HXT  sing N N 276 
SER N   CA   sing N N 277 
SER N   H    sing N N 278 
SER N   H2   sing N N 279 
SER CA  C    sing N N 280 
SER CA  CB   sing N N 281 
SER CA  HA   sing N N 282 
SER C   O    doub N N 283 
SER C   OXT  sing N N 284 
SER CB  OG   sing N N 285 
SER CB  HB2  sing N N 286 
SER CB  HB3  sing N N 287 
SER OG  HG   sing N N 288 
SER OXT HXT  sing N N 289 
THR N   CA   sing N N 290 
THR N   H    sing N N 291 
THR N   H2   sing N N 292 
THR CA  C    sing N N 293 
THR CA  CB   sing N N 294 
THR CA  HA   sing N N 295 
THR C   O    doub N N 296 
THR C   OXT  sing N N 297 
THR CB  OG1  sing N N 298 
THR CB  CG2  sing N N 299 
THR CB  HB   sing N N 300 
THR OG1 HG1  sing N N 301 
THR CG2 HG21 sing N N 302 
THR CG2 HG22 sing N N 303 
THR CG2 HG23 sing N N 304 
THR OXT HXT  sing N N 305 
TYR N   CA   sing N N 306 
TYR N   H    sing N N 307 
TYR N   H2   sing N N 308 
TYR CA  C    sing N N 309 
TYR CA  CB   sing N N 310 
TYR CA  HA   sing N N 311 
TYR C   O    doub N N 312 
TYR C   OXT  sing N N 313 
TYR CB  CG   sing N N 314 
TYR CB  HB2  sing N N 315 
TYR CB  HB3  sing N N 316 
TYR CG  CD1  doub Y N 317 
TYR CG  CD2  sing Y N 318 
TYR CD1 CE1  sing Y N 319 
TYR CD1 HD1  sing N N 320 
TYR CD2 CE2  doub Y N 321 
TYR CD2 HD2  sing N N 322 
TYR CE1 CZ   doub Y N 323 
TYR CE1 HE1  sing N N 324 
TYR CE2 CZ   sing Y N 325 
TYR CE2 HE2  sing N N 326 
TYR CZ  OH   sing N N 327 
TYR OH  HH   sing N N 328 
TYR OXT HXT  sing N N 329 
VAL N   CA   sing N N 330 
VAL N   H    sing N N 331 
VAL N   H2   sing N N 332 
VAL CA  C    sing N N 333 
VAL CA  CB   sing N N 334 
VAL CA  HA   sing N N 335 
VAL C   O    doub N N 336 
VAL C   OXT  sing N N 337 
VAL CB  CG1  sing N N 338 
VAL CB  CG2  sing N N 339 
VAL CB  HB   sing N N 340 
VAL CG1 HG11 sing N N 341 
VAL CG1 HG12 sing N N 342 
VAL CG1 HG13 sing N N 343 
VAL CG2 HG21 sing N N 344 
VAL CG2 HG22 sing N N 345 
VAL CG2 HG23 sing N N 346 
VAL OXT HXT  sing N N 347 
# 
_atom_sites.entry_id                    2GE7 
_atom_sites.fract_transf_matrix[1][1]   -0.02712748 
_atom_sites.fract_transf_matrix[1][2]   0.00278210 
_atom_sites.fract_transf_matrix[1][3]   -0.00074719 
_atom_sites.fract_transf_matrix[2][1]   0.00102756 
_atom_sites.fract_transf_matrix[2][2]   0.00630984 
_atom_sites.fract_transf_matrix[2][3]   -0.01381226 
_atom_sites.fract_transf_matrix[3][1]   -0.00089234 
_atom_sites.fract_transf_matrix[3][2]   -0.00993806 
_atom_sites.fract_transf_matrix[3][3]   -0.00460638 
_atom_sites.fract_transf_vector[1]      0.633492 
_atom_sites.fract_transf_vector[2]      0.944112 
_atom_sites.fract_transf_vector[3]      0.164839 
# 
loop_
_atom_type.symbol 
C 
N 
O 
S 
# 
loop_
_atom_site.group_PDB 
_atom_site.id 
_atom_site.type_symbol 
_atom_site.label_atom_id 
_atom_site.label_alt_id 
_atom_site.label_comp_id 
_atom_site.label_asym_id 
_atom_site.label_entity_id 
_atom_site.label_seq_id 
_atom_site.pdbx_PDB_ins_code 
_atom_site.Cartn_x 
_atom_site.Cartn_y 
_atom_site.Cartn_z 
_atom_site.occupancy 
_atom_site.B_iso_or_equiv 
_atom_site.pdbx_formal_charge 
_atom_site.auth_seq_id 
_atom_site.auth_comp_id 
_atom_site.auth_asym_id 
_atom_site.auth_atom_id 
_atom_site.pdbx_PDB_model_num 
ATOM   1    N N   . ARG A 1 1   ? -1.284  2.460   15.286  1.00 25.61 ? 8   ARG A N   1 
ATOM   2    C CA  . ARG A 1 1   ? -2.248  2.844   14.205  1.00 26.55 ? 8   ARG A CA  1 
ATOM   3    C C   . ARG A 1 1   ? -2.780  1.539   13.599  1.00 24.09 ? 8   ARG A C   1 
ATOM   4    O O   . ARG A 1 1   ? -2.067  0.559   13.502  1.00 24.45 ? 8   ARG A O   1 
ATOM   5    C CB  . ARG A 1 1   ? -1.557  3.710   13.118  1.00 26.20 ? 8   ARG A CB  1 
ATOM   6    C CG  . ARG A 1 1   ? -1.573  5.212   13.444  1.00 30.30 ? 8   ARG A CG  1 
ATOM   7    C CD  . ARG A 1 1   ? -0.785  6.147   12.485  1.00 27.94 ? 8   ARG A CD  1 
ATOM   8    N NE  . ARG A 1 1   ? -0.385  7.376   13.215  1.00 34.01 ? 8   ARG A NE  1 
ATOM   9    C CZ  . ARG A 1 1   ? -1.229  8.325   13.639  1.00 34.14 ? 8   ARG A CZ  1 
ATOM   10   N NH1 . ARG A 1 1   ? -0.758  9.397   14.318  1.00 31.91 ? 8   ARG A NH1 1 
ATOM   11   N NH2 . ARG A 1 1   ? -2.543  8.199   13.395  1.00 32.78 ? 8   ARG A NH2 1 
ATOM   12   N N   . TYR A 1 2   ? -4.052  1.539   13.253  1.00 23.40 ? 9   TYR A N   1 
ATOM   13   C CA  . TYR A 1 2   ? -4.664  0.476   12.451  1.00 22.52 ? 9   TYR A CA  1 
ATOM   14   C C   . TYR A 1 2   ? -3.736  0.082   11.266  1.00 21.62 ? 9   TYR A C   1 
ATOM   15   O O   . TYR A 1 2   ? -3.537  -1.117  10.999  1.00 20.98 ? 9   TYR A O   1 
ATOM   16   C CB  . TYR A 1 2   ? -6.038  0.954   11.944  1.00 21.35 ? 9   TYR A CB  1 
ATOM   17   C CG  . TYR A 1 2   ? -6.779  -0.019  11.047  1.00 21.55 ? 9   TYR A CG  1 
ATOM   18   C CD1 . TYR A 1 2   ? -7.515  -1.085  11.586  1.00 21.69 ? 9   TYR A CD1 1 
ATOM   19   C CD2 . TYR A 1 2   ? -6.737  0.114   9.638   1.00 22.43 ? 9   TYR A CD2 1 
ATOM   20   C CE1 . TYR A 1 2   ? -8.209  -2.018  10.756  1.00 22.03 ? 9   TYR A CE1 1 
ATOM   21   C CE2 . TYR A 1 2   ? -7.431  -0.809  8.784   1.00 22.66 ? 9   TYR A CE2 1 
ATOM   22   C CZ  . TYR A 1 2   ? -8.167  -1.881  9.365   1.00 23.22 ? 9   TYR A CZ  1 
ATOM   23   O OH  . TYR A 1 2   ? -8.897  -2.754  8.542   1.00 24.35 ? 9   TYR A OH  1 
ATOM   24   N N   . CYS A 1 3   ? -3.182  1.075   10.563  1.00 18.82 ? 10  CYS A N   1 
ATOM   25   C CA  . CYS A 1 3   ? -2.430  0.767   9.325   1.00 18.06 ? 10  CYS A CA  1 
ATOM   26   C C   . CYS A 1 3   ? -1.175  -0.032  9.654   1.00 17.97 ? 10  CYS A C   1 
ATOM   27   O O   . CYS A 1 3   ? -0.534  -0.625  8.754   1.00 16.92 ? 10  CYS A O   1 
ATOM   28   C CB  . CYS A 1 3   ? -2.095  2.064   8.555   1.00 15.94 ? 10  CYS A CB  1 
ATOM   29   S SG  . CYS A 1 3   ? -0.884  3.087   9.389   1.00 18.03 ? 10  CYS A SG  1 
ATOM   30   N N   . LYS A 1 4   ? -0.838  -0.089  10.945  1.00 17.79 ? 11  LYS A N   1 
ATOM   31   C CA  . LYS A 1 4   ? 0.391   -0.818  11.390  1.00 17.99 ? 11  LYS A CA  1 
ATOM   32   C C   . LYS A 1 4   ? 0.081   -2.194  12.027  1.00 18.83 ? 11  LYS A C   1 
ATOM   33   O O   . LYS A 1 4   ? 1.000   -2.900  12.447  1.00 21.03 ? 11  LYS A O   1 
ATOM   34   C CB  . LYS A 1 4   ? 1.231   0.002   12.387  1.00 17.14 ? 11  LYS A CB  1 
ATOM   35   C CG  . LYS A 1 4   ? 1.931   1.220   11.760  1.00 17.21 ? 11  LYS A CG  1 
ATOM   36   C CD  . LYS A 1 4   ? 2.768   0.886   10.457  1.00 15.10 ? 11  LYS A CD  1 
ATOM   37   C CE  . LYS A 1 4   ? 3.747   2.070   10.029  1.00 16.91 ? 11  LYS A CE  1 
ATOM   38   N NZ  . LYS A 1 4   ? 4.381   1.920   8.598   1.00 17.16 ? 11  LYS A NZ  1 
ATOM   39   N N   . ARG A 1 5   ? -1.167  -2.603  12.096  1.00 18.40 ? 12  ARG A N   1 
ATOM   40   C CA  . ARG A 1 5   ? -1.457  -3.870  12.724  1.00 20.99 ? 12  ARG A CA  1 
ATOM   41   C C   . ARG A 1 5   ? -0.898  -5.004  11.864  1.00 21.09 ? 12  ARG A C   1 
ATOM   42   O O   . ARG A 1 5   ? -0.700  -4.829  10.684  1.00 20.11 ? 12  ARG A O   1 
ATOM   43   C CB  . ARG A 1 5   ? -2.954  -4.063  12.895  1.00 20.70 ? 12  ARG A CB  1 
ATOM   44   C CG  . ARG A 1 5   ? -3.679  -3.057  13.803  1.00 24.39 ? 12  ARG A CG  1 
ATOM   45   C CD  . ARG A 1 5   ? -5.199  -3.319  13.691  1.00 25.14 ? 12  ARG A CD  1 
ATOM   46   N NE  . ARG A 1 5   ? -5.912  -2.535  14.698  1.00 29.80 ? 12  ARG A NE  1 
ATOM   47   C CZ  . ARG A 1 5   ? -7.198  -2.668  15.006  1.00 31.67 ? 12  ARG A CZ  1 
ATOM   48   N NH1 . ARG A 1 5   ? -7.947  -3.598  14.436  1.00 31.26 ? 12  ARG A NH1 1 
ATOM   49   N NH2 . ARG A 1 5   ? -7.728  -1.875  15.935  1.00 32.29 ? 12  ARG A NH2 1 
ATOM   50   N N   . THR A 1 6   ? -0.606  -6.146  12.496  1.00 21.87 ? 13  THR A N   1 
ATOM   51   C CA  . THR A 1 6   ? -0.185  -7.389  11.844  1.00 22.73 ? 13  THR A CA  1 
ATOM   52   C C   . THR A 1 6   ? -1.038  -8.488  12.515  1.00 22.04 ? 13  THR A C   1 
ATOM   53   O O   . THR A 1 6   ? -1.640  -8.258  13.589  1.00 22.31 ? 13  THR A O   1 
ATOM   54   C CB  . THR A 1 6   ? 1.322   -7.742  12.105  1.00 23.01 ? 13  THR A CB  1 
ATOM   55   O OG1 . THR A 1 6   ? 1.583   -7.719  13.519  1.00 27.46 ? 13  THR A OG1 1 
ATOM   56   C CG2 . THR A 1 6   ? 2.271   -6.761  11.456  1.00 22.27 ? 13  THR A CG2 1 
ATOM   57   N N   . ILE A 1 7   ? -1.079  -9.655  11.873  1.00 20.88 ? 14  ILE A N   1 
ATOM   58   C CA  . ILE A 1 7   ? -1.881  -10.787 12.288  1.00 19.84 ? 14  ILE A CA  1 
ATOM   59   C C   . ILE A 1 7   ? -0.964  -11.815 12.929  1.00 20.66 ? 14  ILE A C   1 
ATOM   60   O O   . ILE A 1 7   ? -0.239  -12.463 12.221  1.00 18.61 ? 14  ILE A O   1 
ATOM   61   C CB  . ILE A 1 7   ? -2.579  -11.540 11.097  1.00 20.43 ? 14  ILE A CB  1 
ATOM   62   C CG1 . ILE A 1 7   ? -3.191  -10.589 10.079  1.00 21.65 ? 14  ILE A CG1 1 
ATOM   63   C CG2 . ILE A 1 7   ? -3.738  -12.318 11.622  1.00 18.09 ? 14  ILE A CG2 1 
ATOM   64   C CD1 . ILE A 1 7   ? -4.137  -11.304 9.074   1.00 21.01 ? 14  ILE A CD1 1 
ATOM   65   N N   . PRO A 1 8   ? -1.036  -11.981 14.272  1.00 21.35 ? 15  PRO A N   1 
ATOM   66   C CA  . PRO A 1 8   ? -0.327  -13.086 14.946  1.00 21.98 ? 15  PRO A CA  1 
ATOM   67   C C   . PRO A 1 8   ? -0.948  -14.477 14.658  1.00 22.30 ? 15  PRO A C   1 
ATOM   68   O O   . PRO A 1 8   ? -2.131  -14.574 14.248  1.00 19.57 ? 15  PRO A O   1 
ATOM   69   C CB  . PRO A 1 8   ? -0.509  -12.755 16.458  1.00 22.49 ? 15  PRO A CB  1 
ATOM   70   C CG  . PRO A 1 8   ? -0.965  -11.367 16.538  1.00 21.72 ? 15  PRO A CG  1 
ATOM   71   C CD  . PRO A 1 8   ? -1.754  -11.126 15.247  1.00 21.24 ? 15  PRO A CD  1 
ATOM   72   N N   . PRO A 1 9   ? -0.181  -15.562 14.942  1.00 23.46 ? 16  PRO A N   1 
ATOM   73   C CA  . PRO A 1 9   ? -0.752  -16.901 14.841  1.00 23.95 ? 16  PRO A CA  1 
ATOM   74   C C   . PRO A 1 9   ? -2.043  -17.025 15.644  1.00 25.20 ? 16  PRO A C   1 
ATOM   75   O O   . PRO A 1 9   ? -2.117  -16.498 16.763  1.00 25.40 ? 16  PRO A O   1 
ATOM   76   C CB  . PRO A 1 9   ? 0.336   -17.781 15.466  1.00 24.01 ? 16  PRO A CB  1 
ATOM   77   C CG  . PRO A 1 9   ? 1.661   -17.027 15.190  1.00 25.39 ? 16  PRO A CG  1 
ATOM   78   C CD  . PRO A 1 9   ? 1.225   -15.594 15.438  1.00 24.40 ? 16  PRO A CD  1 
ATOM   79   N N   . GLY A 1 10  ? -3.064  -17.697 15.096  1.00 26.89 ? 17  GLY A N   1 
ATOM   80   C CA  . GLY A 1 10  ? -4.284  -17.870 15.877  1.00 27.25 ? 17  GLY A CA  1 
ATOM   81   C C   . GLY A 1 10  ? -5.186  -16.637 16.001  1.00 28.34 ? 17  GLY A C   1 
ATOM   82   O O   . GLY A 1 10  ? -6.103  -16.566 16.888  1.00 25.65 ? 17  GLY A O   1 
ATOM   83   N N   . TYR A 1 11  ? -4.962  -15.684 15.086  1.00 26.04 ? 18  TYR A N   1 
ATOM   84   C CA  . TYR A 1 11  ? -6.033  -14.746 14.744  1.00 25.17 ? 18  TYR A CA  1 
ATOM   85   C C   . TYR A 1 11  ? -6.562  -15.003 13.357  1.00 22.61 ? 18  TYR A C   1 
ATOM   86   O O   . TYR A 1 11  ? -5.795  -15.349 12.445  1.00 22.00 ? 18  TYR A O   1 
ATOM   87   C CB  . TYR A 1 11  ? -5.557  -13.321 14.872  1.00 26.80 ? 18  TYR A CB  1 
ATOM   88   C CG  . TYR A 1 11  ? -5.391  -12.863 16.301  1.00 30.05 ? 18  TYR A CG  1 
ATOM   89   C CD1 . TYR A 1 11  ? -4.229  -13.178 17.021  1.00 34.23 ? 18  TYR A CD1 1 
ATOM   90   C CD2 . TYR A 1 11  ? -6.377  -12.097 16.927  1.00 33.57 ? 18  TYR A CD2 1 
ATOM   91   C CE1 . TYR A 1 11  ? -4.032  -12.735 18.314  1.00 35.18 ? 18  TYR A CE1 1 
ATOM   92   C CE2 . TYR A 1 11  ? -6.201  -11.632 18.238  1.00 36.37 ? 18  TYR A CE2 1 
ATOM   93   C CZ  . TYR A 1 11  ? -5.025  -11.962 18.931  1.00 36.04 ? 18  TYR A CZ  1 
ATOM   94   O OH  . TYR A 1 11  ? -4.837  -11.546 20.255  1.00 37.29 ? 18  TYR A OH  1 
ATOM   95   N N   . LYS A 1 12  ? -7.881  -14.877 13.224  1.00 20.01 ? 19  LYS A N   1 
ATOM   96   C CA  . LYS A 1 12  ? -8.536  -14.812 11.938  1.00 19.51 ? 19  LYS A CA  1 
ATOM   97   C C   . LYS A 1 12  ? -8.281  -13.451 11.371  1.00 18.27 ? 19  LYS A C   1 
ATOM   98   O O   . LYS A 1 12  ? -8.050  -12.518 12.124  1.00 16.24 ? 19  LYS A O   1 
ATOM   99   C CB  . LYS A 1 12  ? -10.046 -15.007 12.075  1.00 19.44 ? 19  LYS A CB  1 
ATOM   100  C CG  . LYS A 1 12  ? -10.350 -16.453 12.454  1.00 23.86 ? 19  LYS A CG  1 
ATOM   101  C CD  . LYS A 1 12  ? -11.733 -16.646 13.022  1.00 30.59 ? 19  LYS A CD  1 
ATOM   102  C CE  . LYS A 1 12  ? -11.757 -17.970 13.900  1.00 38.72 ? 19  LYS A CE  1 
ATOM   103  N NZ  . LYS A 1 12  ? -11.199 -17.838 15.357  1.00 43.33 ? 19  LYS A NZ  1 
ATOM   104  N N   . VAL A 1 13  ? -8.338  -13.343 10.049  1.00 17.64 ? 20  VAL A N   1 
ATOM   105  C CA  . VAL A 1 13  ? -8.083  -12.075 9.405   1.00 15.93 ? 20  VAL A CA  1 
ATOM   106  C C   . VAL A 1 13  ? -9.115  -11.051 9.928   1.00 17.91 ? 20  VAL A C   1 
ATOM   107  O O   . VAL A 1 13  ? -8.779  -9.858  10.167  1.00 15.29 ? 20  VAL A O   1 
ATOM   108  C CB  . VAL A 1 13  ? -8.187  -12.167 7.856   1.00 16.39 ? 20  VAL A CB  1 
ATOM   109  C CG1 . VAL A 1 13  ? -8.034  -10.780 7.291   1.00 14.08 ? 20  VAL A CG1 1 
ATOM   110  C CG2 . VAL A 1 13  ? -7.103  -13.103 7.261   1.00 12.93 ? 20  VAL A CG2 1 
ATOM   111  N N   . ASP A 1 14  ? -10.371 -11.502 10.085  1.00 18.49 ? 21  ASP A N   1 
ATOM   112  C CA  . ASP A 1 14  ? -11.423 -10.528 10.444  1.00 21.36 ? 21  ASP A CA  1 
ATOM   113  C C   . ASP A 1 14  ? -11.360 -10.061 11.913  1.00 21.40 ? 21  ASP A C   1 
ATOM   114  O O   . ASP A 1 14  ? -12.011 -9.097  12.273  1.00 22.73 ? 21  ASP A O   1 
ATOM   115  C CB  . ASP A 1 14  ? -12.850 -10.955 10.029  1.00 21.44 ? 21  ASP A CB  1 
ATOM   116  C CG  . ASP A 1 14  ? -13.290 -12.293 10.616  1.00 27.66 ? 21  ASP A CG  1 
ATOM   117  O OD1 . ASP A 1 14  ? -12.612 -12.817 11.501  1.00 34.69 ? 21  ASP A OD1 1 
ATOM   118  O OD2 . ASP A 1 14  ? -14.349 -12.834 10.190  1.00 31.43 ? 21  ASP A OD2 1 
ATOM   119  N N   . GLN A 1 15  ? -10.593 -10.750 12.733  1.00 20.50 ? 22  GLN A N   1 
ATOM   120  C CA  . GLN A 1 15  ? -10.306 -10.305 14.105  1.00 20.92 ? 22  GLN A CA  1 
ATOM   121  C C   . GLN A 1 15  ? -9.343  -9.119  14.147  1.00 21.78 ? 22  GLN A C   1 
ATOM   122  O O   . GLN A 1 15  ? -9.157  -8.446  15.209  1.00 22.40 ? 22  GLN A O   1 
ATOM   123  C CB  . GLN A 1 15  ? -9.758  -11.469 14.932  1.00 21.11 ? 22  GLN A CB  1 
ATOM   124  C CG  . GLN A 1 15  ? -10.849 -12.522 15.157  1.00 23.83 ? 22  GLN A CG  1 
ATOM   125  C CD  . GLN A 1 15  ? -10.442 -13.700 15.975  1.00 25.90 ? 22  GLN A CD  1 
ATOM   126  O OE1 . GLN A 1 15  ? -9.372  -14.246 15.822  1.00 25.58 ? 22  GLN A OE1 1 
ATOM   127  N NE2 . GLN A 1 15  ? -11.342 -14.126 16.853  1.00 34.01 ? 22  GLN A NE2 1 
ATOM   128  N N   . VAL A 1 16  ? -8.714  -8.847  13.009  1.00 20.05 ? 23  VAL A N   1 
ATOM   129  C CA  . VAL A 1 16  ? -7.712  -7.799  12.941  1.00 18.33 ? 23  VAL A CA  1 
ATOM   130  C C   . VAL A 1 16  ? -8.110  -6.735  11.955  1.00 19.45 ? 23  VAL A C   1 
ATOM   131  O O   . VAL A 1 16  ? -7.963  -5.549  12.288  1.00 20.17 ? 23  VAL A O   1 
ATOM   132  C CB  . VAL A 1 16  ? -6.303  -8.350  12.619  1.00 18.60 ? 23  VAL A CB  1 
ATOM   133  C CG1 . VAL A 1 16  ? -5.247  -7.257  12.708  1.00 18.99 ? 23  VAL A CG1 1 
ATOM   134  C CG2 . VAL A 1 16  ? -5.955  -9.516  13.604  1.00 18.58 ? 23  VAL A CG2 1 
ATOM   135  N N   . PHE A 1 17  ? -8.592  -7.137  10.765  1.00 16.53 ? 24  PHE A N   1 
ATOM   136  C CA  . PHE A 1 17  ? -8.884  -6.196  9.691   1.00 16.76 ? 24  PHE A CA  1 
ATOM   137  C C   . PHE A 1 17  ? -10.325 -6.199  9.254   1.00 17.63 ? 24  PHE A C   1 
ATOM   138  O O   . PHE A 1 17  ? -10.627 -5.670  8.215   1.00 19.50 ? 24  PHE A O   1 
ATOM   139  C CB  . PHE A 1 17  ? -7.965  -6.447  8.474   1.00 15.39 ? 24  PHE A CB  1 
ATOM   140  C CG  . PHE A 1 17  ? -6.512  -6.222  8.800   1.00 14.93 ? 24  PHE A CG  1 
ATOM   141  C CD1 . PHE A 1 17  ? -5.643  -7.276  8.946   1.00 14.51 ? 24  PHE A CD1 1 
ATOM   142  C CD2 . PHE A 1 17  ? -6.046  -4.905  8.965   1.00 10.39 ? 24  PHE A CD2 1 
ATOM   143  C CE1 . PHE A 1 17  ? -4.258  -7.043  9.244   1.00 15.56 ? 24  PHE A CE1 1 
ATOM   144  C CE2 . PHE A 1 17  ? -4.749  -4.688  9.270   1.00 10.95 ? 24  PHE A CE2 1 
ATOM   145  C CZ  . PHE A 1 17  ? -3.837  -5.745  9.425   1.00 11.35 ? 24  PHE A CZ  1 
ATOM   146  N N   . GLY A 1 18  ? -11.233 -6.715  10.067  1.00 19.30 ? 25  GLY A N   1 
ATOM   147  C CA  . GLY A 1 18  ? -12.652 -6.551  9.728   1.00 20.38 ? 25  GLY A CA  1 
ATOM   148  C C   . GLY A 1 18  ? -13.198 -7.687  8.858   1.00 20.79 ? 25  GLY A C   1 
ATOM   149  O O   . GLY A 1 18  ? -12.426 -8.371  8.155   1.00 18.26 ? 25  GLY A O   1 
ATOM   150  N N   . PRO A 1 19  ? -14.560 -7.855  8.848   1.00 20.59 ? 26  PRO A N   1 
ATOM   151  C CA  . PRO A 1 19  ? -15.187 -8.821  7.937   1.00 19.58 ? 26  PRO A CA  1 
ATOM   152  C C   . PRO A 1 19  ? -14.659 -8.692  6.479   1.00 18.77 ? 26  PRO A C   1 
ATOM   153  O O   . PRO A 1 19  ? -14.377 -7.582  5.982   1.00 18.98 ? 26  PRO A O   1 
ATOM   154  C CB  . PRO A 1 19  ? -16.704 -8.512  8.061   1.00 19.88 ? 26  PRO A CB  1 
ATOM   155  C CG  . PRO A 1 19  ? -16.841 -7.855  9.432   1.00 21.28 ? 26  PRO A CG  1 
ATOM   156  C CD  . PRO A 1 19  ? -15.550 -7.068  9.619   1.00 19.92 ? 26  PRO A CD  1 
ATOM   157  N N   . ARG A 1 20  ? -14.405 -9.836  5.851   1.00 17.43 ? 27  ARG A N   1 
ATOM   158  C CA  . ARG A 1 20  ? -14.151 -9.879  4.440   1.00 16.67 ? 27  ARG A CA  1 
ATOM   159  C C   . ARG A 1 20  ? -15.359 -9.361  3.655   1.00 17.88 ? 27  ARG A C   1 
ATOM   160  O O   . ARG A 1 20  ? -16.505 -9.697  3.986   1.00 16.27 ? 27  ARG A O   1 
ATOM   161  C CB  . ARG A 1 20  ? -13.842 -11.316 4.022   1.00 16.99 ? 27  ARG A CB  1 
ATOM   162  C CG  . ARG A 1 20  ? -12.660 -11.925 4.747   1.00 16.98 ? 27  ARG A CG  1 
ATOM   163  C CD  . ARG A 1 20  ? -11.316 -11.153 4.586   1.00 16.46 ? 27  ARG A CD  1 
ATOM   164  N NE  . ARG A 1 20  ? -11.203 -9.991  5.472   1.00 12.14 ? 27  ARG A NE  1 
ATOM   165  C CZ  . ARG A 1 20  ? -10.333 -8.969  5.307   1.00 19.98 ? 27  ARG A CZ  1 
ATOM   166  N NH1 . ARG A 1 20  ? -9.485  -8.945  4.277   1.00 10.77 ? 27  ARG A NH1 1 
ATOM   167  N NH2 . ARG A 1 20  ? -10.294 -7.959  6.200   1.00 12.69 ? 27  ARG A NH2 1 
ATOM   168  N N   . THR A 1 21  ? -15.088 -8.573  2.605   1.00 16.86 ? 28  THR A N   1 
ATOM   169  C CA  . THR A 1 21  ? -16.126 -7.878  1.843   1.00 18.51 ? 28  THR A CA  1 
ATOM   170  C C   . THR A 1 21  ? -15.972 -8.204  0.387   1.00 18.54 ? 28  THR A C   1 
ATOM   171  O O   . THR A 1 21  ? -15.072 -8.969  -0.005  1.00 17.39 ? 28  THR A O   1 
ATOM   172  C CB  . THR A 1 21  ? -15.954 -6.375  1.947   1.00 18.07 ? 28  THR A CB  1 
ATOM   173  O OG1 . THR A 1 21  ? -14.698 -6.063  1.359   1.00 19.31 ? 28  THR A OG1 1 
ATOM   174  C CG2 . THR A 1 21  ? -15.925 -5.922  3.461   1.00 18.31 ? 28  THR A CG2 1 
ATOM   175  N N   . LYS A 1 22  ? -16.830 -7.597  -0.415  1.00 20.34 ? 29  LYS A N   1 
ATOM   176  C CA  . LYS A 1 22  ? -16.738 -7.676  -1.859  1.00 21.05 ? 29  LYS A CA  1 
ATOM   177  C C   . LYS A 1 22  ? -16.634 -6.274  -2.432  1.00 22.40 ? 29  LYS A C   1 
ATOM   178  O O   . LYS A 1 22  ? -17.478 -5.417  -2.138  1.00 21.92 ? 29  LYS A O   1 
ATOM   179  C CB  . LYS A 1 22  ? -17.987 -8.362  -2.416  1.00 22.67 ? 29  LYS A CB  1 
ATOM   180  C CG  . LYS A 1 22  ? -18.182 -9.789  -1.880  1.00 21.06 ? 29  LYS A CG  1 
ATOM   181  C CD  . LYS A 1 22  ? -19.295 -10.471 -2.669  1.00 23.11 ? 29  LYS A CD  1 
ATOM   182  C CE  . LYS A 1 22  ? -19.230 -11.957 -2.427  1.00 23.28 ? 29  LYS A CE  1 
ATOM   183  N NZ  . LYS A 1 22  ? -20.611 -12.522 -2.749  1.00 25.02 ? 29  LYS A NZ  1 
ATOM   184  N N   . GLY A 1 23  ? -15.628 -6.019  -3.238  1.00 20.50 ? 30  GLY A N   1 
ATOM   185  C CA  . GLY A 1 23  ? -15.575 -4.718  -3.905  1.00 22.31 ? 30  GLY A CA  1 
ATOM   186  C C   . GLY A 1 23  ? -15.336 -3.522  -2.997  1.00 22.47 ? 30  GLY A C   1 
ATOM   187  O O   . GLY A 1 23  ? -15.547 -2.377  -3.439  1.00 22.09 ? 30  GLY A O   1 
ATOM   188  N N   . LYS A 1 24  ? -14.899 -3.749  -1.742  1.00 20.16 ? 31  LYS A N   1 
ATOM   189  C CA  . LYS A 1 24  ? -14.652 -2.633  -0.826  1.00 20.68 ? 31  LYS A CA  1 
ATOM   190  C C   . LYS A 1 24  ? -13.340 -2.933  -0.154  1.00 18.52 ? 31  LYS A C   1 
ATOM   191  O O   . LYS A 1 24  ? -12.777 -4.019  -0.348  1.00 18.81 ? 31  LYS A O   1 
ATOM   192  C CB  . LYS A 1 24  ? -15.733 -2.577  0.307   1.00 19.67 ? 31  LYS A CB  1 
ATOM   193  C CG  . LYS A 1 24  ? -17.179 -2.514  -0.087  1.00 23.48 ? 31  LYS A CG  1 
ATOM   194  C CD  . LYS A 1 24  ? -17.959 -2.703  1.264   1.00 25.71 ? 31  LYS A CD  1 
ATOM   195  C CE  . LYS A 1 24  ? -19.473 -3.209  1.103   1.00 32.65 ? 31  LYS A CE  1 
ATOM   196  N NZ  . LYS A 1 24  ? -19.913 -3.945  2.378   1.00 33.70 ? 31  LYS A NZ  1 
ATOM   197  N N   . GLU A 1 25  ? -12.929 -2.068  0.769   1.00 16.78 ? 32  GLU A N   1 
ATOM   198  C CA  . GLU A 1 25  ? -11.790 -2.364  1.609   1.00 16.27 ? 32  GLU A CA  1 
ATOM   199  C C   . GLU A 1 25  ? -12.011 -3.657  2.384   1.00 15.13 ? 32  GLU A C   1 
ATOM   200  O O   . GLU A 1 25  ? -13.130 -3.928  2.858   1.00 15.04 ? 32  GLU A O   1 
ATOM   201  C CB  . GLU A 1 25  ? -11.616 -1.239  2.628   1.00 17.33 ? 32  GLU A CB  1 
ATOM   202  C CG  . GLU A 1 25  ? -11.014 0.011   2.057   1.00 21.72 ? 32  GLU A CG  1 
ATOM   203  C CD  . GLU A 1 25  ? -11.331 1.194   3.004   1.00 32.65 ? 32  GLU A CD  1 
ATOM   204  O OE1 . GLU A 1 25  ? -12.522 1.622   3.042   1.00 36.80 ? 32  GLU A OE1 1 
ATOM   205  O OE2 . GLU A 1 25  ? -10.425 1.651   3.736   1.00 31.19 ? 32  GLU A OE2 1 
ATOM   206  N N   . GLY A 1 26  ? -10.955 -4.422  2.584   1.00 12.78 ? 33  GLY A N   1 
ATOM   207  C CA  . GLY A 1 26  ? -11.108 -5.688  3.284   1.00 12.34 ? 33  GLY A CA  1 
ATOM   208  C C   . GLY A 1 26  ? -11.625 -6.829  2.378   1.00 11.53 ? 33  GLY A C   1 
ATOM   209  O O   . GLY A 1 26  ? -12.121 -7.835  2.854   1.00 12.35 ? 33  GLY A O   1 
ATOM   210  N N   . ASN A 1 27  ? -11.435 -6.731  1.083   1.00 12.29 ? 34  ASN A N   1 
ATOM   211  C CA  . ASN A 1 27  ? -12.057 -7.684  0.198   1.00 13.07 ? 34  ASN A CA  1 
ATOM   212  C C   . ASN A 1 27  ? -11.199 -8.939  -0.100  1.00 13.52 ? 34  ASN A C   1 
ATOM   213  O O   . ASN A 1 27  ? -11.669 -9.860  -0.764  1.00 15.13 ? 34  ASN A O   1 
ATOM   214  C CB  . ASN A 1 27  ? -12.505 -7.033  -1.102  1.00 12.51 ? 34  ASN A CB  1 
ATOM   215  C CG  . ASN A 1 27  ? -11.374 -6.613  -1.950  1.00 15.63 ? 34  ASN A CG  1 
ATOM   216  O OD1 . ASN A 1 27  ? -10.355 -6.173  -1.457  1.00 14.30 ? 34  ASN A OD1 1 
ATOM   217  N ND2 . ASN A 1 27  ? -11.550 -6.720  -3.241  1.00 14.39 ? 34  ASN A ND2 1 
ATOM   218  N N   . PHE A 1 28  ? -9.941  -8.929  0.335   1.00 13.15 ? 35  PHE A N   1 
ATOM   219  C CA  . PHE A 1 28  ? -9.031  -10.057 0.056   1.00 12.15 ? 35  PHE A CA  1 
ATOM   220  C C   . PHE A 1 28  ? -9.130  -11.151 1.075   1.00 11.80 ? 35  PHE A C   1 
ATOM   221  O O   . PHE A 1 28  ? -8.830  -10.940 2.266   1.00 11.78 ? 35  PHE A O   1 
ATOM   222  C CB  . PHE A 1 28  ? -7.595  -9.571  -0.014  1.00 11.60 ? 35  PHE A CB  1 
ATOM   223  C CG  . PHE A 1 28  ? -6.663  -10.589 -0.745  1.00 14.93 ? 35  PHE A CG  1 
ATOM   224  C CD1 . PHE A 1 28  ? -6.464  -10.502 -2.128  1.00 13.08 ? 35  PHE A CD1 1 
ATOM   225  C CD2 . PHE A 1 28  ? -6.051  -11.630 -0.019  1.00 14.04 ? 35  PHE A CD2 1 
ATOM   226  C CE1 . PHE A 1 28  ? -5.633  -11.436 -2.839  1.00 10.52 ? 35  PHE A CE1 1 
ATOM   227  C CE2 . PHE A 1 28  ? -5.301  -12.611 -0.687  1.00 16.46 ? 35  PHE A CE2 1 
ATOM   228  C CZ  . PHE A 1 28  ? -5.078  -12.503 -2.089  1.00 10.62 ? 35  PHE A CZ  1 
ATOM   229  N N   . GLY A 1 29  ? -9.557  -12.336 0.640   1.00 11.95 ? 36  GLY A N   1 
ATOM   230  C CA  . GLY A 1 29  ? -9.472  -13.551 1.442   1.00 12.60 ? 36  GLY A CA  1 
ATOM   231  C C   . GLY A 1 29  ? -10.770 -14.328 1.385   1.00 15.20 ? 36  GLY A C   1 
ATOM   232  O O   . GLY A 1 29  ? -11.868 -13.743 1.615   1.00 17.36 ? 36  GLY A O   1 
ATOM   233  N N   . ASP A 1 30  ? -10.678 -15.631 1.092   1.00 14.35 ? 37  ASP A N   1 
ATOM   234  C CA  . ASP A 1 30  ? -11.817 -16.471 1.097   1.00 15.35 ? 37  ASP A CA  1 
ATOM   235  C C   . ASP A 1 30  ? -11.987 -16.979 2.560   1.00 15.98 ? 37  ASP A C   1 
ATOM   236  O O   . ASP A 1 30  ? -11.205 -16.593 3.446   1.00 16.65 ? 37  ASP A O   1 
ATOM   237  C CB  . ASP A 1 30  ? -11.766 -17.556 0.003   1.00 15.73 ? 37  ASP A CB  1 
ATOM   238  C CG  . ASP A 1 30  ? -10.579 -18.550 0.156   1.00 17.47 ? 37  ASP A CG  1 
ATOM   239  O OD1 . ASP A 1 30  ? -10.026 -18.740 1.282   1.00 17.80 ? 37  ASP A OD1 1 
ATOM   240  O OD2 . ASP A 1 30  ? -10.207 -19.164 -0.886  1.00 18.34 ? 37  ASP A OD2 1 
ATOM   241  N N   . ASP A 1 31  ? -12.984 -17.810 2.838   1.00 14.85 ? 38  ASP A N   1 
ATOM   242  C CA  . ASP A 1 31  ? -13.248 -18.215 4.205   1.00 15.83 ? 38  ASP A CA  1 
ATOM   243  C C   . ASP A 1 31  ? -12.127 -19.009 4.819   1.00 15.16 ? 38  ASP A C   1 
ATOM   244  O O   . ASP A 1 31  ? -11.983 -19.058 6.034   1.00 14.36 ? 38  ASP A O   1 
ATOM   245  C CB  . ASP A 1 31  ? -14.543 -19.052 4.260   1.00 16.84 ? 38  ASP A CB  1 
ATOM   246  C CG  . ASP A 1 31  ? -15.783 -18.227 3.869   1.00 22.70 ? 38  ASP A CG  1 
ATOM   247  O OD1 . ASP A 1 31  ? -15.654 -16.981 3.607   1.00 22.97 ? 38  ASP A OD1 1 
ATOM   248  O OD2 . ASP A 1 31  ? -16.869 -18.840 3.789   1.00 25.88 ? 38  ASP A OD2 1 
ATOM   249  N N   . LYS A 1 32  ? -11.356 -19.692 3.984   1.00 14.97 ? 39  LYS A N   1 
ATOM   250  C CA  . LYS A 1 32  ? -10.254 -20.539 4.492   1.00 15.23 ? 39  LYS A CA  1 
ATOM   251  C C   . LYS A 1 32  ? -9.082  -19.660 4.868   1.00 14.70 ? 39  LYS A C   1 
ATOM   252  O O   . LYS A 1 32  ? -8.519  -19.798 5.936   1.00 14.75 ? 39  LYS A O   1 
ATOM   253  C CB  . LYS A 1 32  ? -9.866  -21.561 3.441   1.00 15.48 ? 39  LYS A CB  1 
ATOM   254  C CG  . LYS A 1 32  ? -8.646  -22.314 3.817   1.00 18.99 ? 39  LYS A CG  1 
ATOM   255  C CD  . LYS A 1 32  ? -8.345  -23.325 2.752   1.00 20.36 ? 39  LYS A CD  1 
ATOM   256  C CE  . LYS A 1 32  ? -6.874  -23.187 2.365   1.00 31.14 ? 39  LYS A CE  1 
ATOM   257  N NZ  . LYS A 1 32  ? -5.986  -23.940 3.295   1.00 37.98 ? 39  LYS A NZ  1 
ATOM   258  N N   . MET A 1 33  ? -8.760  -18.692 4.007   1.00 14.54 ? 40  MET A N   1 
ATOM   259  C CA  . MET A 1 33  ? -7.794  -17.632 4.391   1.00 14.24 ? 40  MET A CA  1 
ATOM   260  C C   . MET A 1 33  ? -8.224  -16.893 5.675   1.00 14.66 ? 40  MET A C   1 
ATOM   261  O O   . MET A 1 33  ? -7.400  -16.653 6.573   1.00 14.36 ? 40  MET A O   1 
ATOM   262  C CB  . MET A 1 33  ? -7.606  -16.579 3.243   1.00 15.97 ? 40  MET A CB  1 
ATOM   263  C CG  . MET A 1 33  ? -6.379  -15.641 3.476   1.00 14.51 ? 40  MET A CG  1 
ATOM   264  S SD  . MET A 1 33  ? -5.847  -14.794 1.932   1.00 9.72  ? 40  MET A SD  1 
ATOM   265  C CE  . MET A 1 33  ? -4.971  -16.081 1.050   1.00 19.74 ? 40  MET A CE  1 
ATOM   266  N N   . ASN A 1 34  ? -9.493  -16.480 5.760   1.00 15.29 ? 41  ASN A N   1 
ATOM   267  C CA  . ASN A 1 34  ? -9.968  -15.812 6.965   1.00 15.86 ? 41  ASN A CA  1 
ATOM   268  C C   . ASN A 1 34  ? -9.672  -16.664 8.208   1.00 18.28 ? 41  ASN A C   1 
ATOM   269  O O   . ASN A 1 34  ? -9.038  -16.210 9.162   1.00 20.46 ? 41  ASN A O   1 
ATOM   270  C CB  . ASN A 1 34  ? -11.481 -15.513 6.846   1.00 16.31 ? 41  ASN A CB  1 
ATOM   271  C CG  . ASN A 1 34  ? -11.996 -14.752 8.057   1.00 20.82 ? 41  ASN A CG  1 
ATOM   272  O OD1 . ASN A 1 34  ? -13.006 -15.138 8.711   1.00 21.15 ? 41  ASN A OD1 1 
ATOM   273  N ND2 . ASN A 1 34  ? -11.309 -13.661 8.378   1.00 11.39 ? 41  ASN A ND2 1 
ATOM   274  N N   . GLU A 1 35  ? -10.083 -17.926 8.177   1.00 19.06 ? 42  GLU A N   1 
ATOM   275  C CA  . GLU A 1 35  ? -9.899  -18.839 9.263   1.00 22.30 ? 42  GLU A CA  1 
ATOM   276  C C   . GLU A 1 35  ? -8.443  -19.122 9.644   1.00 22.29 ? 42  GLU A C   1 
ATOM   277  O O   . GLU A 1 35  ? -8.090  -19.013 10.843  1.00 20.66 ? 42  GLU A O   1 
ATOM   278  C CB  . GLU A 1 35  ? -10.715 -20.129 8.957   1.00 21.72 ? 42  GLU A CB  1 
ATOM   279  C CG  . GLU A 1 35  ? -10.318 -21.399 9.716   1.00 29.63 ? 42  GLU A CG  1 
ATOM   280  C CD  . GLU A 1 35  ? -11.010 -22.659 9.117   1.00 29.19 ? 42  GLU A CD  1 
ATOM   281  O OE1 . GLU A 1 35  ? -10.364 -23.380 8.285   1.00 37.20 ? 42  GLU A OE1 1 
ATOM   282  O OE2 . GLU A 1 35  ? -12.203 -22.866 9.466   1.00 36.91 ? 42  GLU A OE2 1 
ATOM   283  N N   . GLU A 1 36  ? -7.588  -19.424 8.650   1.00 20.53 ? 43  GLU A N   1 
ATOM   284  C CA  . GLU A 1 36  ? -6.218  -19.794 8.942   1.00 21.57 ? 43  GLU A CA  1 
ATOM   285  C C   . GLU A 1 36  ? -5.301  -18.616 9.185   1.00 21.61 ? 43  GLU A C   1 
ATOM   286  O O   . GLU A 1 36  ? -4.218  -18.753 9.837   1.00 21.98 ? 43  GLU A O   1 
ATOM   287  C CB  . GLU A 1 36  ? -5.680  -20.710 7.853   1.00 21.31 ? 43  GLU A CB  1 
ATOM   288  C CG  . GLU A 1 36  ? -6.542  -22.010 7.791   1.00 24.59 ? 43  GLU A CG  1 
ATOM   289  C CD  . GLU A 1 36  ? -6.195  -22.884 6.584   1.00 27.31 ? 43  GLU A CD  1 
ATOM   290  O OE1 . GLU A 1 36  ? -5.255  -22.528 5.824   1.00 27.75 ? 43  GLU A OE1 1 
ATOM   291  O OE2 . GLU A 1 36  ? -6.856  -23.912 6.411   1.00 27.15 ? 43  GLU A OE2 1 
ATOM   292  N N   . GLY A 1 37  ? -5.695  -17.444 8.686   1.00 19.79 ? 44  GLY A N   1 
ATOM   293  C CA  . GLY A 1 37  ? -4.840  -16.287 8.918   1.00 18.50 ? 44  GLY A CA  1 
ATOM   294  C C   . GLY A 1 37  ? -3.474  -16.504 8.324   1.00 16.87 ? 44  GLY A C   1 
ATOM   295  O O   . GLY A 1 37  ? -3.365  -16.933 7.145   1.00 17.22 ? 44  GLY A O   1 
ATOM   296  N N   . ILE A 1 38  ? -2.441  -16.171 9.080   1.00 16.54 ? 45  ILE A N   1 
ATOM   297  C CA  . ILE A 1 38  ? -1.096  -16.171 8.551   1.00 19.48 ? 45  ILE A CA  1 
ATOM   298  C C   . ILE A 1 38  ? -0.608  -17.574 8.305   1.00 20.69 ? 45  ILE A C   1 
ATOM   299  O O   . ILE A 1 38  ? 0.478   -17.754 7.717   1.00 22.44 ? 45  ILE A O   1 
ATOM   300  C CB  . ILE A 1 38  ? -0.034  -15.564 9.508   1.00 20.62 ? 45  ILE A CB  1 
ATOM   301  C CG1 . ILE A 1 38  ? -0.176  -16.144 10.926  1.00 21.66 ? 45  ILE A CG1 1 
ATOM   302  C CG2 . ILE A 1 38  ? -0.153  -14.099 9.570   1.00 25.64 ? 45  ILE A CG2 1 
ATOM   303  C CD1 . ILE A 1 38  ? 1.102   -16.262 11.609  1.00 30.00 ? 45  ILE A CD1 1 
ATOM   304  N N   . LYS A 1 39  ? -1.346  -18.582 8.758   1.00 20.58 ? 46  LYS A N   1 
ATOM   305  C CA  . LYS A 1 39  ? -0.906  -19.984 8.530   1.00 21.33 ? 46  LYS A CA  1 
ATOM   306  C C   . LYS A 1 39  ? -1.381  -20.472 7.152   1.00 21.32 ? 46  LYS A C   1 
ATOM   307  O O   . LYS A 1 39  ? -0.950  -21.515 6.661   1.00 21.65 ? 46  LYS A O   1 
ATOM   308  C CB  . LYS A 1 39  ? -1.502  -20.878 9.601   1.00 22.36 ? 46  LYS A CB  1 
ATOM   309  C CG  . LYS A 1 39  ? -0.997  -20.600 10.987  1.00 25.47 ? 46  LYS A CG  1 
ATOM   310  C CD  . LYS A 1 39  ? 0.484   -20.418 10.908  1.00 35.55 ? 46  LYS A CD  1 
ATOM   311  C CE  . LYS A 1 39  ? 1.162   -21.349 11.876  1.00 37.86 ? 46  LYS A CE  1 
ATOM   312  N NZ  . LYS A 1 39  ? 1.196   -20.661 13.146  1.00 36.67 ? 46  LYS A NZ  1 
ATOM   313  N N   . ASP A 1 40  ? -2.313  -19.744 6.524   1.00 21.38 ? 47  ASP A N   1 
ATOM   314  C CA  . ASP A 1 40  ? -2.733  -20.094 5.177   1.00 21.12 ? 47  ASP A CA  1 
ATOM   315  C C   . ASP A 1 40  ? -1.459  -19.976 4.378   1.00 22.76 ? 47  ASP A C   1 
ATOM   316  O O   . ASP A 1 40  ? -0.774  -18.977 4.472   1.00 23.41 ? 47  ASP A O   1 
ATOM   317  C CB  . ASP A 1 40  ? -3.833  -19.162 4.688   1.00 21.14 ? 47  ASP A CB  1 
ATOM   318  C CG  . ASP A 1 40  ? -4.435  -19.634 3.392   1.00 22.80 ? 47  ASP A CG  1 
ATOM   319  O OD1 . ASP A 1 40  ? -3.672  -19.990 2.460   1.00 22.21 ? 47  ASP A OD1 1 
ATOM   320  O OD2 . ASP A 1 40  ? -5.661  -19.757 3.332   1.00 24.01 ? 47  ASP A OD2 1 
ATOM   321  N N   . GLY A 1 41  ? -1.060  -21.036 3.678   1.00 23.14 ? 48  GLY A N   1 
ATOM   322  C CA  . GLY A 1 41  ? 0.155   -20.968 2.886   1.00 24.16 ? 48  GLY A CA  1 
ATOM   323  C C   . GLY A 1 41  ? 0.081   -20.102 1.634   1.00 24.36 ? 48  GLY A C   1 
ATOM   324  O O   . GLY A 1 41  ? 1.119   -19.749 1.024   1.00 27.18 ? 48  GLY A O   1 
ATOM   325  N N   . ARG A 1 42  ? -1.128  -19.682 1.262   1.00 22.65 ? 49  ARG A N   1 
ATOM   326  C CA  . ARG A 1 42  ? -1.281  -18.744 0.147   1.00 20.06 ? 49  ARG A CA  1 
ATOM   327  C C   . ARG A 1 42  ? -0.889  -17.305 0.585   1.00 20.02 ? 49  ARG A C   1 
ATOM   328  O O   . ARG A 1 42  ? -0.623  -16.410 -0.248  1.00 17.99 ? 49  ARG A O   1 
ATOM   329  C CB  . ARG A 1 42  ? -2.724  -18.768 -0.303  1.00 19.83 ? 49  ARG A CB  1 
ATOM   330  C CG  . ARG A 1 42  ? -3.156  -20.129 -0.899  1.00 18.65 ? 49  ARG A CG  1 
ATOM   331  C CD  . ARG A 1 42  ? -4.663  -20.099 -1.268  1.00 18.07 ? 49  ARG A CD  1 
ATOM   332  N NE  . ARG A 1 42  ? -5.453  -19.973 -0.040  1.00 13.17 ? 49  ARG A NE  1 
ATOM   333  C CZ  . ARG A 1 42  ? -6.756  -19.767 -0.002  1.00 13.40 ? 49  ARG A CZ  1 
ATOM   334  N NH1 . ARG A 1 42  ? -7.442  -19.672 -1.118  1.00 13.35 ? 49  ARG A NH1 1 
ATOM   335  N NH2 . ARG A 1 42  ? -7.360  -19.624 1.156   1.00 16.02 ? 49  ARG A NH2 1 
ATOM   336  N N   . VAL A 1 43  ? -0.860  -17.082 1.904   1.00 20.18 ? 50  VAL A N   1 
ATOM   337  C CA  . VAL A 1 43  ? -0.617  -15.705 2.446   1.00 20.46 ? 50  VAL A CA  1 
ATOM   338  C C   . VAL A 1 43  ? 0.849   -15.297 2.224   1.00 21.39 ? 50  VAL A C   1 
ATOM   339  O O   . VAL A 1 43  ? 1.124   -14.213 1.748   1.00 19.12 ? 50  VAL A O   1 
ATOM   340  C CB  . VAL A 1 43  ? -1.076  -15.583 3.912   1.00 19.79 ? 50  VAL A CB  1 
ATOM   341  C CG1 . VAL A 1 43  ? -0.566  -14.265 4.601   1.00 20.23 ? 50  VAL A CG1 1 
ATOM   342  C CG2 . VAL A 1 43  ? -2.583  -15.689 3.964   1.00 17.02 ? 50  VAL A CG2 1 
ATOM   343  N N   . THR A 1 44  ? 1.777   -16.209 2.479   1.00 21.85 ? 51  THR A N   1 
ATOM   344  C CA  . THR A 1 44  ? 3.208   -15.962 2.210   1.00 23.83 ? 51  THR A CA  1 
ATOM   345  C C   . THR A 1 44  ? 3.503   -15.528 0.800   1.00 23.06 ? 51  THR A C   1 
ATOM   346  O O   . THR A 1 44  ? 4.212   -14.490 0.567   1.00 21.79 ? 51  THR A O   1 
ATOM   347  C CB  . THR A 1 44  ? 4.069   -17.213 2.538   1.00 25.59 ? 51  THR A CB  1 
ATOM   348  O OG1 . THR A 1 44  ? 3.738   -17.660 3.859   1.00 30.96 ? 51  THR A OG1 1 
ATOM   349  C CG2 . THR A 1 44  ? 5.511   -16.872 2.495   1.00 25.74 ? 51  THR A CG2 1 
ATOM   350  N N   . ALA A 1 45  ? 2.898   -16.265 -0.149  1.00 20.14 ? 52  ALA A N   1 
ATOM   351  C CA  . ALA A 1 45  ? 3.028   -15.962 -1.560  1.00 18.26 ? 52  ALA A CA  1 
ATOM   352  C C   . ALA A 1 45  ? 2.503   -14.559 -1.897  1.00 16.89 ? 52  ALA A C   1 
ATOM   353  O O   . ALA A 1 45  ? 3.182   -13.747 -2.506  1.00 17.95 ? 52  ALA A O   1 
ATOM   354  C CB  . ALA A 1 45  ? 2.287   -17.036 -2.378  1.00 17.69 ? 52  ALA A CB  1 
ATOM   355  N N   . MET A 1 46  ? 1.295   -14.268 -1.457  1.00 16.08 ? 53  MET A N   1 
ATOM   356  C CA  . MET A 1 46  ? 0.691   -12.974 -1.661  1.00 15.17 ? 53  MET A CA  1 
ATOM   357  C C   . MET A 1 46  ? 1.449   -11.790 -1.041  1.00 15.08 ? 53  MET A C   1 
ATOM   358  O O   . MET A 1 46  ? 1.504   -10.728 -1.649  1.00 13.20 ? 53  MET A O   1 
ATOM   359  C CB  . MET A 1 46  ? -0.755  -12.980 -1.163  1.00 14.73 ? 53  MET A CB  1 
ATOM   360  C CG  . MET A 1 46  ? -1.713  -13.771 -2.116  1.00 15.21 ? 53  MET A CG  1 
ATOM   361  S SD  . MET A 1 46  ? -1.650  -13.403 -3.923  1.00 6.37  ? 53  MET A SD  1 
ATOM   362  C CE  . MET A 1 46  ? -2.040  -11.636 -3.873  1.00 18.56 ? 53  MET A CE  1 
ATOM   363  N N   . LEU A 1 47  ? 1.978   -11.958 0.145   1.00 13.24 ? 54  LEU A N   1 
ATOM   364  C CA  . LEU A 1 47  ? 2.810   -10.914 0.750   1.00 17.35 ? 54  LEU A CA  1 
ATOM   365  C C   . LEU A 1 47  ? 4.072   -10.555 -0.103  1.00 16.64 ? 54  LEU A C   1 
ATOM   366  O O   . LEU A 1 47  ? 4.623   -9.465  0.038   1.00 18.02 ? 54  LEU A O   1 
ATOM   367  C CB  . LEU A 1 47  ? 3.160   -11.253 2.223   1.00 17.27 ? 54  LEU A CB  1 
ATOM   368  C CG  . LEU A 1 47  ? 2.031   -11.307 3.282   1.00 19.81 ? 54  LEU A CG  1 
ATOM   369  C CD1 . LEU A 1 47  ? 2.505   -11.850 4.639   1.00 21.04 ? 54  LEU A CD1 1 
ATOM   370  C CD2 . LEU A 1 47  ? 1.356   -9.975  3.490   1.00 18.68 ? 54  LEU A CD2 1 
ATOM   371  N N   . ASN A 1 48  ? 4.529   -11.441 -0.993  1.00 16.63 ? 55  ASN A N   1 
ATOM   372  C CA  . ASN A 1 48  ? 5.626   -11.092 -1.891  1.00 16.38 ? 55  ASN A CA  1 
ATOM   373  C C   . ASN A 1 48  ? 5.224   -10.007 -2.857  1.00 15.22 ? 55  ASN A C   1 
ATOM   374  O O   . ASN A 1 48  ? 6.093   -9.407  -3.476  1.00 15.77 ? 55  ASN A O   1 
ATOM   375  C CB  . ASN A 1 48  ? 6.041   -12.300 -2.739  1.00 17.84 ? 55  ASN A CB  1 
ATOM   376  C CG  . ASN A 1 48  ? 6.576   -13.445 -1.914  1.00 25.53 ? 55  ASN A CG  1 
ATOM   377  O OD1 . ASN A 1 48  ? 7.060   -13.269 -0.762  1.00 27.46 ? 55  ASN A OD1 1 
ATOM   378  N ND2 . ASN A 1 48  ? 6.550   -14.664 -2.529  1.00 29.23 ? 55  ASN A ND2 1 
ATOM   379  N N   . LEU A 1 49  ? 3.908   -9.782  -3.035  1.00 13.89 ? 56  LEU A N   1 
ATOM   380  C CA  . LEU A 1 49  ? 3.416   -8.826  -4.027  1.00 14.53 ? 56  LEU A CA  1 
ATOM   381  C C   . LEU A 1 49  ? 3.022   -7.485  -3.402  1.00 13.87 ? 56  LEU A C   1 
ATOM   382  O O   . LEU A 1 49  ? 2.555   -6.569  -4.109  1.00 12.47 ? 56  LEU A O   1 
ATOM   383  C CB  . LEU A 1 49  ? 2.176   -9.348  -4.804  1.00 13.61 ? 56  LEU A CB  1 
ATOM   384  C CG  . LEU A 1 49  ? 2.411   -10.637 -5.607  1.00 13.42 ? 56  LEU A CG  1 
ATOM   385  C CD1 . LEU A 1 49  ? 1.157   -10.900 -6.469  1.00 15.19 ? 56  LEU A CD1 1 
ATOM   386  C CD2 . LEU A 1 49  ? 3.657   -10.499 -6.372  1.00 10.80 ? 56  LEU A CD2 1 
ATOM   387  N N   . VAL A 1 50  ? 3.157   -7.409  -2.089  1.00 12.95 ? 57  VAL A N   1 
ATOM   388  C CA  . VAL A 1 50  ? 2.673   -6.231  -1.354  1.00 13.17 ? 57  VAL A CA  1 
ATOM   389  C C   . VAL A 1 50  ? 3.871   -5.268  -1.268  1.00 13.44 ? 57  VAL A C   1 
ATOM   390  O O   . VAL A 1 50  ? 4.995   -5.691  -0.994  1.00 12.66 ? 57  VAL A O   1 
ATOM   391  C CB  . VAL A 1 50  ? 2.154   -6.681  0.047   1.00 15.56 ? 57  VAL A CB  1 
ATOM   392  C CG1 . VAL A 1 50  ? 2.038   -5.544  0.948   1.00 18.47 ? 57  VAL A CG1 1 
ATOM   393  C CG2 . VAL A 1 50  ? 0.738   -7.415  -0.061  1.00 12.27 ? 57  VAL A CG2 1 
ATOM   394  N N   . PRO A 1 51  ? 3.641   -3.964  -1.515  1.00 12.29 ? 58  PRO A N   1 
ATOM   395  C CA  . PRO A 1 51  ? 4.751   -3.001  -1.434  1.00 12.04 ? 58  PRO A CA  1 
ATOM   396  C C   . PRO A 1 51  ? 5.438   -2.925  -0.060  1.00 11.41 ? 58  PRO A C   1 
ATOM   397  O O   . PRO A 1 51  ? 4.782   -3.004  0.974   1.00 11.33 ? 58  PRO A O   1 
ATOM   398  C CB  . PRO A 1 51  ? 4.082   -1.632  -1.810  1.00 11.29 ? 58  PRO A CB  1 
ATOM   399  C CG  . PRO A 1 51  ? 2.581   -1.851  -1.579  1.00 11.98 ? 58  PRO A CG  1 
ATOM   400  C CD  . PRO A 1 51  ? 2.403   -3.348  -1.987  1.00 12.05 ? 58  PRO A CD  1 
ATOM   401  N N   . SER A 1 52  ? 6.754   -2.751  -0.056  1.00 11.92 ? 59  SER A N   1 
ATOM   402  C CA  . SER A 1 52  ? 7.491   -2.411  1.159   1.00 13.77 ? 59  SER A CA  1 
ATOM   403  C C   . SER A 1 52  ? 6.980   -0.992  1.573   1.00 14.95 ? 59  SER A C   1 
ATOM   404  O O   . SER A 1 52  ? 6.234   -0.303  0.823   1.00 12.43 ? 59  SER A O   1 
ATOM   405  C CB  . SER A 1 52  ? 8.966   -2.220  0.799   1.00 13.36 ? 59  SER A CB  1 
ATOM   406  O OG  . SER A 1 52  ? 9.084   -1.123  -0.084  1.00 14.06 ? 59  SER A OG  1 
ATOM   407  N N   . SER A 1 53  ? 7.391   -0.538  2.748   1.00 14.99 ? 60  SER A N   1 
ATOM   408  C CA  . SER A 1 53  ? 6.930   0.755   3.189   1.00 16.43 ? 60  SER A CA  1 
ATOM   409  C C   . SER A 1 53  ? 7.464   1.868   2.261   1.00 17.26 ? 60  SER A C   1 
ATOM   410  O O   . SER A 1 53  ? 6.719   2.793   1.884   1.00 16.46 ? 60  SER A O   1 
ATOM   411  C CB  . SER A 1 53  ? 7.192   0.866   4.719   1.00 19.21 ? 60  SER A CB  1 
ATOM   412  O OG  . SER A 1 53  ? 8.474   1.306   4.890   1.00 21.67 ? 60  SER A OG  1 
ATOM   413  N N   . HIS A 1 54  ? 8.728   1.784   1.796   1.00 13.89 ? 61  HIS A N   1 
ATOM   414  C CA  . HIS A 1 54  ? 9.183   2.782   0.856   1.00 14.74 ? 61  HIS A CA  1 
ATOM   415  C C   . HIS A 1 54  ? 8.427   2.697   -0.496  1.00 13.50 ? 61  HIS A C   1 
ATOM   416  O O   . HIS A 1 54  ? 8.131   3.693   -1.127  1.00 15.05 ? 61  HIS A O   1 
ATOM   417  C CB  . HIS A 1 54  ? 10.672  2.596   0.574   1.00 13.33 ? 61  HIS A CB  1 
ATOM   418  C CG  . HIS A 1 54  ? 11.568  2.937   1.725   1.00 17.68 ? 61  HIS A CG  1 
ATOM   419  N ND1 . HIS A 1 54  ? 12.936  3.074   1.573   1.00 17.76 ? 61  HIS A ND1 1 
ATOM   420  C CD2 . HIS A 1 54  ? 11.302  3.214   3.030   1.00 22.16 ? 61  HIS A CD2 1 
ATOM   421  C CE1 . HIS A 1 54  ? 13.482  3.365   2.747   1.00 23.98 ? 61  HIS A CE1 1 
ATOM   422  N NE2 . HIS A 1 54  ? 12.515  3.484   3.642   1.00 23.68 ? 61  HIS A NE2 1 
ATOM   423  N N   . ALA A 1 55  ? 8.127   1.504   -0.983  1.00 13.45 ? 62  ALA A N   1 
ATOM   424  C CA  . ALA A 1 55  ? 7.487   1.419   -2.322  1.00 12.52 ? 62  ALA A CA  1 
ATOM   425  C C   . ALA A 1 55  ? 6.055   1.955   -2.198  1.00 11.25 ? 62  ALA A C   1 
ATOM   426  O O   . ALA A 1 55  ? 5.516   2.555   -3.129  1.00 13.85 ? 62  ALA A O   1 
ATOM   427  C CB  . ALA A 1 55  ? 7.455   -0.076  -2.768  1.00 11.68 ? 62  ALA A CB  1 
ATOM   428  N N   . CYS A 1 56  ? 5.449   1.720   -1.062  1.00 11.27 ? 63  CYS A N   1 
ATOM   429  C CA  . CYS A 1 56  ? 4.075   2.158   -0.826  1.00 11.72 ? 63  CYS A CA  1 
ATOM   430  C C   . CYS A 1 56  ? 4.001   3.696   -0.813  1.00 14.26 ? 63  CYS A C   1 
ATOM   431  O O   . CYS A 1 56  ? 3.089   4.309   -1.441  1.00 12.88 ? 63  CYS A O   1 
ATOM   432  C CB  . CYS A 1 56  ? 3.524   1.620   0.479   1.00 12.04 ? 63  CYS A CB  1 
ATOM   433  S SG  . CYS A 1 56  ? 1.678   1.976   0.614   1.00 13.06 ? 63  CYS A SG  1 
ATOM   434  N N   . LEU A 1 57  ? 4.948   4.344   -0.140  1.00 11.79 ? 64  LEU A N   1 
ATOM   435  C CA  . LEU A 1 57  ? 4.989   5.813   -0.180  1.00 13.28 ? 64  LEU A CA  1 
ATOM   436  C C   . LEU A 1 57  ? 5.368   6.425   -1.502  1.00 12.30 ? 64  LEU A C   1 
ATOM   437  O O   . LEU A 1 57  ? 4.772   7.411   -1.920  1.00 12.76 ? 64  LEU A O   1 
ATOM   438  C CB  . LEU A 1 57  ? 6.054   6.335   0.797   1.00 14.35 ? 64  LEU A CB  1 
ATOM   439  C CG  . LEU A 1 57  ? 5.826   7.573   1.672   1.00 18.29 ? 64  LEU A CG  1 
ATOM   440  C CD1 . LEU A 1 57  ? 7.123   8.204   2.311   1.00 16.08 ? 64  LEU A CD1 1 
ATOM   441  C CD2 . LEU A 1 57  ? 4.658   8.576   1.340   1.00 16.70 ? 64  LEU A CD2 1 
ATOM   442  N N   . PHE A 1 58  ? 6.433   5.919   -2.130  1.00 12.77 ? 65  PHE A N   1 
ATOM   443  C CA  . PHE A 1 58  ? 7.040   6.579   -3.297  1.00 12.42 ? 65  PHE A CA  1 
ATOM   444  C C   . PHE A 1 58  ? 6.624   6.030   -4.659  1.00 11.79 ? 65  PHE A C   1 
ATOM   445  O O   . PHE A 1 58  ? 6.906   6.641   -5.713  1.00 12.11 ? 65  PHE A O   1 
ATOM   446  C CB  . PHE A 1 58  ? 8.604   6.570   -3.165  1.00 13.12 ? 65  PHE A CB  1 
ATOM   447  C CG  . PHE A 1 58  ? 9.067   7.411   -1.989  1.00 16.54 ? 65  PHE A CG  1 
ATOM   448  C CD1 . PHE A 1 58  ? 9.629   6.845   -0.880  1.00 17.88 ? 65  PHE A CD1 1 
ATOM   449  C CD2 . PHE A 1 58  ? 8.825   8.788   -2.003  1.00 19.94 ? 65  PHE A CD2 1 
ATOM   450  C CE1 . PHE A 1 58  ? 9.988   7.666   0.203   1.00 17.45 ? 65  PHE A CE1 1 
ATOM   451  C CE2 . PHE A 1 58  ? 9.199   9.592   -0.946  1.00 21.77 ? 65  PHE A CE2 1 
ATOM   452  C CZ  . PHE A 1 58  ? 9.771   9.050   0.128   1.00 16.76 ? 65  PHE A CZ  1 
ATOM   453  N N   . GLY A 1 59  ? 6.003   4.870   -4.641  1.00 13.91 ? 66  GLY A N   1 
ATOM   454  C CA  . GLY A 1 59  ? 5.645   4.159   -5.881  1.00 13.98 ? 66  GLY A CA  1 
ATOM   455  C C   . GLY A 1 59  ? 4.143   4.152   -6.122  1.00 15.84 ? 66  GLY A C   1 
ATOM   456  O O   . GLY A 1 59  ? 3.705   3.821   -7.249  1.00 17.99 ? 66  GLY A O   1 
ATOM   457  N N   . SER A 1 60  ? 3.382   4.516   -5.080  1.00 13.05 ? 67  SER A N   1 
ATOM   458  C CA  . SER A 1 60  ? 1.938   4.637   -5.164  1.00 14.21 ? 67  SER A CA  1 
ATOM   459  C C   . SER A 1 60  ? 1.533   5.957   -5.860  1.00 12.63 ? 67  SER A C   1 
ATOM   460  O O   . SER A 1 60  ? 2.322   6.873   -5.989  1.00 13.00 ? 67  SER A O   1 
ATOM   461  C CB  . SER A 1 60  ? 1.341   4.615   -3.726  1.00 12.69 ? 67  SER A CB  1 
ATOM   462  O OG  . SER A 1 60  ? 1.393   3.284   -3.159  1.00 17.81 ? 67  SER A OG  1 
ATOM   463  N N   . ARG A 1 61  ? 0.289   6.028   -6.274  1.00 13.63 ? 68  ARG A N   1 
ATOM   464  C CA  . ARG A 1 61  ? -0.419  7.270   -6.416  1.00 15.22 ? 68  ARG A CA  1 
ATOM   465  C C   . ARG A 1 61  ? -1.066  7.592   -5.100  1.00 14.39 ? 68  ARG A C   1 
ATOM   466  O O   . ARG A 1 61  ? -1.921  6.850   -4.606  1.00 14.21 ? 68  ARG A O   1 
ATOM   467  C CB  . ARG A 1 61  ? -1.543  7.170   -7.453  1.00 15.79 ? 68  ARG A CB  1 
ATOM   468  C CG  . ARG A 1 61  ? -2.239  8.536   -7.680  1.00 21.47 ? 68  ARG A CG  1 
ATOM   469  C CD  . ARG A 1 61  ? -3.380  8.371   -8.632  1.00 28.13 ? 68  ARG A CD  1 
ATOM   470  N NE  . ARG A 1 61  ? -4.085  9.637   -8.805  1.00 35.72 ? 68  ARG A NE  1 
ATOM   471  C CZ  . ARG A 1 61  ? -5.011  9.866   -9.752  1.00 40.31 ? 68  ARG A CZ  1 
ATOM   472  N NH1 . ARG A 1 61  ? -5.324  8.909   -10.629 1.00 39.06 ? 68  ARG A NH1 1 
ATOM   473  N NH2 . ARG A 1 61  ? -5.610  11.067  -9.839  1.00 39.60 ? 68  ARG A NH2 1 
ATOM   474  N N   . VAL A 1 62  ? -0.703  8.741   -4.535  1.00 14.78 ? 69  VAL A N   1 
ATOM   475  C CA  . VAL A 1 62  ? -1.206  9.081   -3.196  1.00 13.12 ? 69  VAL A CA  1 
ATOM   476  C C   . VAL A 1 62  ? -2.213  10.227  -3.347  1.00 14.53 ? 69  VAL A C   1 
ATOM   477  O O   . VAL A 1 62  ? -1.953  11.199  -4.081  1.00 13.99 ? 69  VAL A O   1 
ATOM   478  C CB  . VAL A 1 62  ? -0.055  9.529   -2.314  1.00 11.95 ? 69  VAL A CB  1 
ATOM   479  C CG1 . VAL A 1 62  ? -0.511  9.936   -0.989  1.00 7.67  ? 69  VAL A CG1 1 
ATOM   480  C CG2 . VAL A 1 62  ? 0.989   8.396   -2.149  1.00 9.02  ? 69  VAL A CG2 1 
ATOM   481  N N   . THR A 1 63  ? -3.308  10.107  -2.629  1.00 14.15 ? 70  THR A N   1 
ATOM   482  C CA  . THR A 1 63  ? -4.438  11.058  -2.665  1.00 15.99 ? 70  THR A CA  1 
ATOM   483  C C   . THR A 1 63  ? -4.926  11.387  -1.250  1.00 14.46 ? 70  THR A C   1 
ATOM   484  O O   . THR A 1 63  ? -5.563  10.591  -0.642  1.00 14.90 ? 70  THR A O   1 
ATOM   485  C CB  . THR A 1 63  ? -5.638  10.545  -3.470  1.00 16.50 ? 70  THR A CB  1 
ATOM   486  O OG1 . THR A 1 63  ? -5.176  10.093  -4.734  1.00 16.55 ? 70  THR A OG1 1 
ATOM   487  C CG2 . THR A 1 63  ? -6.652  11.729  -3.736  1.00 20.02 ? 70  THR A CG2 1 
ATOM   488  N N   . PRO A 1 64  ? -4.564  12.569  -0.719  1.00 15.91 ? 71  PRO A N   1 
ATOM   489  C CA  . PRO A 1 64  ? -4.991  13.002  0.589   1.00 16.66 ? 71  PRO A CA  1 
ATOM   490  C C   . PRO A 1 64  ? -6.400  13.602  0.446   1.00 18.75 ? 71  PRO A C   1 
ATOM   491  O O   . PRO A 1 64  ? -6.659  14.306  -0.518  1.00 22.09 ? 71  PRO A O   1 
ATOM   492  C CB  . PRO A 1 64  ? -3.916  14.024  0.976   1.00 16.82 ? 71  PRO A CB  1 
ATOM   493  C CG  . PRO A 1 64  ? -3.475  14.611  -0.318  1.00 18.49 ? 71  PRO A CG  1 
ATOM   494  C CD  . PRO A 1 64  ? -3.651  13.549  -1.366  1.00 15.47 ? 71  PRO A CD  1 
ATOM   495  N N   . LYS A 1 65  ? -7.349  13.195  1.265   1.00 17.86 ? 72  LYS A N   1 
ATOM   496  C CA  . LYS A 1 65  ? -8.668  13.851  1.198   1.00 20.05 ? 72  LYS A CA  1 
ATOM   497  C C   . LYS A 1 65  ? -8.961  14.287  2.614   1.00 17.66 ? 72  LYS A C   1 
ATOM   498  O O   . LYS A 1 65  ? -8.992  13.446  3.514   1.00 16.04 ? 72  LYS A O   1 
ATOM   499  C CB  . LYS A 1 65  ? -9.786  12.929  0.710   1.00 19.82 ? 72  LYS A CB  1 
ATOM   500  C CG  . LYS A 1 65  ? -9.700  12.474  -0.750  1.00 27.13 ? 72  LYS A CG  1 
ATOM   501  C CD  . LYS A 1 65  ? -10.459 13.443  -1.740  1.00 31.82 ? 72  LYS A CD  1 
ATOM   502  C CE  . LYS A 1 65  ? -10.141 13.081  -3.263  1.00 32.47 ? 72  LYS A CE  1 
ATOM   503  N NZ  . LYS A 1 65  ? -11.000 13.857  -4.310  1.00 32.67 ? 72  LYS A NZ  1 
ATOM   504  N N   . LEU A 1 66  ? -9.175  15.578  2.805   1.00 16.92 ? 73  LEU A N   1 
ATOM   505  C CA  . LEU A 1 66  ? -9.542  16.058  4.126   1.00 17.71 ? 73  LEU A CA  1 
ATOM   506  C C   . LEU A 1 66  ? -11.050 16.029  4.297   1.00 19.63 ? 73  LEU A C   1 
ATOM   507  O O   . LEU A 1 66  ? -11.808 16.459  3.392   1.00 20.25 ? 73  LEU A O   1 
ATOM   508  C CB  . LEU A 1 66  ? -9.028  17.482  4.314   1.00 18.20 ? 73  LEU A CB  1 
ATOM   509  C CG  . LEU A 1 66  ? -7.512  17.572  4.363   1.00 20.38 ? 73  LEU A CG  1 
ATOM   510  C CD1 . LEU A 1 66  ? -7.063  19.028  4.241   1.00 27.08 ? 73  LEU A CD1 1 
ATOM   511  C CD2 . LEU A 1 66  ? -7.015  16.913  5.699   1.00 17.97 ? 73  LEU A CD2 1 
ATOM   512  N N   . GLN A 1 67  ? -11.495 15.516  5.427   1.00 18.31 ? 74  GLN A N   1 
ATOM   513  C CA  . GLN A 1 67  ? -12.916 15.449  5.668   1.00 18.71 ? 74  GLN A CA  1 
ATOM   514  C C   . GLN A 1 67  ? -13.056 16.016  7.032   1.00 18.71 ? 74  GLN A C   1 
ATOM   515  O O   . GLN A 1 67  ? -12.061 16.196  7.759   1.00 18.28 ? 74  GLN A O   1 
ATOM   516  C CB  . GLN A 1 67  ? -13.425 13.995  5.675   1.00 18.80 ? 74  GLN A CB  1 
ATOM   517  C CG  . GLN A 1 67  ? -13.158 13.216  4.383   1.00 22.20 ? 74  GLN A CG  1 
ATOM   518  C CD  . GLN A 1 67  ? -14.223 13.529  3.340   1.00 24.74 ? 74  GLN A CD  1 
ATOM   519  O OE1 . GLN A 1 67  ? -15.414 13.200  3.507   1.00 29.98 ? 74  GLN A OE1 1 
ATOM   520  N NE2 . GLN A 1 67  ? -13.814 14.156  2.281   1.00 27.35 ? 74  GLN A NE2 1 
ATOM   521  N N   . PRO A 1 68  ? -14.299 16.274  7.438   1.00 20.61 ? 75  PRO A N   1 
ATOM   522  C CA  . PRO A 1 68  ? -14.508 16.793  8.783   1.00 20.53 ? 75  PRO A CA  1 
ATOM   523  C C   . PRO A 1 68  ? -13.844 15.918  9.853   1.00 21.13 ? 75  PRO A C   1 
ATOM   524  O O   . PRO A 1 68  ? -13.361 16.451  10.846  1.00 22.32 ? 75  PRO A O   1 
ATOM   525  C CB  . PRO A 1 68  ? -16.052 16.774  8.904   1.00 22.13 ? 75  PRO A CB  1 
ATOM   526  C CG  . PRO A 1 68  ? -16.504 17.022  7.412   1.00 22.20 ? 75  PRO A CG  1 
ATOM   527  C CD  . PRO A 1 68  ? -15.557 16.152  6.662   1.00 20.62 ? 75  PRO A CD  1 
ATOM   528  N N   . ASP A 1 69  ? -13.798 14.585  9.685   1.00 20.95 ? 76  ASP A N   1 
ATOM   529  C CA  . ASP A 1 69  ? -13.269 13.758  10.769  1.00 21.10 ? 76  ASP A CA  1 
ATOM   530  C C   . ASP A 1 69  ? -11.755 13.647  10.722  1.00 20.00 ? 76  ASP A C   1 
ATOM   531  O O   . ASP A 1 69  ? -11.129 13.107  11.649  1.00 18.81 ? 76  ASP A O   1 
ATOM   532  C CB  . ASP A 1 69  ? -13.887 12.337  10.776  1.00 24.79 ? 76  ASP A CB  1 
ATOM   533  C CG  . ASP A 1 69  ? -13.546 11.515  9.509   1.00 27.17 ? 76  ASP A CG  1 
ATOM   534  O OD1 . ASP A 1 69  ? -13.088 12.061  8.500   1.00 29.84 ? 76  ASP A OD1 1 
ATOM   535  O OD2 . ASP A 1 69  ? -13.777 10.294  9.517   1.00 36.80 ? 76  ASP A OD2 1 
ATOM   536  N N   . GLY A 1 70  ? -11.160 14.109  9.632   1.00 18.26 ? 77  GLY A N   1 
ATOM   537  C CA  . GLY A 1 70  ? -9.696  14.004  9.549   1.00 18.22 ? 77  GLY A CA  1 
ATOM   538  C C   . GLY A 1 70  ? -9.198  13.753  8.136   1.00 16.75 ? 77  GLY A C   1 
ATOM   539  O O   . GLY A 1 70  ? -9.939  13.919  7.151   1.00 18.23 ? 77  GLY A O   1 
ATOM   540  N N   . LEU A 1 71  ? -7.958  13.334  8.060   1.00 15.49 ? 78  LEU A N   1 
ATOM   541  C CA  . LEU A 1 71  ? -7.231  13.151  6.806   1.00 14.88 ? 78  LEU A CA  1 
ATOM   542  C C   . LEU A 1 71  ? -7.408  11.691  6.406   1.00 13.37 ? 78  LEU A C   1 
ATOM   543  O O   . LEU A 1 71  ? -7.006  10.758  7.182   1.00 12.46 ? 78  LEU A O   1 
ATOM   544  C CB  . LEU A 1 71  ? -5.725  13.423  7.005   1.00 14.84 ? 78  LEU A CB  1 
ATOM   545  C CG  . LEU A 1 71  ? -4.791  12.939  5.863   1.00 16.21 ? 78  LEU A CG  1 
ATOM   546  C CD1 . LEU A 1 71  ? -5.042  13.854  4.599   1.00 13.33 ? 78  LEU A CD1 1 
ATOM   547  C CD2 . LEU A 1 71  ? -3.336  13.078  6.289   1.00 15.88 ? 78  LEU A CD2 1 
ATOM   548  N N   . HIS A 1 72  ? -7.952  11.491  5.201   1.00 12.70 ? 79  HIS A N   1 
ATOM   549  C CA  . HIS A 1 72  ? -8.025  10.132  4.598   1.00 12.66 ? 79  HIS A CA  1 
ATOM   550  C C   . HIS A 1 72  ? -6.971  10.064  3.519   1.00 12.27 ? 79  HIS A C   1 
ATOM   551  O O   . HIS A 1 72  ? -7.128  10.682  2.464   1.00 14.20 ? 79  HIS A O   1 
ATOM   552  C CB  . HIS A 1 72  ? -9.415  9.935   3.995   1.00 13.24 ? 79  HIS A CB  1 
ATOM   553  C CG  . HIS A 1 72  ? -10.505 10.004  5.027   1.00 15.21 ? 79  HIS A CG  1 
ATOM   554  N ND1 . HIS A 1 72  ? -11.401 8.965   5.243   1.00 17.51 ? 79  HIS A ND1 1 
ATOM   555  C CD2 . HIS A 1 72  ? -10.753 10.926  6.000   1.00 17.40 ? 79  HIS A CD2 1 
ATOM   556  C CE1 . HIS A 1 72  ? -12.212 9.296   6.242   1.00 17.71 ? 79  HIS A CE1 1 
ATOM   557  N NE2 . HIS A 1 72  ? -11.827 10.475  6.728   1.00 15.07 ? 79  HIS A NE2 1 
ATOM   558  N N   . LEU A 1 73  ? -5.848  9.444   3.823   1.00 12.00 ? 80  LEU A N   1 
ATOM   559  C CA  . LEU A 1 73  ? -4.680  9.442   2.939   1.00 11.29 ? 80  LEU A CA  1 
ATOM   560  C C   . LEU A 1 73  ? -4.758  8.131   2.136   1.00 11.55 ? 80  LEU A C   1 
ATOM   561  O O   . LEU A 1 73  ? -4.480  7.061   2.713   1.00 10.93 ? 80  LEU A O   1 
ATOM   562  C CB  . LEU A 1 73  ? -3.364  9.344   3.741   1.00 12.49 ? 80  LEU A CB  1 
ATOM   563  C CG  . LEU A 1 73  ? -2.092  10.095  3.285   1.00 15.64 ? 80  LEU A CG  1 
ATOM   564  C CD1 . LEU A 1 73  ? -0.747  9.541   3.747   1.00 20.13 ? 80  LEU A CD1 1 
ATOM   565  C CD2 . LEU A 1 73  ? -2.027  10.776  1.926   1.00 14.78 ? 80  LEU A CD2 1 
ATOM   566  N N   . LYS A 1 74  ? -5.077  8.190   0.842   1.00 11.92 ? 81  LYS A N   1 
ATOM   567  C CA  . LYS A 1 74  ? -5.178  6.966   0.063   1.00 13.67 ? 81  LYS A CA  1 
ATOM   568  C C   . LYS A 1 74  ? -3.895  6.607   -0.684  1.00 13.54 ? 81  LYS A C   1 
ATOM   569  O O   . LYS A 1 74  ? -3.323  7.476   -1.375  1.00 13.34 ? 81  LYS A O   1 
ATOM   570  C CB  . LYS A 1 74  ? -6.352  7.075   -0.903  1.00 14.88 ? 81  LYS A CB  1 
ATOM   571  C CG  . LYS A 1 74  ? -6.515  5.855   -1.799  1.00 14.67 ? 81  LYS A CG  1 
ATOM   572  C CD  . LYS A 1 74  ? -7.770  6.047   -2.649  1.00 23.66 ? 81  LYS A CD  1 
ATOM   573  C CE  . LYS A 1 74  ? -7.600  5.302   -3.909  1.00 30.37 ? 81  LYS A CE  1 
ATOM   574  N NZ  . LYS A 1 74  ? -8.838  5.191   -4.756  1.00 37.63 ? 81  LYS A NZ  1 
ATOM   575  N N   . PHE A 1 75  ? -3.430  5.357   -0.551  1.00 11.80 ? 82  PHE A N   1 
ATOM   576  C CA  . PHE A 1 75  ? -2.291  4.919   -1.371  1.00 11.77 ? 82  PHE A CA  1 
ATOM   577  C C   . PHE A 1 75  ? -2.882  3.936   -2.398  1.00 13.41 ? 82  PHE A C   1 
ATOM   578  O O   . PHE A 1 75  ? -3.584  2.959   -1.996  1.00 13.15 ? 82  PHE A O   1 
ATOM   579  C CB  . PHE A 1 75  ? -1.253  4.147   -0.542  1.00 11.44 ? 82  PHE A CB  1 
ATOM   580  C CG  . PHE A 1 75  ? -0.712  4.944   0.627   1.00 14.63 ? 82  PHE A CG  1 
ATOM   581  C CD1 . PHE A 1 75  ? -1.409  5.009   1.815   1.00 15.57 ? 82  PHE A CD1 1 
ATOM   582  C CD2 . PHE A 1 75  ? 0.450   5.678   0.477   1.00 14.41 ? 82  PHE A CD2 1 
ATOM   583  C CE1 . PHE A 1 75  ? -0.907  5.828   2.921   1.00 15.42 ? 82  PHE A CE1 1 
ATOM   584  C CE2 . PHE A 1 75  ? 0.971   6.484   1.558   1.00 14.48 ? 82  PHE A CE2 1 
ATOM   585  C CZ  . PHE A 1 75  ? 0.258   6.499   2.796   1.00 12.16 ? 82  PHE A CZ  1 
ATOM   586  N N   . GLU A 1 76  ? -2.569  4.155   -3.685  1.00 12.50 ? 83  GLU A N   1 
ATOM   587  C CA  . GLU A 1 76  ? -2.900  3.172   -4.714  1.00 11.83 ? 83  GLU A CA  1 
ATOM   588  C C   . GLU A 1 76  ? -1.622  2.632   -5.291  1.00 11.57 ? 83  GLU A C   1 
ATOM   589  O O   . GLU A 1 76  ? -0.929  3.343   -6.017  1.00 11.95 ? 83  GLU A O   1 
ATOM   590  C CB  . GLU A 1 76  ? -3.716  3.788   -5.883  1.00 11.75 ? 83  GLU A CB  1 
ATOM   591  C CG  . GLU A 1 76  ? -5.047  4.281   -5.486  1.00 22.13 ? 83  GLU A CG  1 
ATOM   592  C CD  . GLU A 1 76  ? -5.721  5.039   -6.649  1.00 30.92 ? 83  GLU A CD  1 
ATOM   593  O OE1 . GLU A 1 76  ? -5.967  4.387   -7.703  1.00 34.89 ? 83  GLU A OE1 1 
ATOM   594  O OE2 . GLU A 1 76  ? -5.944  6.280   -6.525  1.00 32.71 ? 83  GLU A OE2 1 
ATOM   595  N N   . PHE A 1 77  ? -1.274  1.398   -4.961  1.00 10.99 ? 84  PHE A N   1 
ATOM   596  C CA  . PHE A 1 77  ? -0.037  0.846   -5.431  1.00 12.37 ? 84  PHE A CA  1 
ATOM   597  C C   . PHE A 1 77  ? -0.385  -0.340  -6.347  1.00 13.23 ? 84  PHE A C   1 
ATOM   598  O O   . PHE A 1 77  ? -1.222  -1.162  -5.983  1.00 13.80 ? 84  PHE A O   1 
ATOM   599  C CB  . PHE A 1 77  ? 0.858   0.353   -4.307  1.00 11.90 ? 84  PHE A CB  1 
ATOM   600  C CG  . PHE A 1 77  ? 2.189   -0.126  -4.815  1.00 10.92 ? 84  PHE A CG  1 
ATOM   601  C CD1 . PHE A 1 77  ? 3.308   0.717   -4.787  1.00 10.94 ? 84  PHE A CD1 1 
ATOM   602  C CD2 . PHE A 1 77  ? 2.344   -1.455  -5.326  1.00 11.68 ? 84  PHE A CD2 1 
ATOM   603  C CE1 . PHE A 1 77  ? 4.527   0.284   -5.307  1.00 12.78 ? 84  PHE A CE1 1 
ATOM   604  C CE2 . PHE A 1 77  ? 3.579   -1.864  -5.861  1.00 11.46 ? 84  PHE A CE2 1 
ATOM   605  C CZ  . PHE A 1 77  ? 4.631   -0.995  -5.877  1.00 12.69 ? 84  PHE A CZ  1 
ATOM   606  N N   . THR A 1 78  ? 0.282   -0.430  -7.501  1.00 13.05 ? 85  THR A N   1 
ATOM   607  C CA  . THR A 1 78  ? -0.032  -1.497  -8.406  1.00 13.69 ? 85  THR A CA  1 
ATOM   608  C C   . THR A 1 78  ? 1.216   -2.306  -8.638  1.00 14.23 ? 85  THR A C   1 
ATOM   609  O O   . THR A 1 78  ? 2.225   -1.779  -9.101  1.00 15.81 ? 85  THR A O   1 
ATOM   610  C CB  . THR A 1 78  ? -0.593  -0.985  -9.734  1.00 13.23 ? 85  THR A CB  1 
ATOM   611  O OG1 . THR A 1 78  ? -1.841  -0.309  -9.450  1.00 14.47 ? 85  THR A OG1 1 
ATOM   612  C CG2 . THR A 1 78  ? -0.903  -2.247  -10.683 1.00 15.48 ? 85  THR A CG2 1 
ATOM   613  N N   . THR A 1 79  ? 1.132   -3.577  -8.318  1.00 13.09 ? 86  THR A N   1 
ATOM   614  C CA  . THR A 1 79  ? 2.236   -4.476  -8.489  1.00 14.56 ? 86  THR A CA  1 
ATOM   615  C C   . THR A 1 79  ? 1.984   -5.190  -9.822  1.00 15.77 ? 86  THR A C   1 
ATOM   616  O O   . THR A 1 79  ? 0.843   -5.571  -10.116 1.00 15.50 ? 86  THR A O   1 
ATOM   617  C CB  . THR A 1 79  ? 2.285   -5.502  -7.335  1.00 13.82 ? 86  THR A CB  1 
ATOM   618  O OG1 . THR A 1 79  ? 2.738   -4.876  -6.125  1.00 15.17 ? 86  THR A OG1 1 
ATOM   619  C CG2 . THR A 1 79  ? 3.279   -6.590  -7.659  1.00 15.26 ? 86  THR A CG2 1 
ATOM   620  N N   . VAL A 1 80  ? 3.020   -5.346  -10.641 1.00 16.49 ? 87  VAL A N   1 
ATOM   621  C CA  . VAL A 1 80  ? 2.833   -5.983  -11.962 1.00 16.24 ? 87  VAL A CA  1 
ATOM   622  C C   . VAL A 1 80  ? 3.579   -7.276  -11.952 1.00 16.57 ? 87  VAL A C   1 
ATOM   623  O O   . VAL A 1 80  ? 4.784   -7.279  -11.658 1.00 15.44 ? 87  VAL A O   1 
ATOM   624  C CB  . VAL A 1 80  ? 3.377   -5.115  -13.114 1.00 17.10 ? 87  VAL A CB  1 
ATOM   625  C CG1 . VAL A 1 80  ? 3.162   -5.861  -14.539 1.00 15.51 ? 87  VAL A CG1 1 
ATOM   626  C CG2 . VAL A 1 80  ? 2.685   -3.709  -13.090 1.00 18.50 ? 87  VAL A CG2 1 
ATOM   627  N N   . VAL A 1 81  ? 2.885   -8.366  -12.292 1.00 16.25 ? 88  VAL A N   1 
ATOM   628  C CA  . VAL A 1 81  ? 3.551   -9.663  -12.416 1.00 15.53 ? 88  VAL A CA  1 
ATOM   629  C C   . VAL A 1 81  ? 3.507   -10.081 -13.888 1.00 16.00 ? 88  VAL A C   1 
ATOM   630  O O   . VAL A 1 81  ? 2.426   -10.390 -14.409 1.00 13.02 ? 88  VAL A O   1 
ATOM   631  C CB  . VAL A 1 81  ? 2.865   -10.771 -11.550 1.00 17.40 ? 88  VAL A CB  1 
ATOM   632  C CG1 . VAL A 1 81  ? 3.627   -12.127 -11.781 1.00 14.95 ? 88  VAL A CG1 1 
ATOM   633  C CG2 . VAL A 1 81  ? 2.695   -10.345 -10.002 1.00 14.48 ? 88  VAL A CG2 1 
ATOM   634  N N   . PRO A 1 82  ? 4.665   -10.054 -14.576 1.00 17.63 ? 89  PRO A N   1 
ATOM   635  C CA  . PRO A 1 82  ? 4.679   -10.353 -16.016 1.00 20.16 ? 89  PRO A CA  1 
ATOM   636  C C   . PRO A 1 82  ? 4.045   -11.703 -16.328 1.00 20.45 ? 89  PRO A C   1 
ATOM   637  O O   . PRO A 1 82  ? 4.169   -12.648 -15.525 1.00 21.59 ? 89  PRO A O   1 
ATOM   638  C CB  . PRO A 1 82  ? 6.199   -10.407 -16.324 1.00 20.92 ? 89  PRO A CB  1 
ATOM   639  C CG  . PRO A 1 82  ? 6.737   -9.287  -15.371 1.00 19.20 ? 89  PRO A CG  1 
ATOM   640  C CD  . PRO A 1 82  ? 6.048   -9.761  -14.084 1.00 19.24 ? 89  PRO A CD  1 
ATOM   641  N N   . ARG A 1 83  ? 3.411   -11.809 -17.493 1.00 21.03 ? 90  ARG A N   1 
ATOM   642  C CA  . ARG A 1 83  ? 2.843   -13.064 -17.947 1.00 21.46 ? 90  ARG A CA  1 
ATOM   643  C C   . ARG A 1 83  ? 3.781   -14.270 -17.937 1.00 23.08 ? 90  ARG A C   1 
ATOM   644  O O   . ARG A 1 83  ? 3.346   -15.384 -17.694 1.00 23.90 ? 90  ARG A O   1 
ATOM   645  C CB  . ARG A 1 83  ? 2.160   -12.904 -19.302 1.00 21.51 ? 90  ARG A CB  1 
ATOM   646  C CG  . ARG A 1 83  ? 1.325   -14.088 -19.761 1.00 21.50 ? 90  ARG A CG  1 
ATOM   647  C CD  . ARG A 1 83  ? 0.457   -13.705 -20.972 1.00 20.65 ? 90  ARG A CD  1 
ATOM   648  N NE  . ARG A 1 83  ? -0.549  -12.746 -20.561 1.00 21.37 ? 90  ARG A NE  1 
ATOM   649  C CZ  . ARG A 1 83  ? -1.736  -13.102 -20.058 1.00 23.50 ? 90  ARG A CZ  1 
ATOM   650  N NH1 . ARG A 1 83  ? -2.024  -14.395 -19.922 1.00 21.70 ? 90  ARG A NH1 1 
ATOM   651  N NH2 . ARG A 1 83  ? -2.630  -12.183 -19.679 1.00 19.32 ? 90  ARG A NH2 1 
ATOM   652  N N   . ASP A 1 84  ? 5.058   -14.076 -18.138 1.00 25.06 ? 91  ASP A N   1 
ATOM   653  C CA  . ASP A 1 84  ? 5.953   -15.240 -18.178 1.00 27.66 ? 91  ASP A CA  1 
ATOM   654  C C   . ASP A 1 84  ? 6.754   -15.416 -16.876 1.00 27.29 ? 91  ASP A C   1 
ATOM   655  O O   . ASP A 1 84  ? 7.600   -16.305 -16.805 1.00 28.33 ? 91  ASP A O   1 
ATOM   656  C CB  . ASP A 1 84  ? 6.868   -15.155 -19.421 1.00 29.01 ? 91  ASP A CB  1 
ATOM   657  C CG  . ASP A 1 84  ? 6.067   -14.950 -20.737 1.00 35.79 ? 91  ASP A CG  1 
ATOM   658  O OD1 . ASP A 1 84  ? 5.331   -15.857 -21.211 1.00 41.58 ? 91  ASP A OD1 1 
ATOM   659  O OD2 . ASP A 1 84  ? 6.151   -13.836 -21.303 1.00 40.73 ? 91  ASP A OD2 1 
ATOM   660  N N   . ASP A 1 85  ? 6.492   -14.579 -15.848 1.00 24.89 ? 92  ASP A N   1 
ATOM   661  C CA  . ASP A 1 85  ? 7.026   -14.797 -14.488 1.00 23.57 ? 92  ASP A CA  1 
ATOM   662  C C   . ASP A 1 85  ? 6.644   -16.232 -14.038 1.00 23.71 ? 92  ASP A C   1 
ATOM   663  O O   . ASP A 1 85  ? 5.481   -16.650 -14.205 1.00 21.50 ? 92  ASP A O   1 
ATOM   664  C CB  . ASP A 1 85  ? 6.441   -13.751 -13.521 1.00 23.27 ? 92  ASP A CB  1 
ATOM   665  C CG  . ASP A 1 85  ? 6.974   -13.835 -12.114 1.00 25.09 ? 92  ASP A CG  1 
ATOM   666  O OD1 . ASP A 1 85  ? 6.808   -14.840 -11.396 1.00 26.43 ? 92  ASP A OD1 1 
ATOM   667  O OD2 . ASP A 1 85  ? 7.566   -12.835 -11.674 1.00 29.68 ? 92  ASP A OD2 1 
ATOM   668  N N   . PRO A 1 86  ? 7.630   -16.980 -13.493 1.00 24.15 ? 93  PRO A N   1 
ATOM   669  C CA  . PRO A 1 86  ? 7.457   -18.341 -13.028 1.00 24.46 ? 93  PRO A CA  1 
ATOM   670  C C   . PRO A 1 86  ? 6.312   -18.467 -11.980 1.00 23.15 ? 93  PRO A C   1 
ATOM   671  O O   . PRO A 1 86  ? 5.770   -19.547 -11.795 1.00 24.63 ? 93  PRO A O   1 
ATOM   672  C CB  . PRO A 1 86  ? 8.824   -18.683 -12.392 1.00 25.00 ? 93  PRO A CB  1 
ATOM   673  C CG  . PRO A 1 86  ? 9.569   -17.338 -12.266 1.00 26.02 ? 93  PRO A CG  1 
ATOM   674  C CD  . PRO A 1 86  ? 9.035   -16.516 -13.363 1.00 25.13 ? 93  PRO A CD  1 
ATOM   675  N N   . GLN A 1 87  ? 5.952   -17.381 -11.311 1.00 21.75 ? 94  GLN A N   1 
ATOM   676  C CA  . GLN A 1 87  ? 4.924   -17.454 -10.328 1.00 20.95 ? 94  GLN A CA  1 
ATOM   677  C C   . GLN A 1 87  ? 3.568   -16.915 -10.790 1.00 18.61 ? 94  GLN A C   1 
ATOM   678  O O   . GLN A 1 87  ? 2.634   -16.917 -9.983  1.00 17.07 ? 94  GLN A O   1 
ATOM   679  C CB  . GLN A 1 87  ? 5.356   -16.771 -9.006  1.00 22.89 ? 94  GLN A CB  1 
ATOM   680  C CG  . GLN A 1 87  ? 6.563   -17.434 -8.298  1.00 27.62 ? 94  GLN A CG  1 
ATOM   681  C CD  . GLN A 1 87  ? 6.365   -18.927 -8.073  1.00 35.57 ? 94  GLN A CD  1 
ATOM   682  O OE1 . GLN A 1 87  ? 5.417   -19.381 -7.383  1.00 38.08 ? 94  GLN A OE1 1 
ATOM   683  N NE2 . GLN A 1 87  ? 7.258   -19.717 -8.678  1.00 40.92 ? 94  GLN A NE2 1 
ATOM   684  N N   . PHE A 1 88  ? 3.473   -16.497 -12.046 1.00 15.59 ? 95  PHE A N   1 
ATOM   685  C CA  . PHE A 1 88  ? 2.295   -15.776 -12.572 1.00 15.31 ? 95  PHE A CA  1 
ATOM   686  C C   . PHE A 1 88  ? 1.053   -16.604 -12.361 1.00 15.74 ? 95  PHE A C   1 
ATOM   687  O O   . PHE A 1 88  ? 0.106   -16.102 -11.790 1.00 14.05 ? 95  PHE A O   1 
ATOM   688  C CB  . PHE A 1 88  ? 2.477   -15.429 -14.065 1.00 15.53 ? 95  PHE A CB  1 
ATOM   689  C CG  . PHE A 1 88  ? 1.245   -14.879 -14.751 1.00 16.68 ? 95  PHE A CG  1 
ATOM   690  C CD1 . PHE A 1 88  ? 0.951   -13.507 -14.690 1.00 16.10 ? 95  PHE A CD1 1 
ATOM   691  C CD2 . PHE A 1 88  ? 0.399   -15.738 -15.527 1.00 15.36 ? 95  PHE A CD2 1 
ATOM   692  C CE1 . PHE A 1 88  ? -0.202  -12.992 -15.353 1.00 13.43 ? 95  PHE A CE1 1 
ATOM   693  C CE2 . PHE A 1 88  ? -0.741  -15.261 -16.170 1.00 17.50 ? 95  PHE A CE2 1 
ATOM   694  C CZ  . PHE A 1 88  ? -1.054  -13.868 -16.078 1.00 15.52 ? 95  PHE A CZ  1 
ATOM   695  N N   . ASP A 1 89  ? 1.060   -17.873 -12.817 1.00 15.22 ? 96  ASP A N   1 
ATOM   696  C CA  . ASP A 1 89  ? -0.137  -18.700 -12.720 1.00 15.54 ? 96  ASP A CA  1 
ATOM   697  C C   . ASP A 1 89  ? -0.640  -18.850 -11.290 1.00 15.47 ? 96  ASP A C   1 
ATOM   698  O O   . ASP A 1 89  ? -1.859  -18.838 -11.046 1.00 14.18 ? 96  ASP A O   1 
ATOM   699  C CB  . ASP A 1 89  ? 0.156   -20.100 -13.316 1.00 18.28 ? 96  ASP A CB  1 
ATOM   700  C CG  . ASP A 1 89  ? 0.434   -20.047 -14.807 1.00 20.44 ? 96  ASP A CG  1 
ATOM   701  O OD1 . ASP A 1 89  ? -0.230  -19.202 -15.472 1.00 21.36 ? 96  ASP A OD1 1 
ATOM   702  O OD2 . ASP A 1 89  ? 1.317   -20.856 -15.282 1.00 24.70 ? 96  ASP A OD2 1 
ATOM   703  N N   . ASN A 1 90  ? 0.305   -19.004 -10.349 1.00 15.48 ? 97  ASN A N   1 
ATOM   704  C CA  . ASN A 1 90  ? -0.053  -19.239 -8.956  1.00 15.57 ? 97  ASN A CA  1 
ATOM   705  C C   . ASN A 1 90  ? -0.684  -17.992 -8.380  1.00 14.56 ? 97  ASN A C   1 
ATOM   706  O O   . ASN A 1 90  ? -1.661  -18.084 -7.645  1.00 11.93 ? 97  ASN A O   1 
ATOM   707  C CB  . ASN A 1 90  ? 1.180   -19.578 -8.132  1.00 17.74 ? 97  ASN A CB  1 
ATOM   708  C CG  . ASN A 1 90  ? 0.835   -19.992 -6.715  1.00 20.81 ? 97  ASN A CG  1 
ATOM   709  O OD1 . ASN A 1 90  ? 1.414   -19.475 -5.755  1.00 25.83 ? 97  ASN A OD1 1 
ATOM   710  N ND2 . ASN A 1 90  ? -0.125  -20.926 -6.566  1.00 20.68 ? 97  ASN A ND2 1 
ATOM   711  N N   . TYR A 1 91  ? -0.116  -16.820 -8.680  1.00 14.44 ? 98  TYR A N   1 
ATOM   712  C CA  . TYR A 1 91  ? -0.721  -15.599 -8.136  1.00 14.15 ? 98  TYR A CA  1 
ATOM   713  C C   . TYR A 1 91  ? -2.105  -15.375 -8.696  1.00 14.64 ? 98  TYR A C   1 
ATOM   714  O O   . TYR A 1 91  ? -2.945  -14.906 -7.982  1.00 13.62 ? 98  TYR A O   1 
ATOM   715  C CB  . TYR A 1 91  ? 0.116   -14.353 -8.477  1.00 15.37 ? 98  TYR A CB  1 
ATOM   716  C CG  . TYR A 1 91  ? 1.425   -14.341 -7.733  1.00 14.87 ? 98  TYR A CG  1 
ATOM   717  C CD1 . TYR A 1 91  ? 2.611   -14.271 -8.437  1.00 15.89 ? 98  TYR A CD1 1 
ATOM   718  C CD2 . TYR A 1 91  ? 1.489   -14.391 -6.325  1.00 17.11 ? 98  TYR A CD2 1 
ATOM   719  C CE1 . TYR A 1 91  ? 3.871   -14.290 -7.805  1.00 18.75 ? 98  TYR A CE1 1 
ATOM   720  C CE2 . TYR A 1 91  ? 2.800   -14.372 -5.661  1.00 21.88 ? 98  TYR A CE2 1 
ATOM   721  C CZ  . TYR A 1 91  ? 3.944   -14.324 -6.455  1.00 20.43 ? 98  TYR A CZ  1 
ATOM   722  O OH  . TYR A 1 91  ? 5.224   -14.273 -5.950  1.00 28.39 ? 98  TYR A OH  1 
ATOM   723  N N   . VAL A 1 92  ? -2.297  -15.587 -10.000 1.00 12.31 ? 99  VAL A N   1 
ATOM   724  C CA  . VAL A 1 92  ? -3.609  -15.325 -10.624 1.00 14.39 ? 99  VAL A CA  1 
ATOM   725  C C   . VAL A 1 92  ? -4.638  -16.239 -9.984  1.00 13.66 ? 99  VAL A C   1 
ATOM   726  O O   . VAL A 1 92  ? -5.743  -15.823 -9.597  1.00 14.06 ? 99  VAL A O   1 
ATOM   727  C CB  . VAL A 1 92  ? -3.580  -15.561 -12.138 1.00 13.28 ? 99  VAL A CB  1 
ATOM   728  C CG1 . VAL A 1 92  ? -5.023  -15.500 -12.704 1.00 16.06 ? 99  VAL A CG1 1 
ATOM   729  C CG2 . VAL A 1 92  ? -2.709  -14.493 -12.808 1.00 16.75 ? 99  VAL A CG2 1 
ATOM   730  N N   . LYS A 1 93  ? -4.254  -17.492 -9.840  1.00 13.45 ? 100 LYS A N   1 
ATOM   731  C CA  . LYS A 1 93  ? -5.115  -18.484 -9.144  1.00 14.34 ? 100 LYS A CA  1 
ATOM   732  C C   . LYS A 1 93  ? -5.440  -18.101 -7.696  1.00 14.01 ? 100 LYS A C   1 
ATOM   733  O O   . LYS A 1 93  ? -6.606  -18.168 -7.304  1.00 13.35 ? 100 LYS A O   1 
ATOM   734  C CB  . LYS A 1 93  ? -4.447  -19.829 -9.105  1.00 15.49 ? 100 LYS A CB  1 
ATOM   735  C CG  . LYS A 1 93  ? -5.357  -20.768 -8.353  1.00 14.72 ? 100 LYS A CG  1 
ATOM   736  C CD  . LYS A 1 93  ? -5.004  -22.196 -8.756  1.00 24.35 ? 100 LYS A CD  1 
ATOM   737  C CE  . LYS A 1 93  ? -4.279  -22.839 -7.638  1.00 26.52 ? 100 LYS A CE  1 
ATOM   738  N NZ  . LYS A 1 93  ? -4.826  -24.285 -7.620  1.00 33.52 ? 100 LYS A NZ  1 
ATOM   739  N N   . ILE A 1 94  ? -4.445  -17.678 -6.911  1.00 13.79 ? 101 ILE A N   1 
ATOM   740  C CA  . ILE A 1 94  ? -4.797  -17.155 -5.550  1.00 14.56 ? 101 ILE A CA  1 
ATOM   741  C C   . ILE A 1 94  ? -5.759  -15.911 -5.534  1.00 13.97 ? 101 ILE A C   1 
ATOM   742  O O   . ILE A 1 94  ? -6.725  -15.875 -4.789  1.00 12.97 ? 101 ILE A O   1 
ATOM   743  C CB  . ILE A 1 94  ? -3.550  -16.890 -4.670  1.00 14.88 ? 101 ILE A CB  1 
ATOM   744  C CG1 . ILE A 1 94  ? -2.779  -18.211 -4.479  1.00 12.83 ? 101 ILE A CG1 1 
ATOM   745  C CG2 . ILE A 1 94  ? -4.049  -16.281 -3.327  1.00 11.72 ? 101 ILE A CG2 1 
ATOM   746  C CD1 . ILE A 1 94  ? -1.318  -17.971 -4.056  1.00 14.65 ? 101 ILE A CD1 1 
ATOM   747  N N   . CYS A 1 95  ? -5.527  -14.955 -6.417  1.00 13.98 ? 102 CYS A N   1 
ATOM   748  C CA  . CYS A 1 95  ? -6.499  -13.856 -6.687  1.00 15.43 ? 102 CYS A CA  1 
ATOM   749  C C   . CYS A 1 95  ? -7.933  -14.312 -7.082  1.00 16.22 ? 102 CYS A C   1 
ATOM   750  O O   . CYS A 1 95  ? -8.933  -13.855 -6.542  1.00 15.07 ? 102 CYS A O   1 
ATOM   751  C CB  . CYS A 1 95  ? -5.916  -12.866 -7.703  1.00 13.91 ? 102 CYS A CB  1 
ATOM   752  S SG  . CYS A 1 95  ? -4.468  -12.008 -7.016  1.00 16.74 ? 102 CYS A SG  1 
ATOM   753  N N   . ASP A 1 96  ? -8.004  -15.259 -8.010  1.00 16.88 ? 103 ASP A N   1 
ATOM   754  C CA  . ASP A 1 96  ? -9.259  -15.924 -8.342  1.00 18.00 ? 103 ASP A CA  1 
ATOM   755  C C   . ASP A 1 96  ? -10.000 -16.423 -7.107  1.00 16.48 ? 103 ASP A C   1 
ATOM   756  O O   . ASP A 1 96  ? -11.201 -16.196 -6.979  1.00 18.37 ? 103 ASP A O   1 
ATOM   757  C CB  . ASP A 1 96  ? -9.023  -17.098 -9.273  1.00 18.04 ? 103 ASP A CB  1 
ATOM   758  C CG  . ASP A 1 96  ? -8.715  -16.660 -10.715 1.00 24.85 ? 103 ASP A CG  1 
ATOM   759  O OD1 . ASP A 1 96  ? -8.750  -15.432 -11.034 1.00 26.41 ? 103 ASP A OD1 1 
ATOM   760  O OD2 . ASP A 1 96  ? -8.477  -17.591 -11.529 1.00 34.11 ? 103 ASP A OD2 1 
ATOM   761  N N   . GLN A 1 97  ? -9.297  -17.123 -6.228  1.00 15.37 ? 104 GLN A N   1 
ATOM   762  C CA  . GLN A 1 97  ? -9.899  -17.678 -5.044  1.00 15.99 ? 104 GLN A CA  1 
ATOM   763  C C   . GLN A 1 97  ? -10.266 -16.594 -4.014  1.00 15.54 ? 104 GLN A C   1 
ATOM   764  O O   . GLN A 1 97  ? -11.358 -16.652 -3.438  1.00 14.91 ? 104 GLN A O   1 
ATOM   765  C CB  . GLN A 1 97  ? -8.935  -18.677 -4.402  1.00 15.03 ? 104 GLN A CB  1 
ATOM   766  C CG  . GLN A 1 97  ? -8.699  -19.854 -5.256  1.00 18.10 ? 104 GLN A CG  1 
ATOM   767  C CD  . GLN A 1 97  ? -7.624  -20.772 -4.722  1.00 20.77 ? 104 GLN A CD  1 
ATOM   768  O OE1 . GLN A 1 97  ? -6.730  -20.351 -4.007  1.00 19.75 ? 104 GLN A OE1 1 
ATOM   769  N NE2 . GLN A 1 97  ? -7.659  -22.029 -5.149  1.00 22.26 ? 104 GLN A NE2 1 
ATOM   770  N N   . CYS A 1 98  ? -9.338  -15.664 -3.744  1.00 13.76 ? 105 CYS A N   1 
ATOM   771  C CA  . CYS A 1 98  ? -9.441  -14.803 -2.545  1.00 14.62 ? 105 CYS A CA  1 
ATOM   772  C C   . CYS A 1 98  ? -10.054 -13.399 -2.734  1.00 15.91 ? 105 CYS A C   1 
ATOM   773  O O   . CYS A 1 98  ? -10.678 -12.874 -1.800  1.00 16.19 ? 105 CYS A O   1 
ATOM   774  C CB  . CYS A 1 98  ? -8.126  -14.704 -1.786  1.00 15.43 ? 105 CYS A CB  1 
ATOM   775  S SG  . CYS A 1 98  ? -7.674  -16.322 -1.076  1.00 17.14 ? 105 CYS A SG  1 
ATOM   776  N N   . VAL A 1 99  ? -9.926  -12.807 -3.911  1.00 15.69 ? 106 VAL A N   1 
ATOM   777  C CA  . VAL A 1 99  ? -10.420 -11.423 -4.064  1.00 15.41 ? 106 VAL A CA  1 
ATOM   778  C C   . VAL A 1 99  ? -11.935 -11.512 -4.125  1.00 15.22 ? 106 VAL A C   1 
ATOM   779  O O   . VAL A 1 99  ? -12.462 -12.198 -4.989  1.00 14.44 ? 106 VAL A O   1 
ATOM   780  C CB  . VAL A 1 99  ? -9.942  -10.801 -5.345  1.00 15.48 ? 106 VAL A CB  1 
ATOM   781  C CG1 . VAL A 1 99  ? -10.728 -9.360  -5.664  1.00 16.17 ? 106 VAL A CG1 1 
ATOM   782  C CG2 . VAL A 1 99  ? -8.398  -10.612 -5.344  1.00 14.61 ? 106 VAL A CG2 1 
ATOM   783  N N   . ASP A 1 100 ? -12.638 -10.869 -3.167  1.00 15.78 ? 107 ASP A N   1 
ATOM   784  C CA  . ASP A 1 100 ? -14.079 -10.920 -3.115  1.00 16.09 ? 107 ASP A CA  1 
ATOM   785  C C   . ASP A 1 100 ? -14.530 -12.375 -2.871  1.00 17.08 ? 107 ASP A C   1 
ATOM   786  O O   . ASP A 1 100 ? -15.641 -12.756 -3.291  1.00 18.00 ? 107 ASP A O   1 
ATOM   787  C CB  . ASP A 1 100 ? -14.698 -10.418 -4.432  1.00 15.57 ? 107 ASP A CB  1 
ATOM   788  C CG  . ASP A 1 100 ? -14.470 -8.953  -4.654  1.00 19.13 ? 107 ASP A CG  1 
ATOM   789  O OD1 . ASP A 1 100 ? -14.143 -8.239  -3.698  1.00 19.86 ? 107 ASP A OD1 1 
ATOM   790  O OD2 . ASP A 1 100 ? -14.563 -8.511  -5.803  1.00 24.37 ? 107 ASP A OD2 1 
ATOM   791  N N   . GLY A 1 101 ? -13.682 -13.169 -2.222  1.00 17.36 ? 108 GLY A N   1 
ATOM   792  C CA  . GLY A 1 101 ? -13.890 -14.645 -2.026  1.00 15.13 ? 108 GLY A CA  1 
ATOM   793  C C   . GLY A 1 101 ? -14.742 -15.023 -0.820  1.00 16.02 ? 108 GLY A C   1 
ATOM   794  O O   . GLY A 1 101 ? -15.055 -16.207 -0.601  1.00 14.47 ? 108 GLY A O   1 
ATOM   795  N N   . VAL A 1 102 ? -15.149 -14.026 -0.034  1.00 16.02 ? 109 VAL A N   1 
ATOM   796  C CA  . VAL A 1 102 ? -15.896 -14.302 1.192   1.00 16.94 ? 109 VAL A CA  1 
ATOM   797  C C   . VAL A 1 102 ? -17.116 -15.195 0.869   1.00 18.73 ? 109 VAL A C   1 
ATOM   798  O O   . VAL A 1 102 ? -17.789 -14.992 -0.137  1.00 19.73 ? 109 VAL A O   1 
ATOM   799  C CB  . VAL A 1 102 ? -16.372 -13.001 1.930   1.00 15.17 ? 109 VAL A CB  1 
ATOM   800  C CG1 . VAL A 1 102 ? -17.239 -12.181 1.032   1.00 15.05 ? 109 VAL A CG1 1 
ATOM   801  C CG2 . VAL A 1 102 ? -17.120 -13.378 3.286   1.00 16.93 ? 109 VAL A CG2 1 
ATOM   802  N N   . GLY A 1 103 ? -17.384 -16.181 1.714   1.00 19.35 ? 110 GLY A N   1 
ATOM   803  C CA  . GLY A 1 103 ? -18.506 -17.071 1.415   1.00 20.64 ? 110 GLY A CA  1 
ATOM   804  C C   . GLY A 1 103 ? -18.142 -18.292 0.599   1.00 20.36 ? 110 GLY A C   1 
ATOM   805  O O   . GLY A 1 103 ? -18.986 -19.182 0.398   1.00 20.14 ? 110 GLY A O   1 
ATOM   806  N N   . THR A 1 104 ? -16.886 -18.350 0.133   1.00 19.93 ? 111 THR A N   1 
ATOM   807  C CA  . THR A 1 104 ? -16.359 -19.533 -0.554  1.00 19.43 ? 111 THR A CA  1 
ATOM   808  C C   . THR A 1 104 ? -15.090 -20.172 0.104   1.00 19.58 ? 111 THR A C   1 
ATOM   809  O O   . THR A 1 104 ? -14.319 -19.522 0.858   1.00 17.99 ? 111 THR A O   1 
ATOM   810  C CB  . THR A 1 104 ? -16.053 -19.222 -2.035  1.00 20.45 ? 111 THR A CB  1 
ATOM   811  O OG1 . THR A 1 104 ? -14.887 -18.364 -2.150  1.00 19.78 ? 111 THR A OG1 1 
ATOM   812  C CG2 . THR A 1 104 ? -17.239 -18.599 -2.702  1.00 20.23 ? 111 THR A CG2 1 
ATOM   813  N N   . ARG A 1 105 ? -14.832 -21.430 -0.227  1.00 19.41 ? 112 ARG A N   1 
ATOM   814  C CA  . ARG A 1 105 ? -13.582 -22.120 0.208   1.00 22.14 ? 112 ARG A CA  1 
ATOM   815  C C   . ARG A 1 105 ? -12.974 -22.764 -1.014  1.00 21.07 ? 112 ARG A C   1 
ATOM   816  O O   . ARG A 1 105 ? -13.699 -23.085 -1.958  1.00 21.59 ? 112 ARG A O   1 
ATOM   817  C CB  . ARG A 1 105 ? -13.835 -23.169 1.294   1.00 21.98 ? 112 ARG A CB  1 
ATOM   818  C CG  . ARG A 1 105 ? -14.639 -22.670 2.496   1.00 26.41 ? 112 ARG A CG  1 
ATOM   819  C CD  . ARG A 1 105 ? -14.710 -23.668 3.691   1.00 25.89 ? 112 ARG A CD  1 
ATOM   820  N NE  . ARG A 1 105 ? -14.809 -22.937 4.989   1.00 32.38 ? 112 ARG A NE  1 
ATOM   821  C CZ  . ARG A 1 105 ? -13.816 -22.831 5.865   1.00 32.30 ? 112 ARG A CZ  1 
ATOM   822  N NH1 . ARG A 1 105 ? -12.612 -23.405 5.646   1.00 33.05 ? 112 ARG A NH1 1 
ATOM   823  N NH2 . ARG A 1 105 ? -14.020 -22.143 6.975   1.00 36.16 ? 112 ARG A NH2 1 
ATOM   824  N N   . PRO A 1 106 ? -11.656 -22.887 -1.059  1.00 20.30 ? 113 PRO A N   1 
ATOM   825  C CA  . PRO A 1 106 ? -11.127 -23.399 -2.295  1.00 20.97 ? 113 PRO A CA  1 
ATOM   826  C C   . PRO A 1 106 ? -11.157 -24.937 -2.376  1.00 23.36 ? 113 PRO A C   1 
ATOM   827  O O   . PRO A 1 106 ? -11.323 -25.619 -1.387  1.00 20.85 ? 113 PRO A O   1 
ATOM   828  C CB  . PRO A 1 106 ? -9.644  -22.890 -2.284  1.00 21.57 ? 113 PRO A CB  1 
ATOM   829  C CG  . PRO A 1 106 ? -9.272  -22.710 -0.900  1.00 19.84 ? 113 PRO A CG  1 
ATOM   830  C CD  . PRO A 1 106 ? -10.584 -22.527 -0.104  1.00 21.06 ? 113 PRO A CD  1 
ATOM   831  N N   . LYS A 1 107 ? -11.120 -25.432 -3.608  1.00 26.86 ? 114 LYS A N   1 
ATOM   832  C CA  . LYS A 1 107 ? -10.200 -26.451 -4.008  1.00 30.00 ? 114 LYS A CA  1 
ATOM   833  C C   . LYS A 1 107 ? -10.209 -26.931 -5.468  1.00 31.23 ? 114 LYS A C   1 
ATOM   834  O O   . LYS A 1 107 ? -11.131 -27.602 -5.850  1.00 34.68 ? 114 LYS A O   1 
ATOM   835  C CB  . LYS A 1 107 ? -10.052 -27.564 -3.006  1.00 29.85 ? 114 LYS A CB  1 
ATOM   836  C CG  . LYS A 1 107 ? -8.687  -27.502 -2.531  1.00 30.21 ? 114 LYS A CG  1 
ATOM   837  C CD  . LYS A 1 107 ? -8.389  -28.810 -1.808  1.00 41.15 ? 114 LYS A CD  1 
ATOM   838  C CE  . LYS A 1 107 ? -9.299  -29.945 -2.292  1.00 45.29 ? 114 LYS A CE  1 
ATOM   839  N NZ  . LYS A 1 107 ? -8.703  -31.351 -2.135  1.00 44.27 ? 114 LYS A NZ  1 
ATOM   840  N N   . ARG B 1 1   ? 11.994  -7.771  -6.903  1.00 22.11 ? 8   ARG B N   1 
ATOM   841  C CA  . ARG B 1 1   ? 10.596  -7.231  -7.278  1.00 21.54 ? 8   ARG B CA  1 
ATOM   842  C C   . ARG B 1 1   ? 10.553  -5.750  -7.015  1.00 19.71 ? 8   ARG B C   1 
ATOM   843  O O   . ARG B 1 1   ? 10.984  -5.315  -5.971  1.00 20.52 ? 8   ARG B O   1 
ATOM   844  C CB  . ARG B 1 1   ? 9.404   -7.928  -6.540  1.00 22.54 ? 8   ARG B CB  1 
ATOM   845  C CG  . ARG B 1 1   ? 8.607   -8.824  -7.441  1.00 25.87 ? 8   ARG B CG  1 
ATOM   846  C CD  . ARG B 1 1   ? 7.465   -9.692  -6.812  1.00 23.18 ? 8   ARG B CD  1 
ATOM   847  N NE  . ARG B 1 1   ? 7.446   -11.108 -7.235  1.00 23.46 ? 8   ARG B NE  1 
ATOM   848  C CZ  . ARG B 1 1   ? 7.247   -11.573 -8.472  1.00 26.06 ? 8   ARG B CZ  1 
ATOM   849  N NH1 . ARG B 1 1   ? 7.281   -12.893 -8.673  1.00 25.30 ? 8   ARG B NH1 1 
ATOM   850  N NH2 . ARG B 1 1   ? 7.047   -10.754 -9.513  1.00 19.28 ? 8   ARG B NH2 1 
ATOM   851  N N   . TYR B 1 2   ? 10.059  -4.974  -7.972  1.00 18.88 ? 9   TYR B N   1 
ATOM   852  C CA  . TYR B 1 2   ? 9.923   -3.550  -7.811  1.00 19.09 ? 9   TYR B CA  1 
ATOM   853  C C   . TYR B 1 2   ? 9.180   -3.148  -6.491  1.00 17.28 ? 9   TYR B C   1 
ATOM   854  O O   . TYR B 1 2   ? 9.641   -2.281  -5.727  1.00 17.19 ? 9   TYR B O   1 
ATOM   855  C CB  . TYR B 1 2   ? 9.282   -2.955  -9.045  1.00 18.84 ? 9   TYR B CB  1 
ATOM   856  C CG  . TYR B 1 2   ? 9.025   -1.478  -8.994  1.00 19.34 ? 9   TYR B CG  1 
ATOM   857  C CD1 . TYR B 1 2   ? 7.725   -0.996  -8.828  1.00 20.38 ? 9   TYR B CD1 1 
ATOM   858  C CD2 . TYR B 1 2   ? 10.054  -0.548  -9.143  1.00 21.17 ? 9   TYR B CD2 1 
ATOM   859  C CE1 . TYR B 1 2   ? 7.457   0.370   -8.831  1.00 21.59 ? 9   TYR B CE1 1 
ATOM   860  C CE2 . TYR B 1 2   ? 9.799   0.850   -9.153  1.00 18.20 ? 9   TYR B CE2 1 
ATOM   861  C CZ  . TYR B 1 2   ? 8.492   1.291   -8.991  1.00 23.51 ? 9   TYR B CZ  1 
ATOM   862  O OH  . TYR B 1 2   ? 8.172   2.645   -8.977  1.00 25.18 ? 9   TYR B OH  1 
ATOM   863  N N   . CYS B 1 3   ? 8.117   -3.871  -6.193  1.00 16.86 ? 10  CYS B N   1 
ATOM   864  C CA  . CYS B 1 3   ? 7.305   -3.607  -4.966  1.00 16.52 ? 10  CYS B CA  1 
ATOM   865  C C   . CYS B 1 3   ? 8.065   -3.829  -3.654  1.00 16.92 ? 10  CYS B C   1 
ATOM   866  O O   . CYS B 1 3   ? 7.640   -3.334  -2.598  1.00 16.24 ? 10  CYS B O   1 
ATOM   867  C CB  . CYS B 1 3   ? 6.020   -4.436  -5.039  1.00 14.50 ? 10  CYS B CB  1 
ATOM   868  S SG  . CYS B 1 3   ? 6.307   -6.143  -4.712  1.00 16.48 ? 10  CYS B SG  1 
ATOM   869  N N   . LYS B 1 4   ? 9.210   -4.524  -3.684  1.00 15.79 ? 11  LYS B N   1 
ATOM   870  C CA  . LYS B 1 4   ? 9.981   -4.723  -2.464  1.00 15.69 ? 11  LYS B CA  1 
ATOM   871  C C   . LYS B 1 4   ? 11.257  -3.784  -2.380  1.00 17.11 ? 11  LYS B C   1 
ATOM   872  O O   . LYS B 1 4   ? 12.031  -3.915  -1.461  1.00 17.74 ? 11  LYS B O   1 
ATOM   873  C CB  . LYS B 1 4   ? 10.405  -6.202  -2.263  1.00 15.73 ? 11  LYS B CB  1 
ATOM   874  C CG  . LYS B 1 4   ? 9.292   -7.217  -1.942  1.00 14.77 ? 11  LYS B CG  1 
ATOM   875  C CD  . LYS B 1 4   ? 8.220   -6.705  -0.993  1.00 11.04 ? 11  LYS B CD  1 
ATOM   876  C CE  . LYS B 1 4   ? 7.323   -7.883  -0.556  1.00 12.32 ? 11  LYS B CE  1 
ATOM   877  N NZ  . LYS B 1 4   ? 6.365   -7.471  0.513   1.00 8.13  ? 11  LYS B NZ  1 
ATOM   878  N N   . ARG B 1 5   ? 11.483  -2.906  -3.348  1.00 17.86 ? 12  ARG B N   1 
ATOM   879  C CA  . ARG B 1 5   ? 12.633  -2.005  -3.289  1.00 19.29 ? 12  ARG B CA  1 
ATOM   880  C C   . ARG B 1 5   ? 12.623  -1.088  -2.062  1.00 20.62 ? 12  ARG B C   1 
ATOM   881  O O   . ARG B 1 5   ? 11.557  -0.693  -1.566  1.00 19.31 ? 12  ARG B O   1 
ATOM   882  C CB  . ARG B 1 5   ? 12.751  -1.140  -4.539  1.00 18.86 ? 12  ARG B CB  1 
ATOM   883  C CG  . ARG B 1 5   ? 13.312  -1.851  -5.788  1.00 22.25 ? 12  ARG B CG  1 
ATOM   884  C CD  . ARG B 1 5   ? 13.127  -0.934  -7.024  1.00 23.02 ? 12  ARG B CD  1 
ATOM   885  N NE  . ARG B 1 5   ? 13.825  -1.473  -8.191  1.00 27.89 ? 12  ARG B NE  1 
ATOM   886  C CZ  . ARG B 1 5   ? 14.218  -0.788  -9.260  1.00 34.91 ? 12  ARG B CZ  1 
ATOM   887  N NH1 . ARG B 1 5   ? 13.992  0.538   -9.364  1.00 33.86 ? 12  ARG B NH1 1 
ATOM   888  N NH2 . ARG B 1 5   ? 14.843  -1.450  -10.263 1.00 35.81 ? 12  ARG B NH2 1 
ATOM   889  N N   . THR B 1 6   ? 13.813  -0.766  -1.545  1.00 20.28 ? 13  THR B N   1 
ATOM   890  C CA  . THR B 1 6   ? 13.916  0.236   -0.507  1.00 22.52 ? 13  THR B CA  1 
ATOM   891  C C   . THR B 1 6   ? 14.935  1.341   -0.944  1.00 22.86 ? 13  THR B C   1 
ATOM   892  O O   . THR B 1 6   ? 15.712  1.190   -1.938  1.00 23.22 ? 13  THR B O   1 
ATOM   893  C CB  . THR B 1 6   ? 14.318  -0.338  0.817   1.00 22.96 ? 13  THR B CB  1 
ATOM   894  O OG1 . THR B 1 6   ? 15.619  -0.956  0.695   1.00 27.95 ? 13  THR B OG1 1 
ATOM   895  C CG2 . THR B 1 6   ? 13.292  -1.336  1.352   1.00 24.35 ? 13  THR B CG2 1 
ATOM   896  N N   . ILE B 1 7   ? 14.892  2.471   -0.262  1.00 22.62 ? 14  ILE B N   1 
ATOM   897  C CA  . ILE B 1 7   ? 15.758  3.569   -0.648  1.00 22.49 ? 14  ILE B CA  1 
ATOM   898  C C   . ILE B 1 7   ? 16.983  3.589   0.261   1.00 23.20 ? 14  ILE B C   1 
ATOM   899  O O   . ILE B 1 7   ? 16.893  3.919   1.421   1.00 20.32 ? 14  ILE B O   1 
ATOM   900  C CB  . ILE B 1 7   ? 15.068  4.954   -0.643  1.00 22.61 ? 14  ILE B CB  1 
ATOM   901  C CG1 . ILE B 1 7   ? 13.884  4.936   -1.593  1.00 22.66 ? 14  ILE B CG1 1 
ATOM   902  C CG2 . ILE B 1 7   ? 16.074  6.026   -1.210  1.00 22.10 ? 14  ILE B CG2 1 
ATOM   903  C CD1 . ILE B 1 7   ? 12.879  5.982   -1.354  1.00 20.57 ? 14  ILE B CD1 1 
ATOM   904  N N   . PRO B 1 8   ? 18.160  3.254   -0.314  1.00 26.23 ? 15  PRO B N   1 
ATOM   905  C CA  . PRO B 1 8   ? 19.317  3.253   0.556   1.00 27.78 ? 15  PRO B CA  1 
ATOM   906  C C   . PRO B 1 8   ? 19.817  4.701   0.863   1.00 30.05 ? 15  PRO B C   1 
ATOM   907  O O   . PRO B 1 8   ? 19.530  5.645   0.107   1.00 29.73 ? 15  PRO B O   1 
ATOM   908  C CB  . PRO B 1 8   ? 20.372  2.497   -0.252  1.00 28.64 ? 15  PRO B CB  1 
ATOM   909  C CG  . PRO B 1 8   ? 19.851  2.354   -1.638  1.00 29.27 ? 15  PRO B CG  1 
ATOM   910  C CD  . PRO B 1 8   ? 18.469  2.934   -1.722  1.00 25.28 ? 15  PRO B CD  1 
ATOM   911  N N   . PRO B 1 9   ? 20.561  4.875   1.968   1.00 32.23 ? 16  PRO B N   1 
ATOM   912  C CA  . PRO B 1 9   ? 21.376  6.106   2.176   1.00 33.20 ? 16  PRO B CA  1 
ATOM   913  C C   . PRO B 1 9   ? 22.116  6.666   0.938   1.00 33.62 ? 16  PRO B C   1 
ATOM   914  O O   . PRO B 1 9   ? 22.727  5.924   0.168   1.00 34.59 ? 16  PRO B O   1 
ATOM   915  C CB  . PRO B 1 9   ? 22.330  5.653   3.261   1.00 33.08 ? 16  PRO B CB  1 
ATOM   916  C CG  . PRO B 1 9   ? 21.459  4.827   4.116   1.00 33.95 ? 16  PRO B CG  1 
ATOM   917  C CD  . PRO B 1 9   ? 20.644  3.988   3.157   1.00 31.87 ? 16  PRO B CD  1 
ATOM   918  N N   . GLY B 1 10  ? 22.001  7.977   0.707   1.00 34.07 ? 17  GLY B N   1 
ATOM   919  C CA  . GLY B 1 10  ? 22.657  8.649   -0.424  1.00 33.08 ? 17  GLY B CA  1 
ATOM   920  C C   . GLY B 1 10  ? 21.998  8.510   -1.777  1.00 34.13 ? 17  GLY B C   1 
ATOM   921  O O   . GLY B 1 10  ? 22.562  8.942   -2.824  1.00 34.96 ? 17  GLY B O   1 
ATOM   922  N N   . TYR B 1 11  ? 20.829  7.849   -1.811  1.00 32.21 ? 18  TYR B N   1 
ATOM   923  C CA  . TYR B 1 11  ? 20.105  7.707   -3.065  1.00 31.19 ? 18  TYR B CA  1 
ATOM   924  C C   . TYR B 1 11  ? 18.924  8.687   -3.094  1.00 28.51 ? 18  TYR B C   1 
ATOM   925  O O   . TYR B 1 11  ? 18.291  8.910   -2.057  1.00 26.42 ? 18  TYR B O   1 
ATOM   926  C CB  . TYR B 1 11  ? 19.628  6.255   -3.276  1.00 33.88 ? 18  TYR B CB  1 
ATOM   927  C CG  . TYR B 1 11  ? 20.700  5.363   -3.879  1.00 37.47 ? 18  TYR B CG  1 
ATOM   928  C CD1 . TYR B 1 11  ? 21.890  5.081   -3.170  1.00 41.25 ? 18  TYR B CD1 1 
ATOM   929  C CD2 . TYR B 1 11  ? 20.543  4.812   -5.157  1.00 41.65 ? 18  TYR B CD2 1 
ATOM   930  C CE1 . TYR B 1 11  ? 22.909  4.241   -3.727  1.00 42.79 ? 18  TYR B CE1 1 
ATOM   931  C CE2 . TYR B 1 11  ? 21.546  3.989   -5.732  1.00 43.97 ? 18  TYR B CE2 1 
ATOM   932  C CZ  . TYR B 1 11  ? 22.727  3.723   -5.015  1.00 42.95 ? 18  TYR B CZ  1 
ATOM   933  O OH  . TYR B 1 11  ? 23.718  2.925   -5.591  1.00 43.17 ? 18  TYR B OH  1 
ATOM   934  N N   . LYS B 1 12  ? 18.678  9.259   -4.273  1.00 26.64 ? 19  LYS B N   1 
ATOM   935  C CA  . LYS B 1 12  ? 17.485  10.026  -4.529  1.00 25.82 ? 19  LYS B CA  1 
ATOM   936  C C   . LYS B 1 12  ? 16.258  9.087   -4.650  1.00 24.58 ? 19  LYS B C   1 
ATOM   937  O O   . LYS B 1 12  ? 16.395  7.875   -4.963  1.00 22.94 ? 19  LYS B O   1 
ATOM   938  C CB  . LYS B 1 12  ? 17.646  10.874  -5.772  1.00 26.10 ? 19  LYS B CB  1 
ATOM   939  C CG  . LYS B 1 12  ? 18.953  11.754  -5.832  1.00 28.19 ? 19  LYS B CG  1 
ATOM   940  C CD  . LYS B 1 12  ? 18.920  12.641  -7.072  1.00 28.57 ? 19  LYS B CD  1 
ATOM   941  C CE  . LYS B 1 12  ? 20.146  13.606  -7.103  1.00 37.19 ? 19  LYS B CE  1 
ATOM   942  N NZ  . LYS B 1 12  ? 21.456  13.170  -7.862  1.00 43.20 ? 19  LYS B NZ  1 
ATOM   943  N N   . VAL B 1 13  ? 15.063  9.660   -4.495  1.00 22.83 ? 20  VAL B N   1 
ATOM   944  C CA  . VAL B 1 13  ? 13.848  8.848   -4.670  1.00 19.72 ? 20  VAL B CA  1 
ATOM   945  C C   . VAL B 1 13  ? 13.777  8.317   -6.099  1.00 21.00 ? 20  VAL B C   1 
ATOM   946  O O   . VAL B 1 13  ? 13.452  7.152   -6.310  1.00 20.16 ? 20  VAL B O   1 
ATOM   947  C CB  . VAL B 1 13  ? 12.563  9.594   -4.242  1.00 19.92 ? 20  VAL B CB  1 
ATOM   948  C CG1 . VAL B 1 13  ? 11.322  8.773   -4.612  1.00 15.15 ? 20  VAL B CG1 1 
ATOM   949  C CG2 . VAL B 1 13  ? 12.581  9.874   -2.679  1.00 13.09 ? 20  VAL B CG2 1 
ATOM   950  N N   . ASP B 1 14  ? 14.069  9.165   -7.085  1.00 23.27 ? 21  ASP B N   1 
ATOM   951  C CA  . ASP B 1 14  ? 13.818  8.842   -8.526  1.00 25.19 ? 21  ASP B CA  1 
ATOM   952  C C   . ASP B 1 14  ? 14.771  7.788   -9.101  1.00 25.52 ? 21  ASP B C   1 
ATOM   953  O O   . ASP B 1 14  ? 14.537  7.254   -10.200 1.00 27.09 ? 21  ASP B O   1 
ATOM   954  C CB  . ASP B 1 14  ? 13.860  10.100  -9.398  1.00 26.31 ? 21  ASP B CB  1 
ATOM   955  C CG  . ASP B 1 14  ? 15.186  10.871  -9.279  1.00 30.79 ? 21  ASP B CG  1 
ATOM   956  O OD1 . ASP B 1 14  ? 16.257  10.280  -8.930  1.00 32.29 ? 21  ASP B OD1 1 
ATOM   957  O OD2 . ASP B 1 14  ? 15.144  12.080  -9.556  1.00 35.24 ? 21  ASP B OD2 1 
ATOM   958  N N   . GLN B 1 15  ? 15.852  7.541   -8.376  1.00 24.67 ? 22  GLN B N   1 
ATOM   959  C CA  . GLN B 1 15  ? 16.788  6.503   -8.660  1.00 25.29 ? 22  GLN B CA  1 
ATOM   960  C C   . GLN B 1 15  ? 16.164  5.145   -8.403  1.00 26.03 ? 22  GLN B C   1 
ATOM   961  O O   . GLN B 1 15  ? 16.573  4.144   -9.013  1.00 27.25 ? 22  GLN B O   1 
ATOM   962  C CB  . GLN B 1 15  ? 18.035  6.636   -7.793  1.00 25.11 ? 22  GLN B CB  1 
ATOM   963  C CG  . GLN B 1 15  ? 18.897  7.834   -8.152  1.00 27.42 ? 22  GLN B CG  1 
ATOM   964  C CD  . GLN B 1 15  ? 20.218  7.832   -7.411  1.00 30.39 ? 22  GLN B CD  1 
ATOM   965  O OE1 . GLN B 1 15  ? 20.326  8.314   -6.280  1.00 33.28 ? 22  GLN B OE1 1 
ATOM   966  N NE2 . GLN B 1 15  ? 21.229  7.259   -8.039  1.00 34.32 ? 22  GLN B NE2 1 
ATOM   967  N N   . VAL B 1 16  ? 15.174  5.101   -7.501  1.00 24.43 ? 23  VAL B N   1 
ATOM   968  C CA  . VAL B 1 16  ? 14.612  3.850   -7.077  1.00 22.23 ? 23  VAL B CA  1 
ATOM   969  C C   . VAL B 1 16  ? 13.167  3.783   -7.630  1.00 22.28 ? 23  VAL B C   1 
ATOM   970  O O   . VAL B 1 16  ? 12.769  2.774   -8.204  1.00 23.47 ? 23  VAL B O   1 
ATOM   971  C CB  . VAL B 1 16  ? 14.610  3.680   -5.514  1.00 21.54 ? 23  VAL B CB  1 
ATOM   972  C CG1 . VAL B 1 16  ? 14.154  2.293   -5.109  1.00 20.80 ? 23  VAL B CG1 1 
ATOM   973  C CG2 . VAL B 1 16  ? 15.957  3.985   -4.839  1.00 25.59 ? 23  VAL B CG2 1 
ATOM   974  N N   . PHE B 1 17  ? 12.371  4.826   -7.433  1.00 18.67 ? 24  PHE B N   1 
ATOM   975  C CA  . PHE B 1 17  ? 10.953  4.730   -7.758  1.00 17.93 ? 24  PHE B CA  1 
ATOM   976  C C   . PHE B 1 17  ? 10.496  5.655   -8.833  1.00 19.23 ? 24  PHE B C   1 
ATOM   977  O O   . PHE B 1 17  ? 9.294   5.957   -8.954  1.00 18.22 ? 24  PHE B O   1 
ATOM   978  C CB  . PHE B 1 17  ? 10.114  4.928   -6.495  1.00 18.00 ? 24  PHE B CB  1 
ATOM   979  C CG  . PHE B 1 17  ? 10.284  3.843   -5.507  1.00 15.09 ? 24  PHE B CG  1 
ATOM   980  C CD1 . PHE B 1 17  ? 10.932  4.071   -4.306  1.00 17.43 ? 24  PHE B CD1 1 
ATOM   981  C CD2 . PHE B 1 17  ? 9.823   2.564   -5.791  1.00 16.27 ? 24  PHE B CD2 1 
ATOM   982  C CE1 . PHE B 1 17  ? 11.087  3.073   -3.326  1.00 14.97 ? 24  PHE B CE1 1 
ATOM   983  C CE2 . PHE B 1 17  ? 10.007  1.527   -4.818  1.00 16.88 ? 24  PHE B CE2 1 
ATOM   984  C CZ  . PHE B 1 17  ? 10.642  1.798   -3.595  1.00 19.04 ? 24  PHE B CZ  1 
ATOM   985  N N   . GLY B 1 18  ? 11.442  6.151   -9.623  1.00 19.96 ? 25  GLY B N   1 
ATOM   986  C CA  . GLY B 1 18  ? 11.053  6.952   -10.770 1.00 21.30 ? 25  GLY B CA  1 
ATOM   987  C C   . GLY B 1 18  ? 10.837  8.397   -10.350 1.00 23.40 ? 25  GLY B C   1 
ATOM   988  O O   . GLY B 1 18  ? 10.814  8.723   -9.132  1.00 21.27 ? 25  GLY B O   1 
ATOM   989  N N   . PRO B 1 19  ? 10.687  9.262   -11.350 1.00 23.77 ? 26  PRO B N   1 
ATOM   990  C CA  . PRO B 1 19  ? 10.557  10.723  -11.195 1.00 23.55 ? 26  PRO B CA  1 
ATOM   991  C C   . PRO B 1 19  ? 9.255   11.038  -10.520 1.00 22.55 ? 26  PRO B C   1 
ATOM   992  O O   . PRO B 1 19  ? 8.308   10.292  -10.635 1.00 20.42 ? 26  PRO B O   1 
ATOM   993  C CB  . PRO B 1 19  ? 10.539  11.239  -12.636 1.00 23.38 ? 26  PRO B CB  1 
ATOM   994  C CG  . PRO B 1 19  ? 9.930   10.023  -13.426 1.00 25.97 ? 26  PRO B CG  1 
ATOM   995  C CD  . PRO B 1 19  ? 10.588  8.842   -12.768 1.00 24.13 ? 26  PRO B CD  1 
ATOM   996  N N   . ARG B 1 20  ? 9.233   12.128  -9.766  1.00 21.22 ? 27  ARG B N   1 
ATOM   997  C CA  . ARG B 1 20  ? 8.023   12.536  -9.074  1.00 19.99 ? 27  ARG B CA  1 
ATOM   998  C C   . ARG B 1 20  ? 7.061   13.075  -10.084 1.00 21.25 ? 27  ARG B C   1 
ATOM   999  O O   . ARG B 1 20  ? 7.480   13.753  -11.015 1.00 21.39 ? 27  ARG B O   1 
ATOM   1000 C CB  . ARG B 1 20  ? 8.403   13.598  -8.044  1.00 21.14 ? 27  ARG B CB  1 
ATOM   1001 C CG  . ARG B 1 20  ? 9.396   13.118  -6.974  1.00 16.45 ? 27  ARG B CG  1 
ATOM   1002 C CD  . ARG B 1 20  ? 8.835   11.856  -6.221  1.00 18.86 ? 27  ARG B CD  1 
ATOM   1003 N NE  . ARG B 1 20  ? 9.029   10.540  -6.915  1.00 16.16 ? 27  ARG B NE  1 
ATOM   1004 C CZ  . ARG B 1 20  ? 8.467   9.404   -6.500  1.00 17.26 ? 27  ARG B CZ  1 
ATOM   1005 N NH1 . ARG B 1 20  ? 7.635   9.385   -5.403  1.00 10.71 ? 27  ARG B NH1 1 
ATOM   1006 N NH2 . ARG B 1 20  ? 8.708   8.269   -7.174  1.00 16.10 ? 27  ARG B NH2 1 
ATOM   1007 N N   . THR B 1 21  ? 5.768   12.789  -9.924  1.00 20.17 ? 28  THR B N   1 
ATOM   1008 C CA  . THR B 1 21  ? 4.825   13.052  -10.980 1.00 20.28 ? 28  THR B CA  1 
ATOM   1009 C C   . THR B 1 21  ? 3.710   13.813  -10.379 1.00 19.53 ? 28  THR B C   1 
ATOM   1010 O O   . THR B 1 21  ? 3.748   14.104  -9.188  1.00 19.84 ? 28  THR B O   1 
ATOM   1011 C CB  . THR B 1 21  ? 4.170   11.719  -11.490 1.00 21.54 ? 28  THR B CB  1 
ATOM   1012 O OG1 . THR B 1 21  ? 3.595   11.046  -10.364 1.00 22.47 ? 28  THR B OG1 1 
ATOM   1013 C CG2 . THR B 1 21  ? 5.176   10.833  -12.113 1.00 22.15 ? 28  THR B CG2 1 
ATOM   1014 N N   . LYS B 1 22  ? 2.706   14.141  -11.179 1.00 19.37 ? 29  LYS B N   1 
ATOM   1015 C CA  . LYS B 1 22  ? 1.492   14.735  -10.642 1.00 21.04 ? 29  LYS B CA  1 
ATOM   1016 C C   . LYS B 1 22  ? 0.315   13.924  -11.048 1.00 21.86 ? 29  LYS B C   1 
ATOM   1017 O O   . LYS B 1 22  ? 0.107   13.663  -12.264 1.00 20.90 ? 29  LYS B O   1 
ATOM   1018 C CB  . LYS B 1 22  ? 1.284   16.170  -11.129 1.00 20.98 ? 29  LYS B CB  1 
ATOM   1019 C CG  . LYS B 1 22  ? 2.445   17.111  -10.821 1.00 21.47 ? 29  LYS B CG  1 
ATOM   1020 C CD  . LYS B 1 22  ? 2.343   18.425  -11.700 1.00 22.91 ? 29  LYS B CD  1 
ATOM   1021 C CE  . LYS B 1 22  ? 3.409   19.481  -11.305 1.00 26.00 ? 29  LYS B CE  1 
ATOM   1022 N NZ  . LYS B 1 22  ? 3.468   20.649  -12.321 1.00 27.21 ? 29  LYS B NZ  1 
ATOM   1023 N N   . GLY B 1 23  ? -0.477  13.517  -10.060 1.00 21.18 ? 30  GLY B N   1 
ATOM   1024 C CA  . GLY B 1 23  ? -1.733  12.807  -10.381 1.00 22.03 ? 30  GLY B CA  1 
ATOM   1025 C C   . GLY B 1 23  ? -1.532  11.395  -10.937 1.00 21.69 ? 30  GLY B C   1 
ATOM   1026 O O   . GLY B 1 23  ? -2.425  10.849  -11.638 1.00 22.42 ? 30  GLY B O   1 
ATOM   1027 N N   . LYS B 1 24  ? -0.372  10.808  -10.694 1.00 20.73 ? 31  LYS B N   1 
ATOM   1028 C CA  . LYS B 1 24  ? -0.049  9.435   -11.211 1.00 22.04 ? 31  LYS B CA  1 
ATOM   1029 C C   . LYS B 1 24  ? 0.700   8.700   -10.142 1.00 20.23 ? 31  LYS B C   1 
ATOM   1030 O O   . LYS B 1 24  ? 1.038   9.348   -9.146  1.00 18.46 ? 31  LYS B O   1 
ATOM   1031 C CB  . LYS B 1 24  ? 0.887   9.517   -12.435 1.00 22.91 ? 31  LYS B CB  1 
ATOM   1032 C CG  . LYS B 1 24  ? 0.216   10.118  -13.674 1.00 33.23 ? 31  LYS B CG  1 
ATOM   1033 C CD  . LYS B 1 24  ? 1.273   10.792  -14.578 1.00 37.70 ? 31  LYS B CD  1 
ATOM   1034 C CE  . LYS B 1 24  ? 0.612   11.580  -15.730 1.00 41.73 ? 31  LYS B CE  1 
ATOM   1035 N NZ  . LYS B 1 24  ? 1.717   12.097  -16.694 1.00 42.27 ? 31  LYS B NZ  1 
ATOM   1036 N N   . GLU B 1 25  ? 1.083   7.420   -10.400 1.00 18.63 ? 32  GLU B N   1 
ATOM   1037 C CA  . GLU B 1 25  ? 2.035   6.697   -9.529  1.00 20.08 ? 32  GLU B CA  1 
ATOM   1038 C C   . GLU B 1 25  ? 3.271   7.530   -9.367  1.00 18.68 ? 32  GLU B C   1 
ATOM   1039 O O   . GLU B 1 25  ? 3.646   8.144   -10.317 1.00 18.42 ? 32  GLU B O   1 
ATOM   1040 C CB  . GLU B 1 25  ? 2.466   5.351   -10.126 1.00 20.17 ? 32  GLU B CB  1 
ATOM   1041 C CG  . GLU B 1 25  ? 1.314   4.394   -10.103 1.00 27.49 ? 32  GLU B CG  1 
ATOM   1042 C CD  . GLU B 1 25  ? 1.441   3.363   -11.196 1.00 37.71 ? 32  GLU B CD  1 
ATOM   1043 O OE1 . GLU B 1 25  ? 0.862   3.563   -12.310 1.00 42.67 ? 32  GLU B OE1 1 
ATOM   1044 O OE2 . GLU B 1 25  ? 2.138   2.385   -10.941 1.00 36.79 ? 32  GLU B OE2 1 
ATOM   1045 N N   . GLY B 1 26  ? 3.885   7.532   -8.182  1.00 17.10 ? 33  GLY B N   1 
ATOM   1046 C CA  . GLY B 1 26  ? 5.127   8.282   -7.998  1.00 16.80 ? 33  GLY B CA  1 
ATOM   1047 C C   . GLY B 1 26  ? 4.905   9.777   -7.766  1.00 16.31 ? 33  GLY B C   1 
ATOM   1048 O O   . GLY B 1 26  ? 5.815   10.585  -8.023  1.00 16.98 ? 33  GLY B O   1 
ATOM   1049 N N   . ASN B 1 27  ? 3.710   10.147  -7.275  1.00 15.78 ? 34  ASN B N   1 
ATOM   1050 C CA  . ASN B 1 27  ? 3.360   11.578  -7.130  1.00 15.07 ? 34  ASN B CA  1 
ATOM   1051 C C   . ASN B 1 27  ? 3.762   12.137  -5.760  1.00 14.66 ? 34  ASN B C   1 
ATOM   1052 O O   . ASN B 1 27  ? 3.705   13.364  -5.561  1.00 16.03 ? 34  ASN B O   1 
ATOM   1053 C CB  . ASN B 1 27  ? 1.865   11.843  -7.426  1.00 14.35 ? 34  ASN B CB  1 
ATOM   1054 C CG  . ASN B 1 27  ? 0.950   11.300  -6.364  1.00 16.69 ? 34  ASN B CG  1 
ATOM   1055 O OD1 . ASN B 1 27  ? 1.209   10.233  -5.823  1.00 10.44 ? 34  ASN B OD1 1 
ATOM   1056 N ND2 . ASN B 1 27  ? -0.203  11.974  -6.133  1.00 19.60 ? 34  ASN B ND2 1 
ATOM   1057 N N   . PHE B 1 28  ? 4.209   11.266  -4.839  1.00 14.37 ? 35  PHE B N   1 
ATOM   1058 C CA  . PHE B 1 28  ? 4.600   11.717  -3.497  1.00 14.97 ? 35  PHE B CA  1 
ATOM   1059 C C   . PHE B 1 28  ? 6.041   12.207  -3.397  1.00 16.12 ? 35  PHE B C   1 
ATOM   1060 O O   . PHE B 1 28  ? 6.996   11.403  -3.466  1.00 14.07 ? 35  PHE B O   1 
ATOM   1061 C CB  . PHE B 1 28  ? 4.350   10.665  -2.387  1.00 14.23 ? 35  PHE B CB  1 
ATOM   1062 C CG  . PHE B 1 28  ? 4.285   11.293  -0.986  1.00 14.90 ? 35  PHE B CG  1 
ATOM   1063 C CD1 . PHE B 1 28  ? 3.065   11.730  -0.487  1.00 16.80 ? 35  PHE B CD1 1 
ATOM   1064 C CD2 . PHE B 1 28  ? 5.422   11.588  -0.259  1.00 14.93 ? 35  PHE B CD2 1 
ATOM   1065 C CE1 . PHE B 1 28  ? 2.944   12.352  0.785   1.00 16.49 ? 35  PHE B CE1 1 
ATOM   1066 C CE2 . PHE B 1 28  ? 5.341   12.278  1.036   1.00 17.83 ? 35  PHE B CE2 1 
ATOM   1067 C CZ  . PHE B 1 28  ? 4.098   12.675  1.526   1.00 16.98 ? 35  PHE B CZ  1 
ATOM   1068 N N   . GLY B 1 29  ? 6.209   13.519  -3.233  1.00 16.89 ? 36  GLY B N   1 
ATOM   1069 C CA  . GLY B 1 29  ? 7.563   14.095  -2.970  1.00 15.56 ? 36  GLY B CA  1 
ATOM   1070 C C   . GLY B 1 29  ? 7.775   15.386  -3.749  1.00 15.76 ? 36  GLY B C   1 
ATOM   1071 O O   . GLY B 1 29  ? 7.502   15.433  -4.916  1.00 17.25 ? 36  GLY B O   1 
ATOM   1072 N N   . ASP B 1 30  ? 8.281   16.422  -3.093  1.00 16.09 ? 37  ASP B N   1 
ATOM   1073 C CA  . ASP B 1 30  ? 8.695   17.614  -3.776  1.00 16.65 ? 37  ASP B CA  1 
ATOM   1074 C C   . ASP B 1 30  ? 10.198  17.424  -4.094  1.00 16.98 ? 37  ASP B C   1 
ATOM   1075 O O   . ASP B 1 30  ? 10.751  16.355  -3.830  1.00 16.12 ? 37  ASP B O   1 
ATOM   1076 C CB  . ASP B 1 30  ? 8.404   18.897  -2.958  1.00 15.59 ? 37  ASP B CB  1 
ATOM   1077 C CG  . ASP B 1 30  ? 9.066   18.905  -1.566  1.00 18.58 ? 37  ASP B CG  1 
ATOM   1078 O OD1 . ASP B 1 30  ? 10.058  18.189  -1.376  1.00 19.00 ? 37  ASP B OD1 1 
ATOM   1079 O OD2 . ASP B 1 30  ? 8.619   19.671  -0.640  1.00 21.40 ? 37  ASP B OD2 1 
ATOM   1080 N N   . ASP B 1 31  ? 10.816  18.431  -4.684  1.00 16.99 ? 38  ASP B N   1 
ATOM   1081 C CA  . ASP B 1 31  ? 12.230  18.333  -5.109  1.00 20.27 ? 38  ASP B CA  1 
ATOM   1082 C C   . ASP B 1 31  ? 13.229  18.074  -3.983  1.00 19.67 ? 38  ASP B C   1 
ATOM   1083 O O   . ASP B 1 31  ? 14.238  17.379  -4.182  1.00 21.61 ? 38  ASP B O   1 
ATOM   1084 C CB  . ASP B 1 31  ? 12.617  19.604  -5.862  1.00 20.97 ? 38  ASP B CB  1 
ATOM   1085 C CG  . ASP B 1 31  ? 11.859  19.746  -7.168  1.00 28.88 ? 38  ASP B CG  1 
ATOM   1086 O OD1 . ASP B 1 31  ? 11.141  18.764  -7.540  1.00 32.15 ? 38  ASP B OD1 1 
ATOM   1087 O OD2 . ASP B 1 31  ? 11.984  20.804  -7.844  1.00 31.03 ? 38  ASP B OD2 1 
ATOM   1088 N N   . LYS B 1 32  ? 12.965  18.576  -2.782  1.00 20.16 ? 39  LYS B N   1 
ATOM   1089 C CA  . LYS B 1 32  ? 13.846  18.288  -1.625  1.00 20.28 ? 39  LYS B CA  1 
ATOM   1090 C C   . LYS B 1 32  ? 13.734  16.846  -1.179  1.00 18.24 ? 39  LYS B C   1 
ATOM   1091 O O   . LYS B 1 32  ? 14.723  16.197  -0.924  1.00 16.74 ? 39  LYS B O   1 
ATOM   1092 C CB  . LYS B 1 32  ? 13.472  19.190  -0.427  1.00 19.41 ? 39  LYS B CB  1 
ATOM   1093 C CG  . LYS B 1 32  ? 14.352  18.943  0.854   1.00 22.85 ? 39  LYS B CG  1 
ATOM   1094 C CD  . LYS B 1 32  ? 13.812  19.799  2.013   1.00 22.78 ? 39  LYS B CD  1 
ATOM   1095 C CE  . LYS B 1 32  ? 14.734  19.715  3.194   1.00 33.68 ? 39  LYS B CE  1 
ATOM   1096 N NZ  . LYS B 1 32  ? 15.963  20.521  2.780   1.00 33.35 ? 39  LYS B NZ  1 
ATOM   1097 N N   . MET B 1 33  ? 12.498  16.355  -1.055  1.00 17.48 ? 40  MET B N   1 
ATOM   1098 C CA  . MET B 1 33  ? 12.305  14.929  -0.730  1.00 16.70 ? 40  MET B CA  1 
ATOM   1099 C C   . MET B 1 33  ? 12.941  14.028  -1.802  1.00 18.21 ? 40  MET B C   1 
ATOM   1100 O O   . MET B 1 33  ? 13.563  13.039  -1.455  1.00 20.72 ? 40  MET B O   1 
ATOM   1101 C CB  . MET B 1 33  ? 10.809  14.575  -0.574  1.00 17.57 ? 40  MET B CB  1 
ATOM   1102 C CG  . MET B 1 33  ? 10.545  13.222  0.191   1.00 14.49 ? 40  MET B CG  1 
ATOM   1103 S SD  . MET B 1 33  ? 8.790   12.983  0.616   1.00 10.22 ? 40  MET B SD  1 
ATOM   1104 C CE  . MET B 1 33  ? 8.774   13.672  2.283   1.00 13.94 ? 40  MET B CE  1 
ATOM   1105 N N   . ASN B 1 34  ? 12.748  14.333  -3.088  1.00 19.29 ? 41  ASN B N   1 
ATOM   1106 C CA  . ASN B 1 34  ? 13.456  13.577  -4.151  1.00 19.35 ? 41  ASN B CA  1 
ATOM   1107 C C   . ASN B 1 34  ? 14.989  13.503  -3.904  1.00 21.46 ? 41  ASN B C   1 
ATOM   1108 O O   . ASN B 1 34  ? 15.581  12.405  -3.914  1.00 20.26 ? 41  ASN B O   1 
ATOM   1109 C CB  . ASN B 1 34  ? 13.155  14.164  -5.552  1.00 19.83 ? 41  ASN B CB  1 
ATOM   1110 C CG  . ASN B 1 34  ? 13.741  13.314  -6.681  1.00 22.99 ? 41  ASN B CG  1 
ATOM   1111 O OD1 . ASN B 1 34  ? 14.546  13.785  -7.513  1.00 20.63 ? 41  ASN B OD1 1 
ATOM   1112 N ND2 . ASN B 1 34  ? 13.386  12.048  -6.679  1.00 18.10 ? 41  ASN B ND2 1 
ATOM   1113 N N   . GLU B 1 35  ? 15.624  14.657  -3.677  1.00 21.28 ? 42  GLU B N   1 
ATOM   1114 C CA  . GLU B 1 35  ? 17.090  14.754  -3.576  1.00 23.27 ? 42  GLU B CA  1 
ATOM   1115 C C   . GLU B 1 35  ? 17.637  14.123  -2.354  1.00 23.18 ? 42  GLU B C   1 
ATOM   1116 O O   . GLU B 1 35  ? 18.699  13.540  -2.396  1.00 24.22 ? 42  GLU B O   1 
ATOM   1117 C CB  . GLU B 1 35  ? 17.511  16.198  -3.422  1.00 24.91 ? 42  GLU B CB  1 
ATOM   1118 C CG  . GLU B 1 35  ? 17.458  16.941  -4.679  1.00 30.80 ? 42  GLU B CG  1 
ATOM   1119 C CD  . GLU B 1 35  ? 17.382  18.445  -4.406  1.00 39.78 ? 42  GLU B CD  1 
ATOM   1120 O OE1 . GLU B 1 35  ? 17.772  18.894  -3.284  1.00 44.78 ? 42  GLU B OE1 1 
ATOM   1121 O OE2 . GLU B 1 35  ? 16.901  19.167  -5.306  1.00 40.00 ? 42  GLU B OE2 1 
ATOM   1122 N N   . GLU B 1 36  ? 16.943  14.297  -1.231  1.00 22.85 ? 43  GLU B N   1 
ATOM   1123 C CA  . GLU B 1 36  ? 17.442  13.864  0.059   1.00 23.22 ? 43  GLU B CA  1 
ATOM   1124 C C   . GLU B 1 36  ? 17.080  12.430  0.364   1.00 23.88 ? 43  GLU B C   1 
ATOM   1125 O O   . GLU B 1 36  ? 17.773  11.738  1.158   1.00 24.01 ? 43  GLU B O   1 
ATOM   1126 C CB  . GLU B 1 36  ? 16.928  14.820  1.155   1.00 23.78 ? 43  GLU B CB  1 
ATOM   1127 C CG  . GLU B 1 36  ? 17.428  16.248  0.871   1.00 24.47 ? 43  GLU B CG  1 
ATOM   1128 C CD  . GLU B 1 36  ? 17.315  17.186  2.052   1.00 30.28 ? 43  GLU B CD  1 
ATOM   1129 O OE1 . GLU B 1 36  ? 16.714  16.758  3.068   1.00 28.02 ? 43  GLU B OE1 1 
ATOM   1130 O OE2 . GLU B 1 36  ? 17.799  18.372  1.923   1.00 34.84 ? 43  GLU B OE2 1 
ATOM   1131 N N   . GLY B 1 37  ? 16.032  11.938  -0.288  1.00 23.25 ? 44  GLY B N   1 
ATOM   1132 C CA  . GLY B 1 37  ? 15.568  10.597  0.099   1.00 22.50 ? 44  GLY B CA  1 
ATOM   1133 C C   . GLY B 1 37  ? 15.312  10.449  1.593   1.00 22.41 ? 44  GLY B C   1 
ATOM   1134 O O   . GLY B 1 37  ? 14.659  11.308  2.263   1.00 22.49 ? 44  GLY B O   1 
ATOM   1135 N N   . ILE B 1 38  ? 15.827  9.366   2.157   1.00 21.89 ? 45  ILE B N   1 
ATOM   1136 C CA  . ILE B 1 38  ? 15.581  9.047   3.578   1.00 22.47 ? 45  ILE B CA  1 
ATOM   1137 C C   . ILE B 1 38  ? 16.252  9.974   4.616   1.00 22.45 ? 45  ILE B C   1 
ATOM   1138 O O   . ILE B 1 38  ? 15.954  9.883   5.783   1.00 23.16 ? 45  ILE B O   1 
ATOM   1139 C CB  . ILE B 1 38  ? 15.893  7.587   3.887   1.00 22.41 ? 45  ILE B CB  1 
ATOM   1140 C CG1 . ILE B 1 38  ? 17.409  7.348   3.876   1.00 26.10 ? 45  ILE B CG1 1 
ATOM   1141 C CG2 . ILE B 1 38  ? 15.256  6.676   2.785   1.00 21.28 ? 45  ILE B CG2 1 
ATOM   1142 C CD1 . ILE B 1 38  ? 17.790  5.866   4.499   1.00 26.50 ? 45  ILE B CD1 1 
ATOM   1143 N N   . LYS B 1 39  ? 17.127  10.856  4.178   1.00 23.50 ? 46  LYS B N   1 
ATOM   1144 C CA  . LYS B 1 39  ? 17.771  11.893  5.040   1.00 25.54 ? 46  LYS B CA  1 
ATOM   1145 C C   . LYS B 1 39  ? 16.675  12.894  5.445   1.00 25.14 ? 46  LYS B C   1 
ATOM   1146 O O   . LYS B 1 39  ? 16.639  13.404  6.584   1.00 25.32 ? 46  LYS B O   1 
ATOM   1147 C CB  . LYS B 1 39  ? 18.958  12.497  4.244   1.00 24.77 ? 46  LYS B CB  1 
ATOM   1148 C CG  . LYS B 1 39  ? 19.471  13.880  4.562   1.00 27.73 ? 46  LYS B CG  1 
ATOM   1149 C CD  . LYS B 1 39  ? 20.682  14.160  3.678   1.00 28.39 ? 46  LYS B CD  1 
ATOM   1150 C CE  . LYS B 1 39  ? 20.952  15.665  3.400   1.00 37.08 ? 46  LYS B CE  1 
ATOM   1151 N NZ  . LYS B 1 39  ? 20.969  16.530  4.635   1.00 42.29 ? 46  LYS B NZ  1 
ATOM   1152 N N   . ASP B 1 40  ? 15.702  13.091  4.539   1.00 24.51 ? 47  ASP B N   1 
ATOM   1153 C CA  . ASP B 1 40  ? 14.584  14.044  4.788   1.00 22.11 ? 47  ASP B CA  1 
ATOM   1154 C C   . ASP B 1 40  ? 13.708  13.508  5.949   1.00 21.92 ? 47  ASP B C   1 
ATOM   1155 O O   . ASP B 1 40  ? 12.999  12.501  5.792   1.00 21.27 ? 47  ASP B O   1 
ATOM   1156 C CB  . ASP B 1 40  ? 13.809  14.273  3.451   1.00 22.44 ? 47  ASP B CB  1 
ATOM   1157 C CG  . ASP B 1 40  ? 12.693  15.340  3.548   1.00 23.99 ? 47  ASP B CG  1 
ATOM   1158 O OD1 . ASP B 1 40  ? 12.189  15.632  4.655   1.00 23.36 ? 47  ASP B OD1 1 
ATOM   1159 O OD2 . ASP B 1 40  ? 12.323  15.865  2.482   1.00 25.65 ? 47  ASP B OD2 1 
ATOM   1160 N N   . GLY B 1 41  ? 13.752  14.196  7.087   1.00 18.90 ? 48  GLY B N   1 
ATOM   1161 C CA  . GLY B 1 41  ? 12.915  13.864  8.272   1.00 21.94 ? 48  GLY B CA  1 
ATOM   1162 C C   . GLY B 1 41  ? 11.404  13.805  8.020   1.00 21.78 ? 48  GLY B C   1 
ATOM   1163 O O   . GLY B 1 41  ? 10.633  13.117  8.766   1.00 24.21 ? 48  GLY B O   1 
ATOM   1164 N N   . ARG B 1 42  ? 10.947  14.432  6.930   1.00 21.09 ? 49  ARG B N   1 
ATOM   1165 C CA  . ARG B 1 42  ? 9.504   14.329  6.574   1.00 20.09 ? 49  ARG B CA  1 
ATOM   1166 C C   . ARG B 1 42  ? 9.143   12.902  6.160   1.00 19.74 ? 49  ARG B C   1 
ATOM   1167 O O   . ARG B 1 42  ? 7.984   12.441  6.326   1.00 18.13 ? 49  ARG B O   1 
ATOM   1168 C CB  . ARG B 1 42  ? 9.131   15.325  5.463   1.00 19.57 ? 49  ARG B CB  1 
ATOM   1169 C CG  . ARG B 1 42  ? 9.406   16.780  5.909   1.00 22.11 ? 49  ARG B CG  1 
ATOM   1170 C CD  . ARG B 1 42  ? 9.047   17.749  4.811   1.00 17.22 ? 49  ARG B CD  1 
ATOM   1171 N NE  . ARG B 1 42  ? 9.950   17.552  3.679   1.00 18.44 ? 49  ARG B NE  1 
ATOM   1172 C CZ  . ARG B 1 42  ? 9.729   18.016  2.446   1.00 18.84 ? 49  ARG B CZ  1 
ATOM   1173 N NH1 . ARG B 1 42  ? 8.603   18.728  2.165   1.00 18.48 ? 49  ARG B NH1 1 
ATOM   1174 N NH2 . ARG B 1 42  ? 10.609  17.760  1.485   1.00 14.42 ? 49  ARG B NH2 1 
ATOM   1175 N N   . VAL B 1 43  ? 10.147  12.211  5.630   1.00 18.08 ? 50  VAL B N   1 
ATOM   1176 C CA  . VAL B 1 43  ? 9.967   10.851  5.141   1.00 17.87 ? 50  VAL B CA  1 
ATOM   1177 C C   . VAL B 1 43  ? 9.700   9.978   6.352   1.00 18.60 ? 50  VAL B C   1 
ATOM   1178 O O   . VAL B 1 43  ? 8.819   9.122   6.318   1.00 17.33 ? 50  VAL B O   1 
ATOM   1179 C CB  . VAL B 1 43  ? 11.211  10.358  4.315   1.00 17.49 ? 50  VAL B CB  1 
ATOM   1180 C CG1 . VAL B 1 43  ? 11.138  8.897   4.070   1.00 20.46 ? 50  VAL B CG1 1 
ATOM   1181 C CG2 . VAL B 1 43  ? 11.239  11.075  3.016   1.00 15.18 ? 50  VAL B CG2 1 
ATOM   1182 N N   . THR B 1 44  ? 10.410  10.247  7.459   1.00 18.56 ? 51  THR B N   1 
ATOM   1183 C CA  . THR B 1 44  ? 10.319  9.447   8.677   1.00 18.17 ? 51  THR B CA  1 
ATOM   1184 C C   . THR B 1 44  ? 8.927   9.526   9.228   1.00 17.35 ? 51  THR B C   1 
ATOM   1185 O O   . THR B 1 44  ? 8.269   8.522   9.590   1.00 16.45 ? 51  THR B O   1 
ATOM   1186 C CB  . THR B 1 44  ? 11.403  9.950   9.674   1.00 19.38 ? 51  THR B CB  1 
ATOM   1187 O OG1 . THR B 1 44  ? 12.670  9.909   8.980   1.00 23.95 ? 51  THR B OG1 1 
ATOM   1188 C CG2 . THR B 1 44  ? 11.490  9.109   10.891  1.00 22.06 ? 51  THR B CG2 1 
ATOM   1189 N N   . ALA B 1 45  ? 8.422   10.746  9.217   1.00 17.09 ? 52  ALA B N   1 
ATOM   1190 C CA  . ALA B 1 45  ? 7.089   11.015  9.693   1.00 16.14 ? 52  ALA B CA  1 
ATOM   1191 C C   . ALA B 1 45  ? 6.075   10.277  8.825   1.00 15.13 ? 52  ALA B C   1 
ATOM   1192 O O   . ALA B 1 45  ? 5.216   9.554   9.344   1.00 14.80 ? 52  ALA B O   1 
ATOM   1193 C CB  . ALA B 1 45  ? 6.829   12.523  9.645   1.00 16.22 ? 52  ALA B CB  1 
ATOM   1194 N N   . MET B 1 46  ? 6.158   10.481  7.506   1.00 14.05 ? 53  MET B N   1 
ATOM   1195 C CA  . MET B 1 46  ? 5.140   9.896   6.588   1.00 14.33 ? 53  MET B CA  1 
ATOM   1196 C C   . MET B 1 46  ? 5.087   8.366   6.627   1.00 15.83 ? 53  MET B C   1 
ATOM   1197 O O   . MET B 1 46  ? 4.008   7.783   6.451   1.00 15.15 ? 53  MET B O   1 
ATOM   1198 C CB  . MET B 1 46  ? 5.372   10.380  5.147   1.00 13.81 ? 53  MET B CB  1 
ATOM   1199 C CG  . MET B 1 46  ? 5.018   11.911  5.031   1.00 11.51 ? 53  MET B CG  1 
ATOM   1200 S SD  . MET B 1 46  ? 3.292   12.390  5.472   1.00 8.18  ? 53  MET B SD  1 
ATOM   1201 C CE  . MET B 1 46  ? 2.257   11.193  4.577   1.00 17.57 ? 53  MET B CE  1 
ATOM   1202 N N   . LEU B 1 47  ? 6.235   7.705   6.850   1.00 15.23 ? 54  LEU B N   1 
ATOM   1203 C CA  . LEU B 1 47  ? 6.192   6.176   6.925   1.00 17.30 ? 54  LEU B CA  1 
ATOM   1204 C C   . LEU B 1 47  ? 5.279   5.649   8.022   1.00 17.00 ? 54  LEU B C   1 
ATOM   1205 O O   . LEU B 1 47  ? 4.822   4.489   8.015   1.00 16.30 ? 54  LEU B O   1 
ATOM   1206 C CB  . LEU B 1 47  ? 7.607   5.602   7.082   1.00 16.92 ? 54  LEU B CB  1 
ATOM   1207 C CG  . LEU B 1 47  ? 8.381   5.922   5.796   1.00 16.44 ? 54  LEU B CG  1 
ATOM   1208 C CD1 . LEU B 1 47  ? 9.860   5.764   6.015   1.00 19.09 ? 54  LEU B CD1 1 
ATOM   1209 C CD2 . LEU B 1 47  ? 7.848   5.005   4.625   1.00 17.55 ? 54  LEU B CD2 1 
ATOM   1210 N N   . ASN B 1 48  ? 4.997   6.477   9.028   1.00 19.01 ? 55  ASN B N   1 
ATOM   1211 C CA  . ASN B 1 48  ? 4.090   6.029   10.106  1.00 17.92 ? 55  ASN B CA  1 
ATOM   1212 C C   . ASN B 1 48  ? 2.672   5.820   9.609   1.00 16.08 ? 55  ASN B C   1 
ATOM   1213 O O   . ASN B 1 48  ? 1.834   5.222   10.305  1.00 16.98 ? 55  ASN B O   1 
ATOM   1214 C CB  . ASN B 1 48  ? 3.999   7.114   11.181  1.00 19.50 ? 55  ASN B CB  1 
ATOM   1215 C CG  . ASN B 1 48  ? 5.317   7.270   11.977  1.00 24.65 ? 55  ASN B CG  1 
ATOM   1216 O OD1 . ASN B 1 48  ? 6.015   6.292   12.222  1.00 27.96 ? 55  ASN B OD1 1 
ATOM   1217 N ND2 . ASN B 1 48  ? 5.603   8.480   12.420  1.00 23.78 ? 55  ASN B ND2 1 
ATOM   1218 N N   . LEU B 1 49  ? 2.370   6.370   8.435   1.00 13.23 ? 56  LEU B N   1 
ATOM   1219 C CA  . LEU B 1 49  ? 0.994   6.271   7.861   1.00 13.29 ? 56  LEU B CA  1 
ATOM   1220 C C   . LEU B 1 49  ? 0.860   5.277   6.690   1.00 12.41 ? 56  LEU B C   1 
ATOM   1221 O O   . LEU B 1 49  ? -0.226  5.110   6.117   1.00 10.97 ? 56  LEU B O   1 
ATOM   1222 C CB  . LEU B 1 49  ? 0.522   7.609   7.347   1.00 12.36 ? 56  LEU B CB  1 
ATOM   1223 C CG  . LEU B 1 49  ? 0.463   8.728   8.433   1.00 16.55 ? 56  LEU B CG  1 
ATOM   1224 C CD1 . LEU B 1 49  ? 0.032   10.116  7.775   1.00 14.99 ? 56  LEU B CD1 1 
ATOM   1225 C CD2 . LEU B 1 49  ? -0.331  8.353   9.663   1.00 13.29 ? 56  LEU B CD2 1 
ATOM   1226 N N   . VAL B 1 50  ? 1.958   4.607   6.370   1.00 12.63 ? 57  VAL B N   1 
ATOM   1227 C CA  . VAL B 1 50  ? 1.988   3.600   5.308   1.00 12.19 ? 57  VAL B CA  1 
ATOM   1228 C C   . VAL B 1 50  ? 1.596   2.240   5.960   1.00 11.77 ? 57  VAL B C   1 
ATOM   1229 O O   . VAL B 1 50  ? 2.056   1.881   7.091   1.00 13.03 ? 57  VAL B O   1 
ATOM   1230 C CB  . VAL B 1 50  ? 3.452   3.623   4.757   1.00 13.71 ? 57  VAL B CB  1 
ATOM   1231 C CG1 . VAL B 1 50  ? 3.802   2.414   4.093   1.00 13.03 ? 57  VAL B CG1 1 
ATOM   1232 C CG2 . VAL B 1 50  ? 3.656   4.879   3.836   1.00 14.02 ? 57  VAL B CG2 1 
ATOM   1233 N N   . PRO B 1 51  ? 0.730   1.473   5.281   1.00 11.84 ? 58  PRO B N   1 
ATOM   1234 C CA  . PRO B 1 51  ? 0.312   0.213   5.871   1.00 10.96 ? 58  PRO B CA  1 
ATOM   1235 C C   . PRO B 1 51  ? 1.441   -0.803  6.013   1.00 10.75 ? 58  PRO B C   1 
ATOM   1236 O O   . PRO B 1 51  ? 2.336   -0.866  5.141   1.00 10.05 ? 58  PRO B O   1 
ATOM   1237 C CB  . PRO B 1 51  ? -0.799  -0.274  4.943   1.00 12.74 ? 58  PRO B CB  1 
ATOM   1238 C CG  . PRO B 1 51  ? -0.436  0.340   3.526   1.00 13.18 ? 58  PRO B CG  1 
ATOM   1239 C CD  . PRO B 1 51  ? 0.112   1.731   3.975   1.00 12.16 ? 58  PRO B CD  1 
ATOM   1240 N N   . SER B 1 52  ? 1.382   -1.616  7.076   1.00 11.21 ? 59  SER B N   1 
ATOM   1241 C CA  . SER B 1 52  ? 2.254   -2.816  7.203   1.00 12.27 ? 59  SER B CA  1 
ATOM   1242 C C   . SER B 1 52  ? 1.954   -3.714  6.006   1.00 11.99 ? 59  SER B C   1 
ATOM   1243 O O   . SER B 1 52  ? 0.876   -3.592  5.361   1.00 12.07 ? 59  SER B O   1 
ATOM   1244 C CB  . SER B 1 52  ? 1.939   -3.635  8.496   1.00 12.94 ? 59  SER B CB  1 
ATOM   1245 O OG  . SER B 1 52  ? 0.534   -3.993  8.518   1.00 13.62 ? 59  SER B OG  1 
ATOM   1246 N N   . SER B 1 53  ? 2.798   -4.709  5.776   1.00 12.62 ? 60  SER B N   1 
ATOM   1247 C CA  . SER B 1 53  ? 2.488   -5.649  4.669   1.00 13.44 ? 60  SER B CA  1 
ATOM   1248 C C   . SER B 1 53  ? 1.154   -6.376  4.946   1.00 13.61 ? 60  SER B C   1 
ATOM   1249 O O   . SER B 1 53  ? 0.333   -6.433  4.050   1.00 14.90 ? 60  SER B O   1 
ATOM   1250 C CB  . SER B 1 53  ? 3.669   -6.566  4.408   1.00 15.79 ? 60  SER B CB  1 
ATOM   1251 O OG  . SER B 1 53  ? 3.749   -7.476  5.497   1.00 20.66 ? 60  SER B OG  1 
ATOM   1252 N N   . HIS B 1 54  ? 0.863   -6.831  6.189   1.00 13.07 ? 61  HIS B N   1 
ATOM   1253 C CA  . HIS B 1 54  ? -0.479  -7.392  6.518   1.00 12.85 ? 61  HIS B CA  1 
ATOM   1254 C C   . HIS B 1 54  ? -1.634  -6.436  6.316   1.00 13.06 ? 61  HIS B C   1 
ATOM   1255 O O   . HIS B 1 54  ? -2.638  -6.790  5.689   1.00 13.32 ? 61  HIS B O   1 
ATOM   1256 C CB  . HIS B 1 54  ? -0.502  -7.913  7.943   1.00 12.88 ? 61  HIS B CB  1 
ATOM   1257 C CG  . HIS B 1 54  ? 0.468   -9.024  8.178   1.00 17.37 ? 61  HIS B CG  1 
ATOM   1258 N ND1 . HIS B 1 54  ? 0.536   -9.732  9.361   1.00 15.85 ? 61  HIS B ND1 1 
ATOM   1259 C CD2 . HIS B 1 54  ? 1.445   -9.521  7.375   1.00 20.65 ? 61  HIS B CD2 1 
ATOM   1260 C CE1 . HIS B 1 54  ? 1.521   -10.616 9.275   1.00 21.36 ? 61  HIS B CE1 1 
ATOM   1261 N NE2 . HIS B 1 54  ? 2.095   -10.500 8.083   1.00 17.96 ? 61  HIS B NE2 1 
ATOM   1262 N N   . ALA B 1 55  ? -1.473  -5.181  6.791   1.00 13.01 ? 62  ALA B N   1 
ATOM   1263 C CA  . ALA B 1 55  ? -2.570  -4.227  6.662   1.00 13.41 ? 62  ALA B CA  1 
ATOM   1264 C C   . ALA B 1 55  ? -2.784  -3.939  5.156   1.00 13.37 ? 62  ALA B C   1 
ATOM   1265 O O   . ALA B 1 55  ? -3.935  -3.823  4.680   1.00 13.80 ? 62  ALA B O   1 
ATOM   1266 C CB  . ALA B 1 55  ? -2.260  -2.958  7.433   1.00 14.15 ? 62  ALA B CB  1 
ATOM   1267 N N   . CYS B 1 56  ? -1.705  -3.894  4.389   1.00 13.46 ? 63  CYS B N   1 
ATOM   1268 C CA  . CYS B 1 56  ? -1.844  -3.643  2.928   1.00 15.03 ? 63  CYS B CA  1 
ATOM   1269 C C   . CYS B 1 56  ? -2.649  -4.758  2.227   1.00 16.08 ? 63  CYS B C   1 
ATOM   1270 O O   . CYS B 1 56  ? -3.546  -4.489  1.408   1.00 15.00 ? 63  CYS B O   1 
ATOM   1271 C CB  . CYS B 1 56  ? -0.493  -3.479  2.229   1.00 14.33 ? 63  CYS B CB  1 
ATOM   1272 S SG  . CYS B 1 56  ? -0.641  -2.788  0.500   1.00 17.04 ? 63  CYS B SG  1 
ATOM   1273 N N   . LEU B 1 57  ? -2.391  -6.004  2.604   1.00 15.84 ? 64  LEU B N   1 
ATOM   1274 C CA  . LEU B 1 57  ? -3.092  -7.132  1.952   1.00 14.76 ? 64  LEU B CA  1 
ATOM   1275 C C   . LEU B 1 57  ? -4.560  -7.226  2.377   1.00 13.97 ? 64  LEU B C   1 
ATOM   1276 O O   . LEU B 1 57  ? -5.495  -7.451  1.562   1.00 12.09 ? 64  LEU B O   1 
ATOM   1277 C CB  . LEU B 1 57  ? -2.428  -8.430  2.411   1.00 14.53 ? 64  LEU B CB  1 
ATOM   1278 C CG  . LEU B 1 57  ? -2.362  -9.608  1.421   1.00 18.48 ? 64  LEU B CG  1 
ATOM   1279 C CD1 . LEU B 1 57  ? -2.186  -11.053 2.005   1.00 14.43 ? 64  LEU B CD1 1 
ATOM   1280 C CD2 . LEU B 1 57  ? -3.210  -9.508  0.220   1.00 15.51 ? 64  LEU B CD2 1 
ATOM   1281 N N   . PHE B 1 58  ? -4.762  -7.146  3.681   1.00 11.97 ? 65  PHE B N   1 
ATOM   1282 C CA  . PHE B 1 58  ? -6.076  -7.476  4.248   1.00 11.98 ? 65  PHE B CA  1 
ATOM   1283 C C   . PHE B 1 58  ? -6.928  -6.251  4.590   1.00 12.46 ? 65  PHE B C   1 
ATOM   1284 O O   . PHE B 1 58  ? -8.127  -6.390  4.889   1.00 12.78 ? 65  PHE B O   1 
ATOM   1285 C CB  . PHE B 1 58  ? -5.881  -8.372  5.503   1.00 12.40 ? 65  PHE B CB  1 
ATOM   1286 C CG  . PHE B 1 58  ? -5.245  -9.709  5.185   1.00 13.41 ? 65  PHE B CG  1 
ATOM   1287 C CD1 . PHE B 1 58  ? -3.974  -10.046 5.690   1.00 16.91 ? 65  PHE B CD1 1 
ATOM   1288 C CD2 . PHE B 1 58  ? -5.892  -10.611 4.365   1.00 11.74 ? 65  PHE B CD2 1 
ATOM   1289 C CE1 . PHE B 1 58  ? -3.404  -11.276 5.392   1.00 16.66 ? 65  PHE B CE1 1 
ATOM   1290 C CE2 . PHE B 1 58  ? -5.261  -11.830 4.001   1.00 14.43 ? 65  PHE B CE2 1 
ATOM   1291 C CZ  . PHE B 1 58  ? -4.063  -12.152 4.520   1.00 14.08 ? 65  PHE B CZ  1 
ATOM   1292 N N   . GLY B 1 59  ? -6.324  -5.066  4.611   1.00 13.20 ? 66  GLY B N   1 
ATOM   1293 C CA  . GLY B 1 59  ? -7.098  -3.866  4.879   1.00 14.24 ? 66  GLY B CA  1 
ATOM   1294 C C   . GLY B 1 59  ? -7.373  -3.015  3.651   1.00 15.45 ? 66  GLY B C   1 
ATOM   1295 O O   . GLY B 1 59  ? -8.131  -2.060  3.728   1.00 15.49 ? 66  GLY B O   1 
ATOM   1296 N N   . SER B 1 60  ? -6.701  -3.304  2.518   1.00 15.01 ? 67  SER B N   1 
ATOM   1297 C CA  . SER B 1 60  ? -6.890  -2.587  1.272   1.00 13.41 ? 67  SER B CA  1 
ATOM   1298 C C   . SER B 1 60  ? -8.165  -3.104  0.563   1.00 12.74 ? 67  SER B C   1 
ATOM   1299 O O   . SER B 1 60  ? -8.685  -4.178  0.870   1.00 13.72 ? 67  SER B O   1 
ATOM   1300 C CB  . SER B 1 60  ? -5.730  -2.849  0.273   1.00 12.81 ? 67  SER B CB  1 
ATOM   1301 O OG  . SER B 1 60  ? -4.542  -2.167  0.700   1.00 20.38 ? 67  SER B OG  1 
ATOM   1302 N N   . ARG B 1 61  ? -8.585  -2.344  -0.435  1.00 13.85 ? 68  ARG B N   1 
ATOM   1303 C CA  . ARG B 1 61  ? -9.391  -2.909  -1.507  1.00 14.53 ? 68  ARG B CA  1 
ATOM   1304 C C   . ARG B 1 61  ? -8.405  -3.344  -2.585  1.00 14.85 ? 68  ARG B C   1 
ATOM   1305 O O   . ARG B 1 61  ? -7.603  -2.568  -3.047  1.00 16.19 ? 68  ARG B O   1 
ATOM   1306 C CB  . ARG B 1 61  ? -10.281 -1.872  -2.083  1.00 15.88 ? 68  ARG B CB  1 
ATOM   1307 C CG  . ARG B 1 61  ? -10.957 -2.307  -3.349  1.00 18.18 ? 68  ARG B CG  1 
ATOM   1308 C CD  . ARG B 1 61  ? -12.124 -1.347  -3.518  1.00 26.72 ? 68  ARG B CD  1 
ATOM   1309 N NE  . ARG B 1 61  ? -12.770 -1.549  -4.777  1.00 35.44 ? 68  ARG B NE  1 
ATOM   1310 C CZ  . ARG B 1 61  ? -13.665 -0.709  -5.283  1.00 41.23 ? 68  ARG B CZ  1 
ATOM   1311 N NH1 . ARG B 1 61  ? -14.014 0.396   -4.597  1.00 37.11 ? 68  ARG B NH1 1 
ATOM   1312 N NH2 . ARG B 1 61  ? -14.199 -0.994  -6.473  1.00 42.46 ? 68  ARG B NH2 1 
ATOM   1313 N N   . VAL B 1 62  ? -8.501  -4.602  -2.974  1.00 14.12 ? 69  VAL B N   1 
ATOM   1314 C CA  . VAL B 1 62  ? -7.555  -5.233  -3.912  1.00 13.67 ? 69  VAL B CA  1 
ATOM   1315 C C   . VAL B 1 62  ? -8.271  -5.510  -5.228  1.00 15.72 ? 69  VAL B C   1 
ATOM   1316 O O   . VAL B 1 62  ? -9.357  -6.112  -5.188  1.00 16.26 ? 69  VAL B O   1 
ATOM   1317 C CB  . VAL B 1 62  ? -7.020  -6.541  -3.341  1.00 13.75 ? 69  VAL B CB  1 
ATOM   1318 C CG1 . VAL B 1 62  ? -6.018  -7.183  -4.367  1.00 12.59 ? 69  VAL B CG1 1 
ATOM   1319 C CG2 . VAL B 1 62  ? -6.370  -6.299  -1.954  1.00 9.33  ? 69  VAL B CG2 1 
ATOM   1320 N N   . THR B 1 63  ? -7.679  -5.087  -6.359  1.00 15.19 ? 70  THR B N   1 
ATOM   1321 C CA  . THR B 1 63  ? -8.293  -5.247  -7.661  1.00 17.34 ? 70  THR B CA  1 
ATOM   1322 C C   . THR B 1 63  ? -7.263  -5.819  -8.609  1.00 16.32 ? 70  THR B C   1 
ATOM   1323 O O   . THR B 1 63  ? -6.306  -5.140  -8.922  1.00 18.26 ? 70  THR B O   1 
ATOM   1324 C CB  . THR B 1 63  ? -8.799  -3.916  -8.227  1.00 17.31 ? 70  THR B CB  1 
ATOM   1325 O OG1 . THR B 1 63  ? -9.581  -3.271  -7.217  1.00 20.35 ? 70  THR B OG1 1 
ATOM   1326 C CG2 . THR B 1 63  ? -9.712  -4.185  -9.460  1.00 19.83 ? 70  THR B CG2 1 
ATOM   1327 N N   . PRO B 1 64  ? -7.406  -7.115  -8.988  1.00 15.90 ? 71  PRO B N   1 
ATOM   1328 C CA  . PRO B 1 64  ? -6.560  -7.706  -10.002 1.00 15.57 ? 71  PRO B CA  1 
ATOM   1329 C C   . PRO B 1 64  ? -7.117  -7.364  -11.406 1.00 16.80 ? 71  PRO B C   1 
ATOM   1330 O O   . PRO B 1 64  ? -8.359  -7.361  -11.632 1.00 15.76 ? 71  PRO B O   1 
ATOM   1331 C CB  . PRO B 1 64  ? -6.615  -9.193  -9.692  1.00 16.61 ? 71  PRO B CB  1 
ATOM   1332 C CG  . PRO B 1 64  ? -7.868  -9.413  -8.966  1.00 19.24 ? 71  PRO B CG  1 
ATOM   1333 C CD  . PRO B 1 64  ? -8.378  -8.074  -8.444  1.00 16.36 ? 71  PRO B CD  1 
ATOM   1334 N N   . LYS B 1 65  ? -6.223  -6.950  -12.296 1.00 16.26 ? 72  LYS B N   1 
ATOM   1335 C CA  . LYS B 1 65  ? -6.590  -6.822  -13.744 1.00 19.23 ? 72  LYS B CA  1 
ATOM   1336 C C   . LYS B 1 65  ? -5.543  -7.515  -14.602 1.00 17.14 ? 72  LYS B C   1 
ATOM   1337 O O   . LYS B 1 65  ? -4.349  -7.243  -14.466 1.00 16.84 ? 72  LYS B O   1 
ATOM   1338 C CB  . LYS B 1 65  ? -6.653  -5.341  -14.157 1.00 19.75 ? 72  LYS B CB  1 
ATOM   1339 C CG  . LYS B 1 65  ? -7.426  -4.463  -13.174 1.00 30.14 ? 72  LYS B CG  1 
ATOM   1340 C CD  . LYS B 1 65  ? -8.991  -4.625  -13.247 1.00 40.24 ? 72  LYS B CD  1 
ATOM   1341 C CE  . LYS B 1 65  ? -9.744  -3.213  -13.302 1.00 41.35 ? 72  LYS B CE  1 
ATOM   1342 N NZ  . LYS B 1 65  ? -11.218 -3.363  -13.648 1.00 38.44 ? 72  LYS B NZ  1 
ATOM   1343 N N   . LEU B 1 66  ? -5.993  -8.370  -15.508 1.00 16.98 ? 73  LEU B N   1 
ATOM   1344 C CA  . LEU B 1 66  ? -5.132  -9.071  -16.424 1.00 18.17 ? 73  LEU B CA  1 
ATOM   1345 C C   . LEU B 1 66  ? -5.031  -8.266  -17.729 1.00 19.71 ? 73  LEU B C   1 
ATOM   1346 O O   . LEU B 1 66  ? -6.051  -7.724  -18.209 1.00 18.86 ? 73  LEU B O   1 
ATOM   1347 C CB  . LEU B 1 66  ? -5.692  -10.487 -16.698 1.00 18.84 ? 73  LEU B CB  1 
ATOM   1348 C CG  . LEU B 1 66  ? -5.459  -11.392 -15.496 1.00 18.84 ? 73  LEU B CG  1 
ATOM   1349 C CD1 . LEU B 1 66  ? -6.212  -12.725 -15.653 1.00 23.72 ? 73  LEU B CD1 1 
ATOM   1350 C CD2 . LEU B 1 66  ? -3.929  -11.571 -15.241 1.00 18.51 ? 73  LEU B CD2 1 
ATOM   1351 N N   . GLN B 1 67  ? -3.803  -8.158  -18.249 1.00 19.87 ? 74  GLN B N   1 
ATOM   1352 C CA  . GLN B 1 67  ? -3.524  -7.471  -19.505 1.00 22.26 ? 74  GLN B CA  1 
ATOM   1353 C C   . GLN B 1 67  ? -2.578  -8.396  -20.245 1.00 23.77 ? 74  GLN B C   1 
ATOM   1354 O O   . GLN B 1 67  ? -2.072  -9.336  -19.633 1.00 22.19 ? 74  GLN B O   1 
ATOM   1355 C CB  . GLN B 1 67  ? -2.791  -6.132  -19.227 1.00 23.31 ? 74  GLN B CB  1 
ATOM   1356 C CG  . GLN B 1 67  ? -3.449  -5.329  -18.113 1.00 28.51 ? 74  GLN B CG  1 
ATOM   1357 C CD  . GLN B 1 67  ? -3.477  -3.885  -18.339 1.00 37.34 ? 74  GLN B CD  1 
ATOM   1358 O OE1 . GLN B 1 67  ? -2.427  -3.270  -18.585 1.00 44.39 ? 74  GLN B OE1 1 
ATOM   1359 N NE2 . GLN B 1 67  ? -4.690  -3.280  -18.247 1.00 38.32 ? 74  GLN B NE2 1 
ATOM   1360 N N   . PRO B 1 68  ? -2.385  -8.188  -21.583 1.00 25.25 ? 75  PRO B N   1 
ATOM   1361 C CA  . PRO B 1 68  ? -1.453  -9.037  -22.319 1.00 25.44 ? 75  PRO B CA  1 
ATOM   1362 C C   . PRO B 1 68  ? -0.124  -9.107  -21.633 1.00 25.79 ? 75  PRO B C   1 
ATOM   1363 O O   . PRO B 1 68  ? 0.460   -10.176 -21.582 1.00 28.14 ? 75  PRO B O   1 
ATOM   1364 C CB  . PRO B 1 68  ? -1.330  -8.329  -23.690 1.00 24.76 ? 75  PRO B CB  1 
ATOM   1365 C CG  . PRO B 1 68  ? -2.695  -7.830  -23.912 1.00 26.22 ? 75  PRO B CG  1 
ATOM   1366 C CD  . PRO B 1 68  ? -3.095  -7.279  -22.514 1.00 25.42 ? 75  PRO B CD  1 
ATOM   1367 N N   . ASP B 1 69  ? 0.367   -8.020  -21.050 1.00 24.62 ? 76  ASP B N   1 
ATOM   1368 C CA  . ASP B 1 69  ? 1.644   -8.145  -20.406 1.00 24.39 ? 76  ASP B CA  1 
ATOM   1369 C C   . ASP B 1 69  ? 1.670   -8.903  -19.056 1.00 22.73 ? 76  ASP B C   1 
ATOM   1370 O O   . ASP B 1 69  ? 2.768   -9.203  -18.527 1.00 24.26 ? 76  ASP B O   1 
ATOM   1371 C CB  . ASP B 1 69  ? 2.370   -6.802  -20.291 1.00 26.51 ? 76  ASP B CB  1 
ATOM   1372 C CG  . ASP B 1 69  ? 1.750   -5.860  -19.256 1.00 30.01 ? 76  ASP B CG  1 
ATOM   1373 O OD1 . ASP B 1 69  ? 0.710   -6.154  -18.646 1.00 33.05 ? 76  ASP B OD1 1 
ATOM   1374 O OD2 . ASP B 1 69  ? 2.331   -4.789  -19.041 1.00 32.90 ? 76  ASP B OD2 1 
ATOM   1375 N N   . GLY B 1 70  ? 0.513   -9.214  -18.487 1.00 19.90 ? 77  GLY B N   1 
ATOM   1376 C CA  . GLY B 1 70  ? 0.525   -9.833  -17.132 1.00 18.44 ? 77  GLY B CA  1 
ATOM   1377 C C   . GLY B 1 70  ? -0.518  -9.330  -16.163 1.00 15.98 ? 77  GLY B C   1 
ATOM   1378 O O   . GLY B 1 70  ? -1.540  -8.792  -16.531 1.00 17.46 ? 77  GLY B O   1 
ATOM   1379 N N   . LEU B 1 71  ? -0.261  -9.524  -14.895 1.00 15.43 ? 78  LEU B N   1 
ATOM   1380 C CA  . LEU B 1 71  ? -1.275  -9.270  -13.889 1.00 14.74 ? 78  LEU B CA  1 
ATOM   1381 C C   . LEU B 1 71  ? -0.952  -7.907  -13.284 1.00 14.66 ? 78  LEU B C   1 
ATOM   1382 O O   . LEU B 1 71  ? 0.183   -7.703  -12.820 1.00 15.69 ? 78  LEU B O   1 
ATOM   1383 C CB  . LEU B 1 71  ? -1.168  -10.330 -12.779 1.00 12.76 ? 78  LEU B CB  1 
ATOM   1384 C CG  . LEU B 1 71  ? -1.974  -10.069 -11.461 1.00 14.46 ? 78  LEU B CG  1 
ATOM   1385 C CD1 . LEU B 1 71  ? -3.493  -9.962  -11.669 1.00 11.18 ? 78  LEU B CD1 1 
ATOM   1386 C CD2 . LEU B 1 71  ? -1.592  -11.079 -10.332 1.00 12.68 ? 78  LEU B CD2 1 
ATOM   1387 N N   . HIS B 1 72  ? -1.928  -7.011  -13.273 1.00 14.57 ? 79  HIS B N   1 
ATOM   1388 C CA  . HIS B 1 72  ? -1.741  -5.707  -12.578 1.00 16.69 ? 79  HIS B CA  1 
ATOM   1389 C C   . HIS B 1 72  ? -2.534  -5.749  -11.291 1.00 14.96 ? 79  HIS B C   1 
ATOM   1390 O O   . HIS B 1 72  ? -3.725  -5.680  -11.299 1.00 15.69 ? 79  HIS B O   1 
ATOM   1391 C CB  . HIS B 1 72  ? -2.212  -4.601  -13.503 1.00 17.51 ? 79  HIS B CB  1 
ATOM   1392 C CG  . HIS B 1 72  ? -1.332  -4.446  -14.696 1.00 21.25 ? 79  HIS B CG  1 
ATOM   1393 N ND1 . HIS B 1 72  ? -0.661  -3.278  -14.982 1.00 23.24 ? 79  HIS B ND1 1 
ATOM   1394 C CD2 . HIS B 1 72  ? -0.959  -5.344  -15.641 1.00 22.68 ? 79  HIS B CD2 1 
ATOM   1395 C CE1 . HIS B 1 72  ? 0.090   -3.466  -16.056 1.00 27.33 ? 79  HIS B CE1 1 
ATOM   1396 N NE2 . HIS B 1 72  ? -0.081  -4.711  -16.477 1.00 24.38 ? 79  HIS B NE2 1 
ATOM   1397 N N   . LEU B 1 73  ? -1.881  -5.958  -10.187 1.00 15.08 ? 80  LEU B N   1 
ATOM   1398 C CA  . LEU B 1 73  ? -2.598  -6.152  -8.932  1.00 14.44 ? 80  LEU B CA  1 
ATOM   1399 C C   . LEU B 1 73  ? -2.558  -4.843  -8.152  1.00 14.99 ? 80  LEU B C   1 
ATOM   1400 O O   . LEU B 1 73  ? -1.455  -4.376  -7.729  1.00 12.41 ? 80  LEU B O   1 
ATOM   1401 C CB  . LEU B 1 73  ? -1.911  -7.260  -8.120  1.00 15.41 ? 80  LEU B CB  1 
ATOM   1402 C CG  . LEU B 1 73  ? -2.582  -7.952  -6.916  1.00 16.66 ? 80  LEU B CG  1 
ATOM   1403 C CD1 . LEU B 1 73  ? -1.459  -8.720  -6.231  1.00 12.31 ? 80  LEU B CD1 1 
ATOM   1404 C CD2 . LEU B 1 73  ? -3.002  -7.011  -5.947  1.00 25.07 ? 80  LEU B CD2 1 
ATOM   1405 N N   . LYS B 1 74  ? -3.742  -4.221  -8.016  1.00 15.65 ? 81  LYS B N   1 
ATOM   1406 C CA  . LYS B 1 74  ? -3.875  -2.878  -7.397  1.00 16.47 ? 81  LYS B CA  1 
ATOM   1407 C C   . LYS B 1 74  ? -4.302  -2.986  -5.919  1.00 15.14 ? 81  LYS B C   1 
ATOM   1408 O O   . LYS B 1 74  ? -5.227  -3.741  -5.592  1.00 13.43 ? 81  LYS B O   1 
ATOM   1409 C CB  . LYS B 1 74  ? -4.865  -1.966  -8.196  1.00 16.64 ? 81  LYS B CB  1 
ATOM   1410 C CG  . LYS B 1 74  ? -5.051  -0.530  -7.589  1.00 17.05 ? 81  LYS B CG  1 
ATOM   1411 C CD  . LYS B 1 74  ? -5.881  0.281   -8.553  1.00 22.88 ? 81  LYS B CD  1 
ATOM   1412 C CE  . LYS B 1 74  ? -7.094  0.845   -7.924  1.00 31.95 ? 81  LYS B CE  1 
ATOM   1413 N NZ  . LYS B 1 74  ? -8.089  1.360   -8.988  1.00 36.92 ? 81  LYS B NZ  1 
ATOM   1414 N N   . PHE B 1 75  ? -3.571  -2.302  -5.019  1.00 14.19 ? 82  PHE B N   1 
ATOM   1415 C CA  . PHE B 1 75  ? -3.944  -2.239  -3.588  1.00 14.70 ? 82  PHE B CA  1 
ATOM   1416 C C   . PHE B 1 75  ? -4.347  -0.815  -3.370  1.00 14.96 ? 82  PHE B C   1 
ATOM   1417 O O   . PHE B 1 75  ? -3.491  0.059   -3.542  1.00 15.21 ? 82  PHE B O   1 
ATOM   1418 C CB  . PHE B 1 75  ? -2.716  -2.507  -2.694  1.00 15.08 ? 82  PHE B CB  1 
ATOM   1419 C CG  . PHE B 1 75  ? -2.134  -3.838  -2.902  1.00 16.30 ? 82  PHE B CG  1 
ATOM   1420 C CD1 . PHE B 1 75  ? -1.118  -4.040  -3.827  1.00 16.05 ? 82  PHE B CD1 1 
ATOM   1421 C CD2 . PHE B 1 75  ? -2.651  -4.936  -2.207  1.00 16.06 ? 82  PHE B CD2 1 
ATOM   1422 C CE1 . PHE B 1 75  ? -0.614  -5.312  -4.040  1.00 17.71 ? 82  PHE B CE1 1 
ATOM   1423 C CE2 . PHE B 1 75  ? -2.105  -6.256  -2.425  1.00 13.02 ? 82  PHE B CE2 1 
ATOM   1424 C CZ  . PHE B 1 75  ? -1.086  -6.396  -3.319  1.00 17.43 ? 82  PHE B CZ  1 
ATOM   1425 N N   . GLU B 1 76  ? -5.598  -0.574  -2.944  1.00 14.97 ? 83  GLU B N   1 
ATOM   1426 C CA  . GLU B 1 76  ? -6.013  0.788   -2.478  1.00 16.08 ? 83  GLU B CA  1 
ATOM   1427 C C   . GLU B 1 76  ? -6.189  0.812   -0.978  1.00 14.66 ? 83  GLU B C   1 
ATOM   1428 O O   . GLU B 1 76  ? -7.153  0.248   -0.485  1.00 13.58 ? 83  GLU B O   1 
ATOM   1429 C CB  . GLU B 1 76  ? -7.354  1.233   -3.080  1.00 16.84 ? 83  GLU B CB  1 
ATOM   1430 C CG  . GLU B 1 76  ? -7.379  1.307   -4.537  1.00 20.87 ? 83  GLU B CG  1 
ATOM   1431 C CD  . GLU B 1 76  ? -8.861  1.413   -4.999  1.00 32.82 ? 83  GLU B CD  1 
ATOM   1432 O OE1 . GLU B 1 76  ? -9.519  2.479   -4.757  1.00 35.00 ? 83  GLU B OE1 1 
ATOM   1433 O OE2 . GLU B 1 76  ? -9.367  0.398   -5.542  1.00 30.80 ? 83  GLU B OE2 1 
ATOM   1434 N N   . PHE B 1 77  ? -5.273  1.477   -0.268  1.00 13.47 ? 84  PHE B N   1 
ATOM   1435 C CA  . PHE B 1 77  ? -5.336  1.505   1.186   1.00 12.65 ? 84  PHE B CA  1 
ATOM   1436 C C   . PHE B 1 77  ? -5.468  2.944   1.689   1.00 12.43 ? 84  PHE B C   1 
ATOM   1437 O O   . PHE B 1 77  ? -4.662  3.805   1.313   1.00 12.88 ? 84  PHE B O   1 
ATOM   1438 C CB  . PHE B 1 77  ? -4.068  0.870   1.819   1.00 11.92 ? 84  PHE B CB  1 
ATOM   1439 C CG  . PHE B 1 77  ? -4.183  0.722   3.329   1.00 14.22 ? 84  PHE B CG  1 
ATOM   1440 C CD1 . PHE B 1 77  ? -4.618  -0.470  3.891   1.00 10.25 ? 84  PHE B CD1 1 
ATOM   1441 C CD2 . PHE B 1 77  ? -3.869  1.793   4.185   1.00 10.60 ? 84  PHE B CD2 1 
ATOM   1442 C CE1 . PHE B 1 77  ? -4.795  -0.585  5.243   1.00 14.25 ? 84  PHE B CE1 1 
ATOM   1443 C CE2 . PHE B 1 77  ? -4.042  1.655   5.568   1.00 12.44 ? 84  PHE B CE2 1 
ATOM   1444 C CZ  . PHE B 1 77  ? -4.539  0.479   6.086   1.00 17.25 ? 84  PHE B CZ  1 
ATOM   1445 N N   . THR B 1 78  ? -6.432  3.198   2.577   1.00 13.29 ? 85  THR B N   1 
ATOM   1446 C CA  . THR B 1 78  ? -6.647  4.563   3.080   1.00 14.69 ? 85  THR B CA  1 
ATOM   1447 C C   . THR B 1 78  ? -6.362  4.622   4.577   1.00 14.36 ? 85  THR B C   1 
ATOM   1448 O O   . THR B 1 78  ? -7.030  3.932   5.335   1.00 16.33 ? 85  THR B O   1 
ATOM   1449 C CB  . THR B 1 78  ? -8.107  4.978   2.760   1.00 14.55 ? 85  THR B CB  1 
ATOM   1450 O OG1 . THR B 1 78  ? -8.271  4.917   1.329   1.00 13.97 ? 85  THR B OG1 1 
ATOM   1451 C CG2 . THR B 1 78  ? -8.401  6.411   3.292   1.00 17.67 ? 85  THR B CG2 1 
ATOM   1452 N N   . THR B 1 79  ? -5.365  5.395   5.010   1.00 13.77 ? 86  THR B N   1 
ATOM   1453 C CA  . THR B 1 79  ? -5.030  5.566   6.449   1.00 13.85 ? 86  THR B CA  1 
ATOM   1454 C C   . THR B 1 79  ? -5.822  6.810   6.863   1.00 15.47 ? 86  THR B C   1 
ATOM   1455 O O   . THR B 1 79  ? -5.892  7.780   6.098   1.00 14.37 ? 86  THR B O   1 
ATOM   1456 C CB  . THR B 1 79  ? -3.506  5.851   6.601   1.00 15.79 ? 86  THR B CB  1 
ATOM   1457 O OG1 . THR B 1 79  ? -2.785  4.734   6.121   1.00 17.34 ? 86  THR B OG1 1 
ATOM   1458 C CG2 . THR B 1 79  ? -3.059  6.104   8.039   1.00 17.01 ? 86  THR B CG2 1 
ATOM   1459 N N   . VAL B 1 80  ? -6.489  6.749   8.006   1.00 14.14 ? 87  VAL B N   1 
ATOM   1460 C CA  . VAL B 1 80  ? -7.269  7.875   8.484   1.00 16.33 ? 87  VAL B CA  1 
ATOM   1461 C C   . VAL B 1 80  ? -6.572  8.459   9.717   1.00 15.16 ? 87  VAL B C   1 
ATOM   1462 O O   . VAL B 1 80  ? -6.313  7.751   10.661  1.00 13.51 ? 87  VAL B O   1 
ATOM   1463 C CB  . VAL B 1 80  ? -8.734  7.428   8.862   1.00 16.68 ? 87  VAL B CB  1 
ATOM   1464 C CG1 . VAL B 1 80  ? -9.571  8.623   9.374   1.00 19.68 ? 87  VAL B CG1 1 
ATOM   1465 C CG2 . VAL B 1 80  ? -9.396  6.820   7.605   1.00 16.97 ? 87  VAL B CG2 1 
ATOM   1466 N N   . VAL B 1 81  ? -6.239  9.744   9.666   1.00 16.71 ? 88  VAL B N   1 
ATOM   1467 C CA  . VAL B 1 81  ? -5.713  10.463  10.844  1.00 18.16 ? 88  VAL B CA  1 
ATOM   1468 C C   . VAL B 1 81  ? -6.814  11.386  11.358  1.00 18.39 ? 88  VAL B C   1 
ATOM   1469 O O   . VAL B 1 81  ? -7.233  12.284  10.670  1.00 16.39 ? 88  VAL B O   1 
ATOM   1470 C CB  . VAL B 1 81  ? -4.402  11.223  10.489  1.00 18.87 ? 88  VAL B CB  1 
ATOM   1471 C CG1 . VAL B 1 81  ? -3.808  12.021  11.731  1.00 19.32 ? 88  VAL B CG1 1 
ATOM   1472 C CG2 . VAL B 1 81  ? -3.326  10.216  9.864   1.00 19.83 ? 88  VAL B CG2 1 
ATOM   1473 N N   . PRO B 1 82  ? -7.307  11.147  12.583  1.00 20.73 ? 89  PRO B N   1 
ATOM   1474 C CA  . PRO B 1 82  ? -8.252  12.065  13.172  1.00 21.37 ? 89  PRO B CA  1 
ATOM   1475 C C   . PRO B 1 82  ? -7.772  13.522  13.214  1.00 21.28 ? 89  PRO B C   1 
ATOM   1476 O O   . PRO B 1 82  ? -6.593  13.814  13.504  1.00 18.97 ? 89  PRO B O   1 
ATOM   1477 C CB  . PRO B 1 82  ? -8.438  11.489  14.587  1.00 23.91 ? 89  PRO B CB  1 
ATOM   1478 C CG  . PRO B 1 82  ? -8.354  9.959   14.294  1.00 23.80 ? 89  PRO B CG  1 
ATOM   1479 C CD  . PRO B 1 82  ? -7.113  9.944   13.436  1.00 22.33 ? 89  PRO B CD  1 
ATOM   1480 N N   . ARG B 1 83  ? -8.726  14.397  12.923  1.00 22.50 ? 90  ARG B N   1 
ATOM   1481 C CA  . ARG B 1 83  ? -8.544  15.842  12.943  1.00 23.94 ? 90  ARG B CA  1 
ATOM   1482 C C   . ARG B 1 83  ? -7.945  16.264  14.266  1.00 25.16 ? 90  ARG B C   1 
ATOM   1483 O O   . ARG B 1 83  ? -7.218  17.238  14.337  1.00 24.32 ? 90  ARG B O   1 
ATOM   1484 C CB  . ARG B 1 83  ? -9.878  16.547  12.689  1.00 24.84 ? 90  ARG B CB  1 
ATOM   1485 C CG  . ARG B 1 83  ? -9.783  18.091  12.567  1.00 25.23 ? 90  ARG B CG  1 
ATOM   1486 C CD  . ARG B 1 83  ? -11.025 18.745  11.854  1.00 24.04 ? 90  ARG B CD  1 
ATOM   1487 N NE  . ARG B 1 83  ? -11.102 18.414  10.426  1.00 26.57 ? 90  ARG B NE  1 
ATOM   1488 C CZ  . ARG B 1 83  ? -10.312 18.939  9.483   1.00 25.34 ? 90  ARG B CZ  1 
ATOM   1489 N NH1 . ARG B 1 83  ? -9.403  19.872  9.758   1.00 28.12 ? 90  ARG B NH1 1 
ATOM   1490 N NH2 . ARG B 1 83  ? -10.454 18.563  8.237   1.00 18.43 ? 90  ARG B NH2 1 
ATOM   1491 N N   . ASP B 1 84  ? -8.234  15.517  15.320  1.00 26.28 ? 91  ASP B N   1 
ATOM   1492 C CA  . ASP B 1 84  ? -7.746  15.901  16.641  1.00 28.69 ? 91  ASP B CA  1 
ATOM   1493 C C   . ASP B 1 84  ? -6.535  15.095  17.041  1.00 27.81 ? 91  ASP B C   1 
ATOM   1494 O O   . ASP B 1 84  ? -6.100  15.230  18.175  1.00 28.64 ? 91  ASP B O   1 
ATOM   1495 C CB  . ASP B 1 84  ? -8.829  15.752  17.728  1.00 30.70 ? 91  ASP B CB  1 
ATOM   1496 C CG  . ASP B 1 84  ? -9.998  16.744  17.554  1.00 37.10 ? 91  ASP B CG  1 
ATOM   1497 O OD1 . ASP B 1 84  ? -9.737  17.981  17.487  1.00 43.74 ? 91  ASP B OD1 1 
ATOM   1498 O OD2 . ASP B 1 84  ? -11.191 16.304  17.491  1.00 41.07 ? 91  ASP B OD2 1 
ATOM   1499 N N   . ASP B 1 85  ? -5.989  14.257  16.144  1.00 26.24 ? 92  ASP B N   1 
ATOM   1500 C CA  . ASP B 1 85  ? -4.694  13.616  16.375  1.00 25.96 ? 92  ASP B CA  1 
ATOM   1501 C C   . ASP B 1 85  ? -3.648  14.709  16.560  1.00 26.10 ? 92  ASP B C   1 
ATOM   1502 O O   . ASP B 1 85  ? -3.622  15.699  15.820  1.00 24.87 ? 92  ASP B O   1 
ATOM   1503 C CB  . ASP B 1 85  ? -4.296  12.695  15.182  1.00 26.45 ? 92  ASP B CB  1 
ATOM   1504 C CG  . ASP B 1 85  ? -3.041  11.846  15.445  1.00 27.77 ? 92  ASP B CG  1 
ATOM   1505 O OD1 . ASP B 1 85  ? -1.957  12.395  15.648  1.00 31.61 ? 92  ASP B OD1 1 
ATOM   1506 O OD2 . ASP B 1 85  ? -3.099  10.591  15.416  1.00 33.22 ? 92  ASP B OD2 1 
ATOM   1507 N N   . PRO B 1 86  ? -2.745  14.528  17.529  1.00 26.79 ? 93  PRO B N   1 
ATOM   1508 C CA  . PRO B 1 86  ? -1.793  15.598  17.748  1.00 25.67 ? 93  PRO B CA  1 
ATOM   1509 C C   . PRO B 1 86  ? -0.802  15.680  16.617  1.00 24.43 ? 93  PRO B C   1 
ATOM   1510 O O   . PRO B 1 86  ? -0.061  16.643  16.504  1.00 24.55 ? 93  PRO B O   1 
ATOM   1511 C CB  . PRO B 1 86  ? -1.077  15.164  19.030  1.00 27.99 ? 93  PRO B CB  1 
ATOM   1512 C CG  . PRO B 1 86  ? -1.150  13.650  19.020  1.00 28.48 ? 93  PRO B CG  1 
ATOM   1513 C CD  . PRO B 1 86  ? -2.536  13.387  18.444  1.00 27.91 ? 93  PRO B CD  1 
ATOM   1514 N N   . GLN B 1 87  ? -0.765  14.693  15.743  1.00 22.27 ? 94  GLN B N   1 
ATOM   1515 C CA  . GLN B 1 87  ? 0.168   14.825  14.628  1.00 21.03 ? 94  GLN B CA  1 
ATOM   1516 C C   . GLN B 1 87  ? -0.575  15.209  13.358  1.00 19.46 ? 94  GLN B C   1 
ATOM   1517 O O   . GLN B 1 87  ? 0.012   15.284  12.306  1.00 17.64 ? 94  GLN B O   1 
ATOM   1518 C CB  . GLN B 1 87  ? 0.955   13.539  14.414  1.00 22.27 ? 94  GLN B CB  1 
ATOM   1519 C CG  . GLN B 1 87  ? 1.888   13.156  15.613  1.00 26.95 ? 94  GLN B CG  1 
ATOM   1520 C CD  . GLN B 1 87  ? 2.948   14.187  15.848  1.00 35.08 ? 94  GLN B CD  1 
ATOM   1521 O OE1 . GLN B 1 87  ? 3.573   14.686  14.904  1.00 36.14 ? 94  GLN B OE1 1 
ATOM   1522 N NE2 . GLN B 1 87  ? 3.150   14.548  17.125  1.00 41.66 ? 94  GLN B NE2 1 
ATOM   1523 N N   . PHE B 1 88  ? -1.866  15.479  13.461  1.00 16.75 ? 95  PHE B N   1 
ATOM   1524 C CA  . PHE B 1 88  ? -2.625  15.818  12.282  1.00 16.37 ? 95  PHE B CA  1 
ATOM   1525 C C   . PHE B 1 88  ? -2.004  16.981  11.484  1.00 15.93 ? 95  PHE B C   1 
ATOM   1526 O O   . PHE B 1 88  ? -1.827  16.876  10.263  1.00 12.23 ? 95  PHE B O   1 
ATOM   1527 C CB  . PHE B 1 88  ? -4.053  16.178  12.689  1.00 16.91 ? 95  PHE B CB  1 
ATOM   1528 C CG  . PHE B 1 88  ? -4.917  16.683  11.539  1.00 16.22 ? 95  PHE B CG  1 
ATOM   1529 C CD1 . PHE B 1 88  ? -5.611  15.785  10.701  1.00 17.56 ? 95  PHE B CD1 1 
ATOM   1530 C CD2 . PHE B 1 88  ? -5.125  18.040  11.378  1.00 16.97 ? 95  PHE B CD2 1 
ATOM   1531 C CE1 . PHE B 1 88  ? -6.458  16.233  9.679   1.00 15.59 ? 95  PHE B CE1 1 
ATOM   1532 C CE2 . PHE B 1 88  ? -5.940  18.497  10.384  1.00 17.15 ? 95  PHE B CE2 1 
ATOM   1533 C CZ  . PHE B 1 88  ? -6.614  17.592  9.500   1.00 15.50 ? 95  PHE B CZ  1 
ATOM   1534 N N   . ASP B 1 89  ? -1.706  18.094  12.162  1.00 15.42 ? 96  ASP B N   1 
ATOM   1535 C CA  . ASP B 1 89  ? -1.284  19.307  11.432  1.00 16.84 ? 96  ASP B CA  1 
ATOM   1536 C C   . ASP B 1 89  ? -0.003  19.048  10.677  1.00 17.10 ? 96  ASP B C   1 
ATOM   1537 O O   . ASP B 1 89  ? 0.168   19.511  9.589   1.00 18.69 ? 96  ASP B O   1 
ATOM   1538 C CB  . ASP B 1 89  ? -1.115  20.552  12.358  1.00 16.74 ? 96  ASP B CB  1 
ATOM   1539 C CG  . ASP B 1 89  ? -2.405  20.958  13.023  1.00 19.55 ? 96  ASP B CG  1 
ATOM   1540 O OD1 . ASP B 1 89  ? -3.479  20.924  12.323  1.00 21.89 ? 96  ASP B OD1 1 
ATOM   1541 O OD2 . ASP B 1 89  ? -2.389  21.295  14.246  1.00 23.81 ? 96  ASP B OD2 1 
ATOM   1542 N N   . ASN B 1 90  ? 0.894   18.277  11.253  1.00 18.19 ? 97  ASN B N   1 
ATOM   1543 C CA  . ASN B 1 90  ? 2.194   18.001  10.618  1.00 17.96 ? 97  ASN B CA  1 
ATOM   1544 C C   . ASN B 1 90  ? 2.055   17.147  9.320   1.00 17.02 ? 97  ASN B C   1 
ATOM   1545 O O   . ASN B 1 90  ? 2.687   17.430  8.309   1.00 15.27 ? 97  ASN B O   1 
ATOM   1546 C CB  . ASN B 1 90  ? 3.084   17.292  11.654  1.00 19.35 ? 97  ASN B CB  1 
ATOM   1547 C CG  . ASN B 1 90  ? 4.538   17.086  11.138  1.00 26.44 ? 97  ASN B CG  1 
ATOM   1548 O OD1 . ASN B 1 90  ? 5.101   15.968  11.266  1.00 31.00 ? 97  ASN B OD1 1 
ATOM   1549 N ND2 . ASN B 1 90  ? 5.117   18.141  10.497  1.00 27.72 ? 97  ASN B ND2 1 
ATOM   1550 N N   . TYR B 1 91  ? 1.214   16.102  9.381   1.00 16.26 ? 98  TYR B N   1 
ATOM   1551 C CA  . TYR B 1 91  ? 1.024   15.190  8.293   1.00 16.66 ? 98  TYR B CA  1 
ATOM   1552 C C   . TYR B 1 91  ? 0.388   15.904  7.145   1.00 16.53 ? 98  TYR B C   1 
ATOM   1553 O O   . TYR B 1 91  ? 0.702   15.638  5.982   1.00 15.82 ? 98  TYR B O   1 
ATOM   1554 C CB  . TYR B 1 91  ? 0.101   14.059  8.717   1.00 16.55 ? 98  TYR B CB  1 
ATOM   1555 C CG  . TYR B 1 91  ? 0.777   13.080  9.611   1.00 20.76 ? 98  TYR B CG  1 
ATOM   1556 C CD1 . TYR B 1 91  ? 0.125   12.579  10.733  1.00 18.47 ? 98  TYR B CD1 1 
ATOM   1557 C CD2 . TYR B 1 91  ? 2.072   12.622  9.335   1.00 20.63 ? 98  TYR B CD2 1 
ATOM   1558 C CE1 . TYR B 1 91  ? 0.775   11.646  11.597  1.00 23.32 ? 98  TYR B CE1 1 
ATOM   1559 C CE2 . TYR B 1 91  ? 2.723   11.655  10.209  1.00 27.54 ? 98  TYR B CE2 1 
ATOM   1560 C CZ  . TYR B 1 91  ? 2.039   11.201  11.331  1.00 23.35 ? 98  TYR B CZ  1 
ATOM   1561 O OH  . TYR B 1 91  ? 2.612   10.299  12.183  1.00 25.87 ? 98  TYR B OH  1 
ATOM   1562 N N   . VAL B 1 92  ? -0.579  16.753  7.485   1.00 16.23 ? 99  VAL B N   1 
ATOM   1563 C CA  . VAL B 1 92  ? -1.364  17.487  6.467   1.00 14.80 ? 99  VAL B CA  1 
ATOM   1564 C C   . VAL B 1 92  ? -0.420  18.455  5.745   1.00 15.59 ? 99  VAL B C   1 
ATOM   1565 O O   . VAL B 1 92  ? -0.354  18.505  4.478   1.00 14.25 ? 99  VAL B O   1 
ATOM   1566 C CB  . VAL B 1 92  ? -2.602  18.196  7.141   1.00 15.52 ? 99  VAL B CB  1 
ATOM   1567 C CG1 . VAL B 1 92  ? -3.242  19.172  6.150   1.00 14.49 ? 99  VAL B CG1 1 
ATOM   1568 C CG2 . VAL B 1 92  ? -3.619  17.156  7.563   1.00 13.70 ? 99  VAL B CG2 1 
ATOM   1569 N N   . LYS B 1 93  ? 0.392   19.159  6.551   1.00 15.74 ? 100 LYS B N   1 
ATOM   1570 C CA  . LYS B 1 93  ? 1.457   20.010  6.012   1.00 15.15 ? 100 LYS B CA  1 
ATOM   1571 C C   . LYS B 1 93  ? 2.425   19.282  5.097   1.00 13.91 ? 100 LYS B C   1 
ATOM   1572 O O   . LYS B 1 93  ? 2.745   19.797  4.044   1.00 12.07 ? 100 LYS B O   1 
ATOM   1573 C CB  . LYS B 1 93  ? 2.234   20.758  7.128   1.00 16.70 ? 100 LYS B CB  1 
ATOM   1574 C CG  . LYS B 1 93  ? 3.538   21.498  6.576   1.00 18.27 ? 100 LYS B CG  1 
ATOM   1575 C CD  . LYS B 1 93  ? 4.199   22.550  7.542   1.00 19.06 ? 100 LYS B CD  1 
ATOM   1576 C CE  . LYS B 1 93  ? 5.121   21.865  8.558   1.00 27.55 ? 100 LYS B CE  1 
ATOM   1577 N NZ  . LYS B 1 93  ? 5.602   22.864  9.642   1.00 28.84 ? 100 LYS B NZ  1 
ATOM   1578 N N   . ILE B 1 94  ? 2.913   18.103  5.485   1.00 13.49 ? 101 ILE B N   1 
ATOM   1579 C CA  . ILE B 1 94  ? 3.771   17.340  4.573   1.00 13.60 ? 101 ILE B CA  1 
ATOM   1580 C C   . ILE B 1 94  ? 3.039   16.967  3.325   1.00 13.53 ? 101 ILE B C   1 
ATOM   1581 O O   . ILE B 1 94  ? 3.580   17.090  2.257   1.00 15.26 ? 101 ILE B O   1 
ATOM   1582 C CB  . ILE B 1 94  ? 4.366   16.085  5.263   1.00 13.89 ? 101 ILE B CB  1 
ATOM   1583 C CG1 . ILE B 1 94  ? 5.165   16.606  6.503   1.00 12.68 ? 101 ILE B CG1 1 
ATOM   1584 C CG2 . ILE B 1 94  ? 5.324   15.354  4.251   1.00 13.69 ? 101 ILE B CG2 1 
ATOM   1585 C CD1 . ILE B 1 94  ? 5.677   15.477  7.410   1.00 10.99 ? 101 ILE B CD1 1 
ATOM   1586 N N   . CYS B 1 95  ? 1.761   16.608  3.427   1.00 13.87 ? 102 CYS B N   1 
ATOM   1587 C CA  . CYS B 1 95  ? 1.049   16.254  2.183   1.00 14.66 ? 102 CYS B CA  1 
ATOM   1588 C C   . CYS B 1 95  ? 0.873   17.425  1.276   1.00 15.54 ? 102 CYS B C   1 
ATOM   1589 O O   . CYS B 1 95  ? 1.000   17.291  0.020   1.00 16.92 ? 102 CYS B O   1 
ATOM   1590 C CB  . CYS B 1 95  ? -0.328  15.650  2.511   1.00 12.59 ? 102 CYS B CB  1 
ATOM   1591 S SG  . CYS B 1 95  ? -0.152  13.947  3.210   1.00 17.54 ? 102 CYS B SG  1 
ATOM   1592 N N   . ASP B 1 96  ? 0.564   18.572  1.876   1.00 16.04 ? 103 ASP B N   1 
ATOM   1593 C CA  . ASP B 1 96  ? 0.426   19.848  1.099   1.00 18.42 ? 103 ASP B CA  1 
ATOM   1594 C C   . ASP B 1 96  ? 1.730   20.158  0.317   1.00 17.18 ? 103 ASP B C   1 
ATOM   1595 O O   . ASP B 1 96  ? 1.691   20.547  -0.867  1.00 17.78 ? 103 ASP B O   1 
ATOM   1596 C CB  . ASP B 1 96  ? 0.134   20.992  2.053   1.00 18.27 ? 103 ASP B CB  1 
ATOM   1597 C CG  . ASP B 1 96  ? -1.316  20.961  2.597   1.00 22.03 ? 103 ASP B CG  1 
ATOM   1598 O OD1 . ASP B 1 96  ? -2.149  20.143  2.157   1.00 22.65 ? 103 ASP B OD1 1 
ATOM   1599 O OD2 . ASP B 1 96  ? -1.626  21.781  3.494   1.00 28.63 ? 103 ASP B OD2 1 
ATOM   1600 N N   . GLN B 1 97  ? 2.857   19.896  0.941   1.00 16.07 ? 104 GLN B N   1 
ATOM   1601 C CA  . GLN B 1 97  ? 4.179   20.118  0.301   1.00 17.16 ? 104 GLN B CA  1 
ATOM   1602 C C   . GLN B 1 97  ? 4.496   19.103  -0.745  1.00 16.27 ? 104 GLN B C   1 
ATOM   1603 O O   . GLN B 1 97  ? 4.891   19.488  -1.841  1.00 16.94 ? 104 GLN B O   1 
ATOM   1604 C CB  . GLN B 1 97  ? 5.341   20.124  1.302   1.00 16.97 ? 104 GLN B CB  1 
ATOM   1605 C CG  . GLN B 1 97  ? 5.179   21.259  2.376   1.00 19.45 ? 104 GLN B CG  1 
ATOM   1606 C CD  . GLN B 1 97  ? 6.188   21.117  3.552   1.00 19.33 ? 104 GLN B CD  1 
ATOM   1607 O OE1 . GLN B 1 97  ? 6.658   20.025  3.870   1.00 17.77 ? 104 GLN B OE1 1 
ATOM   1608 N NE2 . GLN B 1 97  ? 6.469   22.245  4.223   1.00 21.46 ? 104 GLN B NE2 1 
ATOM   1609 N N   . CYS B 1 98  ? 4.341   17.813  -0.405  1.00 15.15 ? 105 CYS B N   1 
ATOM   1610 C CA  . CYS B 1 98  ? 4.891   16.737  -1.232  1.00 15.50 ? 105 CYS B CA  1 
ATOM   1611 C C   . CYS B 1 98  ? 3.934   16.064  -2.247  1.00 15.29 ? 105 CYS B C   1 
ATOM   1612 O O   . CYS B 1 98  ? 4.387   15.581  -3.302  1.00 16.92 ? 105 CYS B O   1 
ATOM   1613 C CB  . CYS B 1 98  ? 5.432   15.683  -0.298  1.00 13.86 ? 105 CYS B CB  1 
ATOM   1614 S SG  . CYS B 1 98  ? 6.908   16.293  0.530   1.00 20.11 ? 105 CYS B SG  1 
ATOM   1615 N N   . VAL B 1 99  ? 2.643   16.004  -1.968  1.00 14.59 ? 106 VAL B N   1 
ATOM   1616 C CA  . VAL B 1 99  ? 1.735   15.357  -2.950  1.00 13.86 ? 106 VAL B CA  1 
ATOM   1617 C C   . VAL B 1 99  ? 1.684   16.244  -4.213  1.00 14.29 ? 106 VAL B C   1 
ATOM   1618 O O   . VAL B 1 99  ? 1.284   17.438  -4.119  1.00 12.18 ? 106 VAL B O   1 
ATOM   1619 C CB  . VAL B 1 99  ? 0.306   15.145  -2.393  1.00 15.12 ? 106 VAL B CB  1 
ATOM   1620 C CG1 . VAL B 1 99  ? -0.624  14.503  -3.474  1.00 15.80 ? 106 VAL B CG1 1 
ATOM   1621 C CG2 . VAL B 1 99  ? 0.359   14.207  -1.191  1.00 12.28 ? 106 VAL B CG2 1 
ATOM   1622 N N   . ASP B 1 100 ? 2.110   15.683  -5.354  1.00 12.42 ? 107 ASP B N   1 
ATOM   1623 C CA  . ASP B 1 100 ? 2.144   16.410  -6.649  1.00 14.34 ? 107 ASP B CA  1 
ATOM   1624 C C   . ASP B 1 100 ? 3.057   17.624  -6.481  1.00 14.05 ? 107 ASP B C   1 
ATOM   1625 O O   . ASP B 1 100 ? 2.827   18.675  -7.119  1.00 14.24 ? 107 ASP B O   1 
ATOM   1626 C CB  . ASP B 1 100 ? 0.687   16.893  -7.058  1.00 12.89 ? 107 ASP B CB  1 
ATOM   1627 C CG  . ASP B 1 100 ? -0.319  15.744  -7.237  1.00 19.08 ? 107 ASP B CG  1 
ATOM   1628 O OD1 . ASP B 1 100 ? 0.095   14.594  -7.586  1.00 19.08 ? 107 ASP B OD1 1 
ATOM   1629 O OD2 . ASP B 1 100 ? -1.559  16.009  -7.028  1.00 23.15 ? 107 ASP B OD2 1 
ATOM   1630 N N   . GLY B 1 101 ? 4.068   17.485  -5.632  1.00 13.79 ? 108 GLY B N   1 
ATOM   1631 C CA  . GLY B 1 101 ? 4.927   18.579  -5.260  1.00 15.19 ? 108 GLY B CA  1 
ATOM   1632 C C   . GLY B 1 101 ? 6.135   18.751  -6.149  1.00 16.96 ? 108 GLY B C   1 
ATOM   1633 O O   . GLY B 1 101 ? 6.921   19.715  -5.976  1.00 15.96 ? 108 GLY B O   1 
ATOM   1634 N N   . VAL B 1 102 ? 6.277   17.886  -7.150  1.00 16.23 ? 109 VAL B N   1 
ATOM   1635 C CA  . VAL B 1 102 ? 7.498   17.933  -7.984  1.00 17.53 ? 109 VAL B CA  1 
ATOM   1636 C C   . VAL B 1 102 ? 7.664   19.376  -8.587  1.00 17.82 ? 109 VAL B C   1 
ATOM   1637 O O   . VAL B 1 102 ? 6.668   20.012  -9.016  1.00 17.80 ? 109 VAL B O   1 
ATOM   1638 C CB  . VAL B 1 102 ? 7.438   16.879  -9.126  1.00 15.98 ? 109 VAL B CB  1 
ATOM   1639 C CG1 . VAL B 1 102 ? 6.192   17.173  -10.064 1.00 17.26 ? 109 VAL B CG1 1 
ATOM   1640 C CG2 . VAL B 1 102 ? 8.734   16.925  -9.943  1.00 19.71 ? 109 VAL B CG2 1 
ATOM   1641 N N   . GLY B 1 103 ? 8.873   19.909  -8.606  1.00 17.18 ? 110 GLY B N   1 
ATOM   1642 C CA  . GLY B 1 103 ? 8.975   21.291  -9.137  1.00 19.06 ? 110 GLY B CA  1 
ATOM   1643 C C   . GLY B 1 103 ? 8.970   22.371  -8.066  1.00 19.87 ? 110 GLY B C   1 
ATOM   1644 O O   . GLY B 1 103 ? 9.207   23.532  -8.381  1.00 20.21 ? 110 GLY B O   1 
ATOM   1645 N N   . THR B 1 104 ? 8.735   21.994  -6.795  1.00 19.60 ? 111 THR B N   1 
ATOM   1646 C CA  . THR B 1 104 ? 8.766   22.926  -5.674  1.00 19.84 ? 111 THR B CA  1 
ATOM   1647 C C   . THR B 1 104 ? 9.676   22.425  -4.581  1.00 19.54 ? 111 THR B C   1 
ATOM   1648 O O   . THR B 1 104 ? 9.951   21.258  -4.517  1.00 19.31 ? 111 THR B O   1 
ATOM   1649 C CB  . THR B 1 104 ? 7.334   23.127  -5.031  1.00 20.49 ? 111 THR B CB  1 
ATOM   1650 O OG1 . THR B 1 104 ? 6.946   21.936  -4.314  1.00 20.34 ? 111 THR B OG1 1 
ATOM   1651 C CG2 . THR B 1 104 ? 6.288   23.480  -6.101  1.00 22.83 ? 111 THR B CG2 1 
ATOM   1652 N N   . ARG B 1 105 ? 10.141  23.315  -3.733  1.00 18.54 ? 112 ARG B N   1 
ATOM   1653 C CA  . ARG B 1 105 ? 10.834  22.982  -2.497  1.00 21.20 ? 112 ARG B CA  1 
ATOM   1654 C C   . ARG B 1 105 ? 10.206  23.818  -1.383  1.00 20.41 ? 112 ARG B C   1 
ATOM   1655 O O   . ARG B 1 105 ? 9.630   24.871  -1.650  1.00 21.23 ? 112 ARG B O   1 
ATOM   1656 C CB  . ARG B 1 105 ? 12.296  23.405  -2.547  1.00 20.98 ? 112 ARG B CB  1 
ATOM   1657 C CG  . ARG B 1 105 ? 12.945  22.971  -3.769  1.00 27.96 ? 112 ARG B CG  1 
ATOM   1658 C CD  . ARG B 1 105 ? 14.369  23.575  -3.854  1.00 32.73 ? 112 ARG B CD  1 
ATOM   1659 N NE  . ARG B 1 105 ? 14.981  22.949  -4.996  1.00 36.90 ? 112 ARG B NE  1 
ATOM   1660 C CZ  . ARG B 1 105 ? 15.643  21.812  -4.904  1.00 36.12 ? 112 ARG B CZ  1 
ATOM   1661 N NH1 . ARG B 1 105 ? 15.811  21.234  -3.717  1.00 34.23 ? 112 ARG B NH1 1 
ATOM   1662 N NH2 . ARG B 1 105 ? 16.159  21.286  -6.002  1.00 41.84 ? 112 ARG B NH2 1 
ATOM   1663 N N   . PRO B 1 106 ? 10.300  23.344  -0.155  1.00 20.70 ? 113 PRO B N   1 
ATOM   1664 C CA  . PRO B 1 106 ? 9.604   24.079  0.900   1.00 22.05 ? 113 PRO B CA  1 
ATOM   1665 C C   . PRO B 1 106 ? 10.409  25.259  1.346   1.00 22.56 ? 113 PRO B C   1 
ATOM   1666 O O   . PRO B 1 106 ? 11.647  25.321  1.118   1.00 21.73 ? 113 PRO B O   1 
ATOM   1667 C CB  . PRO B 1 106 ? 9.442   23.038  2.055   1.00 23.60 ? 113 PRO B CB  1 
ATOM   1668 C CG  . PRO B 1 106 ? 10.120  21.767  1.561   1.00 22.74 ? 113 PRO B CG  1 
ATOM   1669 C CD  . PRO B 1 106 ? 10.951  22.113  0.339   1.00 20.92 ? 113 PRO B CD  1 
ATOM   1670 N N   . LYS B 1 107 ? 9.707   26.185  1.988   1.00 22.48 ? 114 LYS B N   1 
ATOM   1671 C CA  . LYS B 1 107 ? 10.301  27.421  2.454   1.00 23.73 ? 114 LYS B CA  1 
ATOM   1672 C C   . LYS B 1 107 ? 11.272  27.039  3.533   1.00 24.73 ? 114 LYS B C   1 
ATOM   1673 O O   . LYS B 1 107 ? 11.101  26.020  4.217   1.00 25.19 ? 114 LYS B O   1 
ATOM   1674 C CB  . LYS B 1 107 ? 9.214   28.346  3.045   1.00 21.46 ? 114 LYS B CB  1 
ATOM   1675 C CG  . LYS B 1 107 ? 8.488   27.775  4.233   1.00 19.43 ? 114 LYS B CG  1 
ATOM   1676 C CD  . LYS B 1 107 ? 7.355   28.738  4.582   1.00 19.65 ? 114 LYS B CD  1 
ATOM   1677 C CE  . LYS B 1 107 ? 6.594   28.299  5.807   1.00 17.92 ? 114 LYS B CE  1 
ATOM   1678 N NZ  . LYS B 1 107 ? 5.280   29.030  5.656   1.00 20.00 ? 114 LYS B NZ  1 
ATOM   1679 N N   . ASP B 1 108 ? 12.318  27.818  3.690   1.00 28.52 ? 115 ASP B N   1 
ATOM   1680 C CA  . ASP B 1 108 ? 13.148  27.616  4.912   1.00 31.62 ? 115 ASP B CA  1 
ATOM   1681 C C   . ASP B 1 108 ? 13.532  28.931  5.604   1.00 32.04 ? 115 ASP B C   1 
ATOM   1682 O O   . ASP B 1 108 ? 13.130  30.023  5.114   1.00 32.70 ? 115 ASP B O   1 
ATOM   1683 C CB  . ASP B 1 108 ? 14.371  26.737  4.603   1.00 32.14 ? 115 ASP B CB  1 
ATOM   1684 C CG  . ASP B 1 108 ? 15.285  27.342  3.541   1.00 35.55 ? 115 ASP B CG  1 
ATOM   1685 O OD1 . ASP B 1 108 ? 15.813  26.560  2.690   1.00 41.30 ? 115 ASP B OD1 1 
ATOM   1686 O OD2 . ASP B 1 108 ? 15.501  28.579  3.542   1.00 35.82 ? 115 ASP B OD2 1 
HETATM 1687 O O   . HOH C 2 .   ? -1.400  2.313   -8.778  1.00 16.82 ? 116 HOH A O   1 
HETATM 1688 O O   . HOH C 2 .   ? -3.568  -19.561 -13.004 1.00 15.66 ? 117 HOH A O   1 
HETATM 1689 O O   . HOH C 2 .   ? 4.400   8.378   -4.564  1.00 14.19 ? 118 HOH A O   1 
HETATM 1690 O O   . HOH C 2 .   ? -4.373  3.651   10.633  1.00 21.46 ? 119 HOH A O   1 
HETATM 1691 O O   . HOH C 2 .   ? -4.607  7.510   -4.655  1.00 16.68 ? 120 HOH A O   1 
HETATM 1692 O O   . HOH C 2 .   ? 5.613   -3.863  -10.134 1.00 16.12 ? 121 HOH A O   1 
HETATM 1693 O O   . HOH C 2 .   ? -3.320  -15.807 12.055  1.00 18.29 ? 122 HOH A O   1 
HETATM 1694 O O   . HOH C 2 .   ? -13.968 -11.299 0.384   1.00 17.89 ? 123 HOH A O   1 
HETATM 1695 O O   . HOH C 2 .   ? -17.494 -22.718 -1.963  1.00 18.55 ? 124 HOH A O   1 
HETATM 1696 O O   . HOH C 2 .   ? 10.780  0.007   3.305   1.00 17.94 ? 125 HOH A O   1 
HETATM 1697 O O   . HOH C 2 .   ? -8.011  0.870   3.459   1.00 19.20 ? 126 HOH A O   1 
HETATM 1698 O O   . HOH C 2 .   ? -11.229 -23.660 -5.722  1.00 16.47 ? 127 HOH A O   1 
HETATM 1699 O O   . HOH C 2 .   ? 4.519   -1.419  -10.130 1.00 24.84 ? 128 HOH A O   1 
HETATM 1700 O O   . HOH C 2 .   ? -12.016 -19.848 -2.514  1.00 23.27 ? 129 HOH A O   1 
HETATM 1701 O O   . HOH C 2 .   ? 0.039   -16.094 18.462  1.00 28.09 ? 130 HOH A O   1 
HETATM 1702 O O   . HOH C 2 .   ? 6.652   -7.961  -9.660  1.00 21.09 ? 131 HOH A O   1 
HETATM 1703 O O   . HOH C 2 .   ? -14.401 0.393   1.693   1.00 29.64 ? 132 HOH A O   1 
HETATM 1704 O O   . HOH C 2 .   ? -17.448 -14.527 -2.822  1.00 24.76 ? 133 HOH A O   1 
HETATM 1705 O O   . HOH C 2 .   ? -2.675  -18.498 -15.183 1.00 30.71 ? 134 HOH A O   1 
HETATM 1706 O O   . HOH C 2 .   ? 2.976   -20.495 -11.151 1.00 26.26 ? 135 HOH A O   1 
HETATM 1707 O O   . HOH C 2 .   ? -3.805  11.846  -6.562  1.00 27.37 ? 136 HOH A O   1 
HETATM 1708 O O   . HOH C 2 .   ? -16.391 11.807  5.816   1.00 31.20 ? 137 HOH A O   1 
HETATM 1709 O O   . HOH C 2 .   ? -15.460 -12.364 7.159   1.00 26.22 ? 138 HOH A O   1 
HETATM 1710 O O   . HOH C 2 .   ? -11.747 6.439   3.868   1.00 30.22 ? 139 HOH A O   1 
HETATM 1711 O O   . HOH C 2 .   ? 5.524   -0.837  8.273   1.00 42.31 ? 140 HOH A O   1 
HETATM 1712 O O   . HOH C 2 .   ? 5.401   -3.711  3.600   1.00 28.05 ? 141 HOH A O   1 
HETATM 1713 O O   . HOH C 2 .   ? -16.122 13.290  8.319   1.00 35.24 ? 142 HOH A O   1 
HETATM 1714 O O   . HOH C 2 .   ? -11.226 -6.053  13.043  1.00 37.03 ? 143 HOH A O   1 
HETATM 1715 O O   . HOH C 2 .   ? 4.289   -17.860 -16.242 1.00 27.41 ? 144 HOH A O   1 
HETATM 1716 O O   . HOH C 2 .   ? -13.201 -6.009  -6.668  1.00 42.96 ? 145 HOH A O   1 
HETATM 1717 O O   . HOH C 2 .   ? -14.061 -14.785 4.206   1.00 30.93 ? 146 HOH A O   1 
HETATM 1718 O O   . HOH C 2 .   ? -20.642 -14.550 -0.252  1.00 39.13 ? 147 HOH A O   1 
HETATM 1719 O O   . HOH C 2 .   ? -10.051 3.840   5.386   1.00 27.96 ? 148 HOH A O   1 
HETATM 1720 O O   . HOH C 2 .   ? 2.605   -22.622 -13.920 1.00 30.06 ? 149 HOH A O   1 
HETATM 1721 O O   . HOH C 2 .   ? 3.281   -19.127 -14.337 1.00 20.03 ? 150 HOH A O   1 
HETATM 1722 O O   . HOH C 2 .   ? 2.740   -21.079 15.289  1.00 26.19 ? 151 HOH A O   1 
HETATM 1723 O O   . HOH C 2 .   ? -13.818 -26.800 -0.347  1.00 25.85 ? 152 HOH A O   1 
HETATM 1724 O O   . HOH C 2 .   ? -20.169 -13.387 -4.288  1.00 55.26 ? 153 HOH A O   1 
HETATM 1725 O O   . HOH C 2 .   ? 6.752   -10.632 1.629   1.00 33.38 ? 154 HOH A O   1 
HETATM 1726 O O   . HOH C 2 .   ? -7.488  8.750   -7.664  1.00 49.60 ? 155 HOH A O   1 
HETATM 1727 O O   . HOH C 2 .   ? 3.631   -2.874  11.798  1.00 27.04 ? 156 HOH A O   1 
HETATM 1728 O O   . HOH C 2 .   ? -14.867 -8.231  13.197  1.00 46.52 ? 157 HOH A O   1 
HETATM 1729 O O   . HOH C 2 .   ? -9.624  -1.830  6.083   1.00 23.51 ? 158 HOH A O   1 
HETATM 1730 O O   . HOH C 2 .   ? -21.481 -0.308  -2.026  1.00 34.99 ? 159 HOH A O   1 
HETATM 1731 O O   . HOH C 2 .   ? 6.210   -11.895 -19.799 1.00 31.97 ? 160 HOH A O   1 
HETATM 1732 O O   . HOH D 2 .   ? -8.199  -6.847  1.655   1.00 9.65  ? 116 HOH B O   1 
HETATM 1733 O O   . HOH D 2 .   ? -8.046  -1.781  -5.825  1.00 17.44 ? 117 HOH B O   1 
HETATM 1734 O O   . HOH D 2 .   ? -8.824  2.628   0.254   1.00 16.65 ? 118 HOH B O   1 
HETATM 1735 O O   . HOH D 2 .   ? 2.304   1.490   -8.216  1.00 20.59 ? 119 HOH B O   1 
HETATM 1736 O O   . HOH D 2 .   ? 5.277   15.178  -7.180  1.00 19.90 ? 120 HOH B O   1 
HETATM 1737 O O   . HOH D 2 .   ? 18.346  8.283   0.477   1.00 25.21 ? 121 HOH B O   1 
HETATM 1738 O O   . HOH D 2 .   ? -1.106  21.864  8.720   1.00 18.42 ? 122 HOH B O   1 
HETATM 1739 O O   . HOH D 2 .   ? -6.697  4.033   9.247   1.00 22.64 ? 123 HOH B O   1 
HETATM 1740 O O   . HOH D 2 .   ? -9.043  -9.101  -15.396 1.00 23.95 ? 124 HOH B O   1 
HETATM 1741 O O   . HOH D 2 .   ? 5.683   3.321   -9.132  1.00 17.45 ? 125 HOH B O   1 
HETATM 1742 O O   . HOH D 2 .   ? 3.376   -6.906  8.274   1.00 27.44 ? 126 HOH B O   1 
HETATM 1743 O O   . HOH D 2 .   ? 6.676   -5.415  -8.131  1.00 15.60 ? 127 HOH B O   1 
HETATM 1744 O O   . HOH D 2 .   ? 0.941   18.193  14.368  1.00 24.54 ? 128 HOH B O   1 
HETATM 1745 O O   . HOH D 2 .   ? -1.822  22.419  5.985   1.00 20.27 ? 129 HOH B O   1 
HETATM 1746 O O   . HOH D 2 .   ? 7.244   25.656  -2.621  1.00 23.58 ? 130 HOH B O   1 
HETATM 1747 O O   . HOH D 2 .   ? -4.515  6.337   11.995  1.00 27.57 ? 131 HOH B O   1 
HETATM 1748 O O   . HOH D 2 .   ? 0.357   19.788  -8.440  1.00 32.32 ? 132 HOH B O   1 
HETATM 1749 O O   . HOH D 2 .   ? -3.594  21.693  9.863   1.00 20.96 ? 133 HOH B O   1 
HETATM 1750 O O   . HOH D 2 .   ? 7.462   21.954  -1.424  1.00 17.59 ? 134 HOH B O   1 
HETATM 1751 O O   . HOH D 2 .   ? -8.348  19.539  18.912  1.00 35.72 ? 135 HOH B O   1 
HETATM 1752 O O   . HOH D 2 .   ? 5.232   -4.825  7.521   1.00 21.31 ? 136 HOH B O   1 
HETATM 1753 O O   . HOH D 2 .   ? -3.475  14.262  -6.962  1.00 37.84 ? 137 HOH B O   1 
HETATM 1754 O O   . HOH D 2 .   ? 12.986  18.053  6.340   1.00 32.35 ? 138 HOH B O   1 
HETATM 1755 O O   . HOH D 2 .   ? 11.630  13.522  -9.839  1.00 38.31 ? 139 HOH B O   1 
HETATM 1756 O O   . HOH D 2 .   ? -0.196  21.680  15.807  1.00 26.28 ? 140 HOH B O   1 
HETATM 1757 O O   . HOH D 2 .   ? 5.669   -9.389  4.927   1.00 28.76 ? 141 HOH B O   1 
HETATM 1758 O O   . HOH D 2 .   ? -2.456  18.524  14.747  1.00 26.71 ? 142 HOH B O   1 
HETATM 1759 O O   . HOH D 2 .   ? 7.329   -6.194  2.748   1.00 23.47 ? 143 HOH B O   1 
HETATM 1760 O O   . HOH D 2 .   ? 13.961  23.774  1.038   1.00 27.27 ? 144 HOH B O   1 
HETATM 1761 O O   . HOH D 2 .   ? 12.926  26.944  -1.547  1.00 35.06 ? 145 HOH B O   1 
HETATM 1762 O O   . HOH D 2 .   ? 16.870  -0.230  -4.127  1.00 37.37 ? 146 HOH B O   1 
HETATM 1763 O O   . HOH D 2 .   ? -11.207 19.092  15.704  1.00 44.23 ? 147 HOH B O   1 
HETATM 1764 O O   . HOH D 2 .   ? 3.556   14.122  -14.082 1.00 29.37 ? 148 HOH B O   1 
HETATM 1765 O O   . HOH D 2 .   ? 14.142  -5.840  -4.223  1.00 38.08 ? 149 HOH B O   1 
HETATM 1766 O O   . HOH D 2 .   ? 11.526  20.402  5.206   1.00 31.89 ? 150 HOH B O   1 
HETATM 1767 O O   . HOH D 2 .   ? 0.012   5.782   -12.988 1.00 35.34 ? 151 HOH B O   1 
HETATM 1768 O O   . HOH D 2 .   ? 14.032  4.762   -10.613 1.00 49.34 ? 152 HOH B O   1 
HETATM 1769 O O   . HOH D 2 .   ? -16.010 0.858   -7.404  1.00 33.18 ? 153 HOH B O   1 
HETATM 1770 O O   . HOH D 2 .   ? -7.808  2.306   7.446   1.00 35.83 ? 154 HOH B O   1 
HETATM 1771 O O   . HOH D 2 .   ? 6.736   5.260   15.188  1.00 37.75 ? 155 HOH B O   1 
HETATM 1772 O O   . HOH D 2 .   ? 15.975  -2.319  -2.783  1.00 33.28 ? 156 HOH B O   1 
HETATM 1773 O O   . HOH D 2 .   ? 12.205  16.178  -8.274  1.00 31.14 ? 157 HOH B O   1 
HETATM 1774 O O   . HOH D 2 .   ? 4.981   -1.564  5.403   1.00 33.89 ? 158 HOH B O   1 
HETATM 1775 O O   . HOH D 2 .   ? 26.410  1.159   -6.417  1.00 48.95 ? 159 HOH B O   1 
HETATM 1776 O O   . HOH D 2 .   ? 13.455  8.644   6.954   1.00 24.83 ? 160 HOH B O   1 
HETATM 1777 O O   . HOH D 2 .   ? -0.837  10.578  17.633  1.00 57.12 ? 161 HOH B O   1 
HETATM 1778 O O   . HOH D 2 .   ? 4.893   24.804  3.435   1.00 34.75 ? 162 HOH B O   1 
# 
